data_5C94
# 
_entry.id   5C94 
# 
_audit_conform.dict_name       mmcif_pdbx.dic 
_audit_conform.dict_version    5.387 
_audit_conform.dict_location   http://mmcif.pdb.org/dictionaries/ascii/mmcif_pdbx.dic 
# 
loop_
_database_2.database_id 
_database_2.database_code 
_database_2.pdbx_database_accession 
_database_2.pdbx_DOI 
PDB   5C94         pdb_00005c94 10.2210/pdb5c94/pdb 
WWPDB D_1000211128 ?            ?                   
# 
loop_
_pdbx_audit_revision_history.ordinal 
_pdbx_audit_revision_history.data_content_type 
_pdbx_audit_revision_history.major_revision 
_pdbx_audit_revision_history.minor_revision 
_pdbx_audit_revision_history.revision_date 
1 'Structure model' 1 0 2016-06-29 
2 'Structure model' 1 1 2020-06-24 
3 'Structure model' 1 2 2024-03-20 
# 
_pdbx_audit_revision_details.ordinal             1 
_pdbx_audit_revision_details.revision_ordinal    1 
_pdbx_audit_revision_details.data_content_type   'Structure model' 
_pdbx_audit_revision_details.provider            repository 
_pdbx_audit_revision_details.type                'Initial release' 
_pdbx_audit_revision_details.description         ? 
_pdbx_audit_revision_details.details             ? 
# 
loop_
_pdbx_audit_revision_group.ordinal 
_pdbx_audit_revision_group.revision_ordinal 
_pdbx_audit_revision_group.data_content_type 
_pdbx_audit_revision_group.group 
1 2 'Structure model' 'Database references'  
2 2 'Structure model' 'Derived calculations' 
3 3 'Structure model' 'Data collection'      
4 3 'Structure model' 'Database references'  
# 
loop_
_pdbx_audit_revision_category.ordinal 
_pdbx_audit_revision_category.revision_ordinal 
_pdbx_audit_revision_category.data_content_type 
_pdbx_audit_revision_category.category 
1 2 'Structure model' citation              
2 2 'Structure model' citation_author       
3 2 'Structure model' pdbx_struct_oper_list 
4 3 'Structure model' chem_comp_atom        
5 3 'Structure model' chem_comp_bond        
6 3 'Structure model' database_2            
# 
loop_
_pdbx_audit_revision_item.ordinal 
_pdbx_audit_revision_item.revision_ordinal 
_pdbx_audit_revision_item.data_content_type 
_pdbx_audit_revision_item.item 
1  2 'Structure model' '_citation.country'                         
2  2 'Structure model' '_citation.journal_abbrev'                  
3  2 'Structure model' '_citation.journal_id_ASTM'                 
4  2 'Structure model' '_citation.journal_id_CSD'                  
5  2 'Structure model' '_citation.journal_id_ISSN'                 
6  2 'Structure model' '_citation.journal_volume'                  
7  2 'Structure model' '_citation.page_first'                      
8  2 'Structure model' '_citation.page_last'                       
9  2 'Structure model' '_citation.pdbx_database_id_DOI'            
10 2 'Structure model' '_citation.pdbx_database_id_PubMed'         
11 2 'Structure model' '_citation.title'                           
12 2 'Structure model' '_citation.year'                            
13 2 'Structure model' '_pdbx_struct_oper_list.symmetry_operation' 
14 3 'Structure model' '_database_2.pdbx_DOI'                      
15 3 'Structure model' '_database_2.pdbx_database_accession'       
# 
_pdbx_database_status.status_code                     REL 
_pdbx_database_status.status_code_sf                  REL 
_pdbx_database_status.status_code_mr                  ? 
_pdbx_database_status.entry_id                        5C94 
_pdbx_database_status.recvd_initial_deposition_date   2015-06-26 
_pdbx_database_status.SG_entry                        N 
_pdbx_database_status.deposit_site                    RCSB 
_pdbx_database_status.process_site                    PDBJ 
_pdbx_database_status.status_code_cs                  ? 
_pdbx_database_status.methods_development_category    ? 
_pdbx_database_status.pdb_format_compatible           Y 
_pdbx_database_status.status_code_nmr_data            ? 
# 
loop_
_audit_author.name 
_audit_author.pdbx_ordinal 
'Chen, C.' 1 
'Dou, Y.'  2 
'Yang, H.' 3 
'Su, D.'   4 
# 
_citation.abstract                  ? 
_citation.abstract_id_CAS           ? 
_citation.book_id_ISBN              ? 
_citation.book_publisher            ? 
_citation.book_publisher_city       ? 
_citation.book_title                ? 
_citation.coordinate_linkage        ? 
_citation.country                   US 
_citation.database_id_Medline       ? 
_citation.details                   ? 
_citation.id                        primary 
_citation.journal_abbrev            'Protein Sci.' 
_citation.journal_id_ASTM           PRCIEI 
_citation.journal_id_CSD            0795 
_citation.journal_id_ISSN           1469-896X 
_citation.journal_full              ? 
_citation.journal_issue             ? 
_citation.journal_volume            26 
_citation.language                  ? 
_citation.page_first                1037 
_citation.page_last                 1048 
_citation.title                     'Structural basis for dimerization and RNA binding of avian infectious bronchitis virus nsp9.' 
_citation.year                      2017 
_citation.database_id_CSD           ? 
_citation.pdbx_database_id_DOI      10.1002/pro.3150 
_citation.pdbx_database_id_PubMed   28257598 
_citation.unpublished_flag          ? 
# 
loop_
_citation_author.citation_id 
_citation_author.name 
_citation_author.ordinal 
_citation_author.identifier_ORCID 
primary 'Hu, T.'    1  ? 
primary 'Chen, C.'  2  ? 
primary 'Li, H.'    3  ? 
primary 'Dou, Y.'   4  ? 
primary 'Zhou, M.'  5  ? 
primary 'Lu, D.'    6  ? 
primary 'Zong, Q.'  7  ? 
primary 'Li, Y.'    8  ? 
primary 'Yang, C.'  9  ? 
primary 'Zhong, Z.' 10 ? 
primary 'Singh, N.' 11 ? 
primary 'Hu, H.'    12 ? 
primary 'Zhang, R.' 13 ? 
primary 'Yang, H.'  14 ? 
primary 'Su, D.'    15 ? 
# 
loop_
_entity.id 
_entity.type 
_entity.src_method 
_entity.pdbx_description 
_entity.formula_weight 
_entity.pdbx_number_of_molecules 
_entity.pdbx_ec 
_entity.pdbx_mutation 
_entity.pdbx_fragment 
_entity.details 
1 polymer     man 'Non-structural protein 9' 12323.198 1  3.4.22.- ? ? ? 
2 non-polymer syn 'DI(HYDROXYETHYL)ETHER'    106.120   2  ?        ? ? ? 
3 non-polymer syn GLYCEROL                   92.094    1  ?        ? ? ? 
4 water       nat water                      18.015    53 ?        ? ? ? 
# 
_entity_name_com.entity_id   1 
_entity_name_com.name        'Nsp9 protein' 
# 
_entity_poly.entity_id                      1 
_entity_poly.type                           'polypeptide(L)' 
_entity_poly.nstd_linkage                   no 
_entity_poly.nstd_monomer                   no 
_entity_poly.pdbx_seq_one_letter_code       
;GPLGSNNELMPHGVKTKACVAGVDQAHCSVESKCYYTSISGSSVVAAITSSNPNLKVASFLNEAGNQIYVDLDPPCKFGM
KVGDKVEVVYLYFIKNTRSIVRGMVLGAISNVVVLQ
;
_entity_poly.pdbx_seq_one_letter_code_can   
;GPLGSNNELMPHGVKTKACVAGVDQAHCSVESKCYYTSISGSSVVAAITSSNPNLKVASFLNEAGNQIYVDLDPPCKFGM
KVGDKVEVVYLYFIKNTRSIVRGMVLGAISNVVVLQ
;
_entity_poly.pdbx_strand_id                 A 
_entity_poly.pdbx_target_identifier         ? 
# 
loop_
_pdbx_entity_nonpoly.entity_id 
_pdbx_entity_nonpoly.name 
_pdbx_entity_nonpoly.comp_id 
2 'DI(HYDROXYETHYL)ETHER' PEG 
3 GLYCEROL                GOL 
4 water                   HOH 
# 
loop_
_entity_poly_seq.entity_id 
_entity_poly_seq.num 
_entity_poly_seq.mon_id 
_entity_poly_seq.hetero 
1 1   GLY n 
1 2   PRO n 
1 3   LEU n 
1 4   GLY n 
1 5   SER n 
1 6   ASN n 
1 7   ASN n 
1 8   GLU n 
1 9   LEU n 
1 10  MET n 
1 11  PRO n 
1 12  HIS n 
1 13  GLY n 
1 14  VAL n 
1 15  LYS n 
1 16  THR n 
1 17  LYS n 
1 18  ALA n 
1 19  CYS n 
1 20  VAL n 
1 21  ALA n 
1 22  GLY n 
1 23  VAL n 
1 24  ASP n 
1 25  GLN n 
1 26  ALA n 
1 27  HIS n 
1 28  CYS n 
1 29  SER n 
1 30  VAL n 
1 31  GLU n 
1 32  SER n 
1 33  LYS n 
1 34  CYS n 
1 35  TYR n 
1 36  TYR n 
1 37  THR n 
1 38  SER n 
1 39  ILE n 
1 40  SER n 
1 41  GLY n 
1 42  SER n 
1 43  SER n 
1 44  VAL n 
1 45  VAL n 
1 46  ALA n 
1 47  ALA n 
1 48  ILE n 
1 49  THR n 
1 50  SER n 
1 51  SER n 
1 52  ASN n 
1 53  PRO n 
1 54  ASN n 
1 55  LEU n 
1 56  LYS n 
1 57  VAL n 
1 58  ALA n 
1 59  SER n 
1 60  PHE n 
1 61  LEU n 
1 62  ASN n 
1 63  GLU n 
1 64  ALA n 
1 65  GLY n 
1 66  ASN n 
1 67  GLN n 
1 68  ILE n 
1 69  TYR n 
1 70  VAL n 
1 71  ASP n 
1 72  LEU n 
1 73  ASP n 
1 74  PRO n 
1 75  PRO n 
1 76  CYS n 
1 77  LYS n 
1 78  PHE n 
1 79  GLY n 
1 80  MET n 
1 81  LYS n 
1 82  VAL n 
1 83  GLY n 
1 84  ASP n 
1 85  LYS n 
1 86  VAL n 
1 87  GLU n 
1 88  VAL n 
1 89  VAL n 
1 90  TYR n 
1 91  LEU n 
1 92  TYR n 
1 93  PHE n 
1 94  ILE n 
1 95  LYS n 
1 96  ASN n 
1 97  THR n 
1 98  ARG n 
1 99  SER n 
1 100 ILE n 
1 101 VAL n 
1 102 ARG n 
1 103 GLY n 
1 104 MET n 
1 105 VAL n 
1 106 LEU n 
1 107 GLY n 
1 108 ALA n 
1 109 ILE n 
1 110 SER n 
1 111 ASN n 
1 112 VAL n 
1 113 VAL n 
1 114 VAL n 
1 115 LEU n 
1 116 GLN n 
# 
_entity_src_gen.entity_id                          1 
_entity_src_gen.pdbx_src_id                        1 
_entity_src_gen.pdbx_alt_source_flag               sample 
_entity_src_gen.pdbx_seq_type                      'Biological sequence' 
_entity_src_gen.pdbx_beg_seq_num                   1 
_entity_src_gen.pdbx_end_seq_num                   116 
_entity_src_gen.gene_src_common_name               IBV 
_entity_src_gen.gene_src_genus                     ? 
_entity_src_gen.pdbx_gene_src_gene                 'rep, 1a-1b' 
_entity_src_gen.gene_src_species                   ? 
_entity_src_gen.gene_src_strain                    M41 
_entity_src_gen.gene_src_tissue                    ? 
_entity_src_gen.gene_src_tissue_fraction           ? 
_entity_src_gen.gene_src_details                   ? 
_entity_src_gen.pdbx_gene_src_fragment             ? 
_entity_src_gen.pdbx_gene_src_scientific_name      'Avian infectious bronchitis virus' 
_entity_src_gen.pdbx_gene_src_ncbi_taxonomy_id     11127 
_entity_src_gen.pdbx_gene_src_variant              ? 
_entity_src_gen.pdbx_gene_src_cell_line            ? 
_entity_src_gen.pdbx_gene_src_atcc                 ? 
_entity_src_gen.pdbx_gene_src_organ                ? 
_entity_src_gen.pdbx_gene_src_organelle            ? 
_entity_src_gen.pdbx_gene_src_cell                 ? 
_entity_src_gen.pdbx_gene_src_cellular_location    ? 
_entity_src_gen.host_org_common_name               ? 
_entity_src_gen.pdbx_host_org_scientific_name      'Escherichia coli' 
_entity_src_gen.pdbx_host_org_ncbi_taxonomy_id     469008 
_entity_src_gen.host_org_genus                     ? 
_entity_src_gen.pdbx_host_org_gene                 ? 
_entity_src_gen.pdbx_host_org_organ                ? 
_entity_src_gen.host_org_species                   ? 
_entity_src_gen.pdbx_host_org_tissue               ? 
_entity_src_gen.pdbx_host_org_tissue_fraction      ? 
_entity_src_gen.pdbx_host_org_strain               'BL21(DE3)' 
_entity_src_gen.pdbx_host_org_variant              ? 
_entity_src_gen.pdbx_host_org_cell_line            ? 
_entity_src_gen.pdbx_host_org_atcc                 ? 
_entity_src_gen.pdbx_host_org_culture_collection   ? 
_entity_src_gen.pdbx_host_org_cell                 ? 
_entity_src_gen.pdbx_host_org_organelle            ? 
_entity_src_gen.pdbx_host_org_cellular_location    ? 
_entity_src_gen.pdbx_host_org_vector_type          plasmid 
_entity_src_gen.pdbx_host_org_vector               ? 
_entity_src_gen.host_org_details                   ? 
_entity_src_gen.expression_system_id               ? 
_entity_src_gen.plasmid_name                       pGEX-6p-1 
_entity_src_gen.plasmid_details                    ? 
_entity_src_gen.pdbx_description                   ? 
# 
loop_
_chem_comp.id 
_chem_comp.type 
_chem_comp.mon_nstd_flag 
_chem_comp.name 
_chem_comp.pdbx_synonyms 
_chem_comp.formula 
_chem_comp.formula_weight 
ALA 'L-peptide linking' y ALANINE                 ?                               'C3 H7 N O2'     89.093  
ARG 'L-peptide linking' y ARGININE                ?                               'C6 H15 N4 O2 1' 175.209 
ASN 'L-peptide linking' y ASPARAGINE              ?                               'C4 H8 N2 O3'    132.118 
ASP 'L-peptide linking' y 'ASPARTIC ACID'         ?                               'C4 H7 N O4'     133.103 
CYS 'L-peptide linking' y CYSTEINE                ?                               'C3 H7 N O2 S'   121.158 
GLN 'L-peptide linking' y GLUTAMINE               ?                               'C5 H10 N2 O3'   146.144 
GLU 'L-peptide linking' y 'GLUTAMIC ACID'         ?                               'C5 H9 N O4'     147.129 
GLY 'peptide linking'   y GLYCINE                 ?                               'C2 H5 N O2'     75.067  
GOL non-polymer         . GLYCEROL                'GLYCERIN; PROPANE-1,2,3-TRIOL' 'C3 H8 O3'       92.094  
HIS 'L-peptide linking' y HISTIDINE               ?                               'C6 H10 N3 O2 1' 156.162 
HOH non-polymer         . WATER                   ?                               'H2 O'           18.015  
ILE 'L-peptide linking' y ISOLEUCINE              ?                               'C6 H13 N O2'    131.173 
LEU 'L-peptide linking' y LEUCINE                 ?                               'C6 H13 N O2'    131.173 
LYS 'L-peptide linking' y LYSINE                  ?                               'C6 H15 N2 O2 1' 147.195 
MET 'L-peptide linking' y METHIONINE              ?                               'C5 H11 N O2 S'  149.211 
PEG non-polymer         . 'DI(HYDROXYETHYL)ETHER' ?                               'C4 H10 O3'      106.120 
PHE 'L-peptide linking' y PHENYLALANINE           ?                               'C9 H11 N O2'    165.189 
PRO 'L-peptide linking' y PROLINE                 ?                               'C5 H9 N O2'     115.130 
SER 'L-peptide linking' y SERINE                  ?                               'C3 H7 N O3'     105.093 
THR 'L-peptide linking' y THREONINE               ?                               'C4 H9 N O3'     119.119 
TYR 'L-peptide linking' y TYROSINE                ?                               'C9 H11 N O3'    181.189 
VAL 'L-peptide linking' y VALINE                  ?                               'C5 H11 N O2'    117.146 
# 
loop_
_pdbx_poly_seq_scheme.asym_id 
_pdbx_poly_seq_scheme.entity_id 
_pdbx_poly_seq_scheme.seq_id 
_pdbx_poly_seq_scheme.mon_id 
_pdbx_poly_seq_scheme.ndb_seq_num 
_pdbx_poly_seq_scheme.pdb_seq_num 
_pdbx_poly_seq_scheme.auth_seq_num 
_pdbx_poly_seq_scheme.pdb_mon_id 
_pdbx_poly_seq_scheme.auth_mon_id 
_pdbx_poly_seq_scheme.pdb_strand_id 
_pdbx_poly_seq_scheme.pdb_ins_code 
_pdbx_poly_seq_scheme.hetero 
A 1 1   GLY 1   -4  -4  GLY GLY A . n 
A 1 2   PRO 2   -3  -3  PRO PRO A . n 
A 1 3   LEU 3   -2  -2  LEU LEU A . n 
A 1 4   GLY 4   -1  -1  GLY GLY A . n 
A 1 5   SER 5   0   0   SER SER A . n 
A 1 6   ASN 6   1   1   ASN ASN A . n 
A 1 7   ASN 7   2   2   ASN ASN A . n 
A 1 8   GLU 8   3   3   GLU GLU A . n 
A 1 9   LEU 9   4   4   LEU LEU A . n 
A 1 10  MET 10  5   5   MET MET A . n 
A 1 11  PRO 11  6   6   PRO PRO A . n 
A 1 12  HIS 12  7   7   HIS HIS A . n 
A 1 13  GLY 13  8   8   GLY GLY A . n 
A 1 14  VAL 14  9   9   VAL VAL A . n 
A 1 15  LYS 15  10  10  LYS LYS A . n 
A 1 16  THR 16  11  11  THR THR A . n 
A 1 17  LYS 17  12  12  LYS LYS A . n 
A 1 18  ALA 18  13  13  ALA ALA A . n 
A 1 19  CYS 19  14  14  CYS CYS A . n 
A 1 20  VAL 20  15  15  VAL VAL A . n 
A 1 21  ALA 21  16  16  ALA ALA A . n 
A 1 22  GLY 22  17  17  GLY GLY A . n 
A 1 23  VAL 23  18  18  VAL VAL A . n 
A 1 24  ASP 24  19  19  ASP ASP A . n 
A 1 25  GLN 25  20  20  GLN GLN A . n 
A 1 26  ALA 26  21  21  ALA ALA A . n 
A 1 27  HIS 27  22  22  HIS HIS A . n 
A 1 28  CYS 28  23  23  CYS CYS A . n 
A 1 29  SER 29  24  24  SER SER A . n 
A 1 30  VAL 30  25  25  VAL VAL A . n 
A 1 31  GLU 31  26  26  GLU GLU A . n 
A 1 32  SER 32  27  27  SER SER A . n 
A 1 33  LYS 33  28  28  LYS LYS A . n 
A 1 34  CYS 34  29  29  CYS CYS A . n 
A 1 35  TYR 35  30  30  TYR TYR A . n 
A 1 36  TYR 36  31  31  TYR TYR A . n 
A 1 37  THR 37  32  32  THR THR A . n 
A 1 38  SER 38  33  33  SER SER A . n 
A 1 39  ILE 39  34  34  ILE ILE A . n 
A 1 40  SER 40  35  35  SER SER A . n 
A 1 41  GLY 41  36  36  GLY GLY A . n 
A 1 42  SER 42  37  37  SER SER A . n 
A 1 43  SER 43  38  38  SER SER A . n 
A 1 44  VAL 44  39  39  VAL VAL A . n 
A 1 45  VAL 45  40  40  VAL VAL A . n 
A 1 46  ALA 46  41  41  ALA ALA A . n 
A 1 47  ALA 47  42  42  ALA ALA A . n 
A 1 48  ILE 48  43  43  ILE ILE A . n 
A 1 49  THR 49  44  44  THR THR A . n 
A 1 50  SER 50  45  45  SER SER A . n 
A 1 51  SER 51  46  46  SER SER A . n 
A 1 52  ASN 52  47  47  ASN ASN A . n 
A 1 53  PRO 53  48  48  PRO PRO A . n 
A 1 54  ASN 54  49  49  ASN ASN A . n 
A 1 55  LEU 55  50  50  LEU LEU A . n 
A 1 56  LYS 56  51  51  LYS LYS A . n 
A 1 57  VAL 57  52  52  VAL VAL A . n 
A 1 58  ALA 58  53  53  ALA ALA A . n 
A 1 59  SER 59  54  54  SER SER A . n 
A 1 60  PHE 60  55  55  PHE PHE A . n 
A 1 61  LEU 61  56  56  LEU LEU A . n 
A 1 62  ASN 62  57  57  ASN ASN A . n 
A 1 63  GLU 63  58  58  GLU GLU A . n 
A 1 64  ALA 64  59  59  ALA ALA A . n 
A 1 65  GLY 65  60  60  GLY GLY A . n 
A 1 66  ASN 66  61  61  ASN ASN A . n 
A 1 67  GLN 67  62  62  GLN GLN A . n 
A 1 68  ILE 68  63  63  ILE ILE A . n 
A 1 69  TYR 69  64  64  TYR TYR A . n 
A 1 70  VAL 70  65  65  VAL VAL A . n 
A 1 71  ASP 71  66  66  ASP ASP A . n 
A 1 72  LEU 72  67  67  LEU LEU A . n 
A 1 73  ASP 73  68  68  ASP ASP A . n 
A 1 74  PRO 74  69  69  PRO PRO A . n 
A 1 75  PRO 75  70  70  PRO PRO A . n 
A 1 76  CYS 76  71  71  CYS CYS A . n 
A 1 77  LYS 77  72  72  LYS LYS A . n 
A 1 78  PHE 78  73  73  PHE PHE A . n 
A 1 79  GLY 79  74  74  GLY GLY A . n 
A 1 80  MET 80  75  75  MET MET A . n 
A 1 81  LYS 81  76  76  LYS LYS A . n 
A 1 82  VAL 82  77  77  VAL VAL A . n 
A 1 83  GLY 83  78  78  GLY GLY A . n 
A 1 84  ASP 84  79  79  ASP ASP A . n 
A 1 85  LYS 85  80  80  LYS LYS A . n 
A 1 86  VAL 86  81  81  VAL VAL A . n 
A 1 87  GLU 87  82  82  GLU GLU A . n 
A 1 88  VAL 88  83  83  VAL VAL A . n 
A 1 89  VAL 89  84  84  VAL VAL A . n 
A 1 90  TYR 90  85  85  TYR TYR A . n 
A 1 91  LEU 91  86  86  LEU LEU A . n 
A 1 92  TYR 92  87  87  TYR TYR A . n 
A 1 93  PHE 93  88  88  PHE PHE A . n 
A 1 94  ILE 94  89  89  ILE ILE A . n 
A 1 95  LYS 95  90  90  LYS LYS A . n 
A 1 96  ASN 96  91  91  ASN ASN A . n 
A 1 97  THR 97  92  92  THR THR A . n 
A 1 98  ARG 98  93  93  ARG ARG A . n 
A 1 99  SER 99  94  94  SER SER A . n 
A 1 100 ILE 100 95  95  ILE ILE A . n 
A 1 101 VAL 101 96  96  VAL VAL A . n 
A 1 102 ARG 102 97  97  ARG ARG A . n 
A 1 103 GLY 103 98  98  GLY GLY A . n 
A 1 104 MET 104 99  99  MET MET A . n 
A 1 105 VAL 105 100 100 VAL VAL A . n 
A 1 106 LEU 106 101 101 LEU LEU A . n 
A 1 107 GLY 107 102 102 GLY GLY A . n 
A 1 108 ALA 108 103 103 ALA ALA A . n 
A 1 109 ILE 109 104 104 ILE ILE A . n 
A 1 110 SER 110 105 105 SER SER A . n 
A 1 111 ASN 111 106 106 ASN ASN A . n 
A 1 112 VAL 112 107 107 VAL VAL A . n 
A 1 113 VAL 113 108 108 VAL VAL A . n 
A 1 114 VAL 114 109 109 VAL VAL A . n 
A 1 115 LEU 115 110 110 LEU LEU A . n 
A 1 116 GLN 116 111 111 GLN GLN A . n 
# 
loop_
_pdbx_nonpoly_scheme.asym_id 
_pdbx_nonpoly_scheme.entity_id 
_pdbx_nonpoly_scheme.mon_id 
_pdbx_nonpoly_scheme.ndb_seq_num 
_pdbx_nonpoly_scheme.pdb_seq_num 
_pdbx_nonpoly_scheme.auth_seq_num 
_pdbx_nonpoly_scheme.pdb_mon_id 
_pdbx_nonpoly_scheme.auth_mon_id 
_pdbx_nonpoly_scheme.pdb_strand_id 
_pdbx_nonpoly_scheme.pdb_ins_code 
B 2 PEG 1  201 5  PEG PEG A . 
C 2 PEG 1  202 6  PEG PEG A . 
D 3 GOL 1  203 1  GOL GOL A . 
E 4 HOH 1  301 51 HOH HOH A . 
E 4 HOH 2  302 20 HOH HOH A . 
E 4 HOH 3  303 6  HOH HOH A . 
E 4 HOH 4  304 16 HOH HOH A . 
E 4 HOH 5  305 13 HOH HOH A . 
E 4 HOH 6  306 30 HOH HOH A . 
E 4 HOH 7  307 43 HOH HOH A . 
E 4 HOH 8  308 18 HOH HOH A . 
E 4 HOH 9  309 15 HOH HOH A . 
E 4 HOH 10 310 44 HOH HOH A . 
E 4 HOH 11 311 38 HOH HOH A . 
E 4 HOH 12 312 1  HOH HOH A . 
E 4 HOH 13 313 12 HOH HOH A . 
E 4 HOH 14 314 55 HOH HOH A . 
E 4 HOH 15 315 14 HOH HOH A . 
E 4 HOH 16 316 17 HOH HOH A . 
E 4 HOH 17 317 48 HOH HOH A . 
E 4 HOH 18 318 47 HOH HOH A . 
E 4 HOH 19 319 42 HOH HOH A . 
E 4 HOH 20 320 52 HOH HOH A . 
E 4 HOH 21 321 4  HOH HOH A . 
E 4 HOH 22 322 10 HOH HOH A . 
E 4 HOH 23 323 50 HOH HOH A . 
E 4 HOH 24 324 25 HOH HOH A . 
E 4 HOH 25 325 24 HOH HOH A . 
E 4 HOH 26 326 45 HOH HOH A . 
E 4 HOH 27 327 36 HOH HOH A . 
E 4 HOH 28 328 21 HOH HOH A . 
E 4 HOH 29 329 19 HOH HOH A . 
E 4 HOH 30 330 37 HOH HOH A . 
E 4 HOH 31 331 41 HOH HOH A . 
E 4 HOH 32 332 8  HOH HOH A . 
E 4 HOH 33 333 7  HOH HOH A . 
E 4 HOH 34 334 5  HOH HOH A . 
E 4 HOH 35 335 46 HOH HOH A . 
E 4 HOH 36 336 2  HOH HOH A . 
E 4 HOH 37 337 54 HOH HOH A . 
E 4 HOH 38 338 22 HOH HOH A . 
E 4 HOH 39 339 3  HOH HOH A . 
E 4 HOH 40 340 35 HOH HOH A . 
E 4 HOH 41 341 31 HOH HOH A . 
E 4 HOH 42 342 39 HOH HOH A . 
E 4 HOH 43 343 29 HOH HOH A . 
E 4 HOH 44 344 53 HOH HOH A . 
E 4 HOH 45 345 28 HOH HOH A . 
E 4 HOH 46 346 9  HOH HOH A . 
E 4 HOH 47 347 34 HOH HOH A . 
E 4 HOH 48 348 27 HOH HOH A . 
E 4 HOH 49 349 49 HOH HOH A . 
E 4 HOH 50 350 11 HOH HOH A . 
E 4 HOH 51 351 40 HOH HOH A . 
E 4 HOH 52 352 32 HOH HOH A . 
E 4 HOH 53 353 33 HOH HOH A . 
# 
loop_
_pdbx_unobs_or_zero_occ_atoms.id 
_pdbx_unobs_or_zero_occ_atoms.PDB_model_num 
_pdbx_unobs_or_zero_occ_atoms.polymer_flag 
_pdbx_unobs_or_zero_occ_atoms.occupancy_flag 
_pdbx_unobs_or_zero_occ_atoms.auth_asym_id 
_pdbx_unobs_or_zero_occ_atoms.auth_comp_id 
_pdbx_unobs_or_zero_occ_atoms.auth_seq_id 
_pdbx_unobs_or_zero_occ_atoms.PDB_ins_code 
_pdbx_unobs_or_zero_occ_atoms.auth_atom_id 
_pdbx_unobs_or_zero_occ_atoms.label_alt_id 
_pdbx_unobs_or_zero_occ_atoms.label_asym_id 
_pdbx_unobs_or_zero_occ_atoms.label_comp_id 
_pdbx_unobs_or_zero_occ_atoms.label_seq_id 
_pdbx_unobs_or_zero_occ_atoms.label_atom_id 
1  1 Y 1 A ASN 1  ? CG  ? A ASN 6  CG  
2  1 Y 1 A ASN 1  ? OD1 ? A ASN 6  OD1 
3  1 Y 1 A ASN 1  ? ND2 ? A ASN 6  ND2 
4  1 Y 1 A ASN 2  ? CG  ? A ASN 7  CG  
5  1 Y 1 A ASN 2  ? OD1 ? A ASN 7  OD1 
6  1 Y 1 A ASN 2  ? ND2 ? A ASN 7  ND2 
7  1 Y 1 A GLU 3  ? CG  ? A GLU 8  CG  
8  1 Y 1 A GLU 3  ? CD  ? A GLU 8  CD  
9  1 Y 1 A GLU 3  ? OE1 ? A GLU 8  OE1 
10 1 Y 1 A GLU 3  ? OE2 ? A GLU 8  OE2 
11 1 Y 1 A LYS 80 ? CG  ? A LYS 85 CG  
12 1 Y 1 A LYS 80 ? CD  ? A LYS 85 CD  
13 1 Y 1 A LYS 80 ? CE  ? A LYS 85 CE  
14 1 Y 1 A LYS 80 ? NZ  ? A LYS 85 NZ  
# 
loop_
_software.citation_id 
_software.classification 
_software.compiler_name 
_software.compiler_version 
_software.contact_author 
_software.contact_author_email 
_software.date 
_software.description 
_software.dependencies 
_software.hardware 
_software.language 
_software.location 
_software.mods 
_software.name 
_software.os 
_software.os_version 
_software.type 
_software.version 
_software.pdbx_ordinal 
? 'data scaling'    ? ? ? ? ? ? ? ? ? ? ? HKL-2000    ? ? ? .          1 
? refinement        ? ? ? ? ? ? ? ? ? ? ? PHENIX      ? ? ? 1.8.4_1496 2 
? 'data extraction' ? ? ? ? ? ? ? ? ? ? ? PDB_EXTRACT ? ? ? 3.15       3 
? 'data reduction'  ? ? ? ? ? ? ? ? ? ? ? HKL-2000    ? ? ? .          4 
? phasing           ? ? ? ? ? ? ? ? ? ? ? PHASER      ? ? ? .          5 
# 
_cell.angle_alpha                  90.000 
_cell.angle_alpha_esd              ? 
_cell.angle_beta                   90.000 
_cell.angle_beta_esd               ? 
_cell.angle_gamma                  90.000 
_cell.angle_gamma_esd              ? 
_cell.entry_id                     5C94 
_cell.details                      ? 
_cell.formula_units_Z              ? 
_cell.length_a                     123.426 
_cell.length_a_esd                 ? 
_cell.length_b                     123.426 
_cell.length_b_esd                 ? 
_cell.length_c                     123.426 
_cell.length_c_esd                 ? 
_cell.volume                       ? 
_cell.volume_esd                   ? 
_cell.Z_PDB                        48 
_cell.reciprocal_angle_alpha       ? 
_cell.reciprocal_angle_beta        ? 
_cell.reciprocal_angle_gamma       ? 
_cell.reciprocal_angle_alpha_esd   ? 
_cell.reciprocal_angle_beta_esd    ? 
_cell.reciprocal_angle_gamma_esd   ? 
_cell.reciprocal_length_a          ? 
_cell.reciprocal_length_b          ? 
_cell.reciprocal_length_c          ? 
_cell.reciprocal_length_a_esd      ? 
_cell.reciprocal_length_b_esd      ? 
_cell.reciprocal_length_c_esd      ? 
_cell.pdbx_unique_axis             ? 
# 
_symmetry.entry_id                         5C94 
_symmetry.cell_setting                     ? 
_symmetry.Int_Tables_number                211 
_symmetry.space_group_name_Hall            ? 
_symmetry.space_group_name_H-M             'I 4 3 2' 
_symmetry.pdbx_full_space_group_name_H-M   ? 
# 
_exptl.absorpt_coefficient_mu     ? 
_exptl.absorpt_correction_T_max   ? 
_exptl.absorpt_correction_T_min   ? 
_exptl.absorpt_correction_type    ? 
_exptl.absorpt_process_details    ? 
_exptl.entry_id                   5C94 
_exptl.crystals_number            1 
_exptl.details                    ? 
_exptl.method                     'X-RAY DIFFRACTION' 
_exptl.method_details             ? 
# 
_exptl_crystal.colour                      ? 
_exptl_crystal.density_diffrn              ? 
_exptl_crystal.density_Matthews            3.18 
_exptl_crystal.density_method              ? 
_exptl_crystal.density_percent_sol         61.31 
_exptl_crystal.description                 ? 
_exptl_crystal.F_000                       ? 
_exptl_crystal.id                          1 
_exptl_crystal.preparation                 ? 
_exptl_crystal.size_max                    ? 
_exptl_crystal.size_mid                    ? 
_exptl_crystal.size_min                    ? 
_exptl_crystal.size_rad                    ? 
_exptl_crystal.colour_lustre               ? 
_exptl_crystal.colour_modifier             ? 
_exptl_crystal.colour_primary              ? 
_exptl_crystal.density_meas                ? 
_exptl_crystal.density_meas_esd            ? 
_exptl_crystal.density_meas_gt             ? 
_exptl_crystal.density_meas_lt             ? 
_exptl_crystal.density_meas_temp           ? 
_exptl_crystal.density_meas_temp_esd       ? 
_exptl_crystal.density_meas_temp_gt        ? 
_exptl_crystal.density_meas_temp_lt        ? 
_exptl_crystal.pdbx_crystal_image_url      ? 
_exptl_crystal.pdbx_crystal_image_format   ? 
_exptl_crystal.pdbx_mosaicity              ? 
_exptl_crystal.pdbx_mosaicity_esd          ? 
# 
_exptl_crystal_grow.apparatus       ? 
_exptl_crystal_grow.atmosphere      ? 
_exptl_crystal_grow.crystal_id      1 
_exptl_crystal_grow.details         ? 
_exptl_crystal_grow.method          'VAPOR DIFFUSION, HANGING DROP' 
_exptl_crystal_grow.method_ref      ? 
_exptl_crystal_grow.pH              ? 
_exptl_crystal_grow.pressure        ? 
_exptl_crystal_grow.pressure_esd    ? 
_exptl_crystal_grow.seeding         ? 
_exptl_crystal_grow.seeding_ref     ? 
_exptl_crystal_grow.temp            291 
_exptl_crystal_grow.temp_details    ? 
_exptl_crystal_grow.temp_esd        ? 
_exptl_crystal_grow.time            ? 
_exptl_crystal_grow.pdbx_details    
'0.18 M ammonium sulfate, 0.1 M sodium cacodylate trihydrate pH 6.5, 28%(w/v) polyethylene glycol 8000' 
_exptl_crystal_grow.pdbx_pH_range   ? 
# 
_diffrn.ambient_environment    ? 
_diffrn.ambient_temp           100 
_diffrn.ambient_temp_details   ? 
_diffrn.ambient_temp_esd       ? 
_diffrn.crystal_id             1 
_diffrn.crystal_support        ? 
_diffrn.crystal_treatment      ? 
_diffrn.details                ? 
_diffrn.id                     1 
_diffrn.ambient_pressure       ? 
_diffrn.ambient_pressure_esd   ? 
_diffrn.ambient_pressure_gt    ? 
_diffrn.ambient_pressure_lt    ? 
_diffrn.ambient_temp_gt        ? 
_diffrn.ambient_temp_lt        ? 
# 
_diffrn_detector.details                      ? 
_diffrn_detector.detector                     'IMAGE PLATE' 
_diffrn_detector.diffrn_id                    1 
_diffrn_detector.type                         'RIGAKU RAXIS IV' 
_diffrn_detector.area_resol_mean              ? 
_diffrn_detector.dtime                        ? 
_diffrn_detector.pdbx_frames_total            ? 
_diffrn_detector.pdbx_collection_time_total   ? 
_diffrn_detector.pdbx_collection_date         2010-10-05 
# 
_diffrn_radiation.collimation                      ? 
_diffrn_radiation.diffrn_id                        1 
_diffrn_radiation.filter_edge                      ? 
_diffrn_radiation.inhomogeneity                    ? 
_diffrn_radiation.monochromator                    ? 
_diffrn_radiation.polarisn_norm                    ? 
_diffrn_radiation.polarisn_ratio                   ? 
_diffrn_radiation.probe                            ? 
_diffrn_radiation.type                             ? 
_diffrn_radiation.xray_symbol                      ? 
_diffrn_radiation.wavelength_id                    1 
_diffrn_radiation.pdbx_monochromatic_or_laue_m_l   M 
_diffrn_radiation.pdbx_wavelength_list             ? 
_diffrn_radiation.pdbx_wavelength                  ? 
_diffrn_radiation.pdbx_diffrn_protocol             'SINGLE WAVELENGTH' 
_diffrn_radiation.pdbx_analyzer                    ? 
_diffrn_radiation.pdbx_scattering_type             x-ray 
# 
_diffrn_radiation_wavelength.id           1 
_diffrn_radiation_wavelength.wavelength   1.5418 
_diffrn_radiation_wavelength.wt           1.0 
# 
_diffrn_source.current                     ? 
_diffrn_source.details                     ? 
_diffrn_source.diffrn_id                   1 
_diffrn_source.power                       ? 
_diffrn_source.size                        ? 
_diffrn_source.source                      'ROTATING ANODE' 
_diffrn_source.target                      ? 
_diffrn_source.type                        'RIGAKU MICROMAX-007' 
_diffrn_source.voltage                     ? 
_diffrn_source.take-off_angle              ? 
_diffrn_source.pdbx_wavelength_list        1.5418 
_diffrn_source.pdbx_wavelength             ? 
_diffrn_source.pdbx_synchrotron_beamline   ? 
_diffrn_source.pdbx_synchrotron_site       ? 
# 
_reflns.B_iso_Wilson_estimate            ? 
_reflns.entry_id                         5C94 
_reflns.data_reduction_details           ? 
_reflns.data_reduction_method            ? 
_reflns.d_resolution_high                2.438 
_reflns.d_resolution_low                 22.534 
_reflns.details                          ? 
_reflns.limit_h_max                      ? 
_reflns.limit_h_min                      ? 
_reflns.limit_k_max                      ? 
_reflns.limit_k_min                      ? 
_reflns.limit_l_max                      ? 
_reflns.limit_l_min                      ? 
_reflns.number_all                       ? 
_reflns.number_obs                       6258 
_reflns.observed_criterion               ? 
_reflns.observed_criterion_F_max         ? 
_reflns.observed_criterion_F_min         ? 
_reflns.observed_criterion_I_max         ? 
_reflns.observed_criterion_I_min         ? 
_reflns.observed_criterion_sigma_F       ? 
_reflns.observed_criterion_sigma_I       ? 
_reflns.percent_possible_obs             98.8 
_reflns.R_free_details                   ? 
_reflns.Rmerge_F_all                     ? 
_reflns.Rmerge_F_obs                     ? 
_reflns.Friedel_coverage                 ? 
_reflns.number_gt                        ? 
_reflns.threshold_expression             ? 
_reflns.pdbx_redundancy                  12.4 
_reflns.pdbx_Rmerge_I_obs                0.089 
_reflns.pdbx_Rmerge_I_all                ? 
_reflns.pdbx_Rsym_value                  ? 
_reflns.pdbx_netI_over_av_sigmaI         ? 
_reflns.pdbx_netI_over_sigmaI            0.164 
_reflns.pdbx_res_netI_over_av_sigmaI_2   ? 
_reflns.pdbx_res_netI_over_sigmaI_2      ? 
_reflns.pdbx_chi_squared                 ? 
_reflns.pdbx_scaling_rejects             ? 
_reflns.pdbx_d_res_high_opt              ? 
_reflns.pdbx_d_res_low_opt               ? 
_reflns.pdbx_d_res_opt_method            ? 
_reflns.phase_calculation_details        ? 
_reflns.pdbx_Rrim_I_all                  ? 
_reflns.pdbx_Rpim_I_all                  ? 
_reflns.pdbx_d_opt                       ? 
_reflns.pdbx_number_measured_all         ? 
_reflns.pdbx_diffrn_id                   1 
_reflns.pdbx_ordinal                     1 
_reflns.pdbx_CC_half                     ? 
_reflns.pdbx_R_split                     ? 
# 
_reflns_shell.d_res_high                  2.438 
_reflns_shell.d_res_low                   3.070 
_reflns_shell.meanI_over_sigI_all         ? 
_reflns_shell.meanI_over_sigI_obs         2.4 
_reflns_shell.number_measured_all         ? 
_reflns_shell.number_measured_obs         ? 
_reflns_shell.number_possible             ? 
_reflns_shell.number_unique_all           ? 
_reflns_shell.number_unique_obs           ? 
_reflns_shell.percent_possible_all        91.2 
_reflns_shell.percent_possible_obs        ? 
_reflns_shell.Rmerge_F_all                ? 
_reflns_shell.Rmerge_F_obs                ? 
_reflns_shell.Rmerge_I_all                ? 
_reflns_shell.Rmerge_I_obs                0.456 
_reflns_shell.meanI_over_sigI_gt          ? 
_reflns_shell.meanI_over_uI_all           ? 
_reflns_shell.meanI_over_uI_gt            ? 
_reflns_shell.number_measured_gt          ? 
_reflns_shell.number_unique_gt            ? 
_reflns_shell.percent_possible_gt         ? 
_reflns_shell.Rmerge_F_gt                 ? 
_reflns_shell.Rmerge_I_gt                 ? 
_reflns_shell.pdbx_redundancy             2.3 
_reflns_shell.pdbx_Rsym_value             ? 
_reflns_shell.pdbx_chi_squared            ? 
_reflns_shell.pdbx_netI_over_sigmaI_all   ? 
_reflns_shell.pdbx_netI_over_sigmaI_obs   ? 
_reflns_shell.pdbx_Rrim_I_all             ? 
_reflns_shell.pdbx_Rpim_I_all             ? 
_reflns_shell.pdbx_rejects                ? 
_reflns_shell.pdbx_ordinal                1 
_reflns_shell.pdbx_diffrn_id              1 
_reflns_shell.pdbx_CC_half                ? 
_reflns_shell.pdbx_R_split                ? 
# 
_refine.aniso_B[1][1]                            ? 
_refine.aniso_B[1][2]                            ? 
_refine.aniso_B[1][3]                            ? 
_refine.aniso_B[2][2]                            ? 
_refine.aniso_B[2][3]                            ? 
_refine.aniso_B[3][3]                            ? 
_refine.B_iso_max                                167.880 
_refine.B_iso_mean                               34.9200 
_refine.B_iso_min                                10.000 
_refine.correlation_coeff_Fo_to_Fc               ? 
_refine.correlation_coeff_Fo_to_Fc_free          ? 
_refine.details                                  ? 
_refine.diff_density_max                         ? 
_refine.diff_density_max_esd                     ? 
_refine.diff_density_min                         ? 
_refine.diff_density_min_esd                     ? 
_refine.diff_density_rms                         ? 
_refine.diff_density_rms_esd                     ? 
_refine.entry_id                                 5C94 
_refine.pdbx_refine_id                           'X-RAY DIFFRACTION' 
_refine.ls_abs_structure_details                 ? 
_refine.ls_abs_structure_Flack                   ? 
_refine.ls_abs_structure_Flack_esd               ? 
_refine.ls_abs_structure_Rogers                  ? 
_refine.ls_abs_structure_Rogers_esd              ? 
_refine.ls_d_res_high                            2.4380 
_refine.ls_d_res_low                             22.5340 
_refine.ls_extinction_coef                       ? 
_refine.ls_extinction_coef_esd                   ? 
_refine.ls_extinction_expression                 ? 
_refine.ls_extinction_method                     ? 
_refine.ls_goodness_of_fit_all                   ? 
_refine.ls_goodness_of_fit_all_esd               ? 
_refine.ls_goodness_of_fit_obs                   ? 
_refine.ls_goodness_of_fit_obs_esd               ? 
_refine.ls_hydrogen_treatment                    ? 
_refine.ls_matrix_type                           ? 
_refine.ls_number_constraints                    ? 
_refine.ls_number_parameters                     ? 
_refine.ls_number_reflns_all                     ? 
_refine.ls_number_reflns_obs                     6258 
_refine.ls_number_reflns_R_free                  290 
_refine.ls_number_reflns_R_work                  5968 
_refine.ls_number_restraints                     ? 
_refine.ls_percent_reflns_obs                    99.6200 
_refine.ls_percent_reflns_R_free                 4.6300 
_refine.ls_R_factor_all                          ? 
_refine.ls_R_factor_obs                          0.1894 
_refine.ls_R_factor_R_free                       0.2361 
_refine.ls_R_factor_R_free_error                 ? 
_refine.ls_R_factor_R_free_error_details         ? 
_refine.ls_R_factor_R_work                       0.1872 
_refine.ls_R_Fsqd_factor_obs                     ? 
_refine.ls_R_I_factor_obs                        ? 
_refine.ls_redundancy_reflns_all                 ? 
_refine.ls_redundancy_reflns_obs                 ? 
_refine.ls_restrained_S_all                      ? 
_refine.ls_restrained_S_obs                      ? 
_refine.ls_shift_over_esd_max                    ? 
_refine.ls_shift_over_esd_mean                   ? 
_refine.ls_structure_factor_coef                 ? 
_refine.ls_weighting_details                     ? 
_refine.ls_weighting_scheme                      ? 
_refine.ls_wR_factor_all                         ? 
_refine.ls_wR_factor_obs                         ? 
_refine.ls_wR_factor_R_free                      ? 
_refine.ls_wR_factor_R_work                      ? 
_refine.occupancy_max                            ? 
_refine.occupancy_min                            ? 
_refine.solvent_model_details                    'FLAT BULK SOLVENT MODEL' 
_refine.solvent_model_param_bsol                 ? 
_refine.solvent_model_param_ksol                 ? 
_refine.ls_R_factor_gt                           ? 
_refine.ls_goodness_of_fit_gt                    ? 
_refine.ls_goodness_of_fit_ref                   ? 
_refine.ls_shift_over_su_max                     ? 
_refine.ls_shift_over_su_max_lt                  ? 
_refine.ls_shift_over_su_mean                    ? 
_refine.ls_shift_over_su_mean_lt                 ? 
_refine.pdbx_ls_sigma_I                          ? 
_refine.pdbx_ls_sigma_F                          1.340 
_refine.pdbx_ls_sigma_Fsqd                       ? 
_refine.pdbx_data_cutoff_high_absF               ? 
_refine.pdbx_data_cutoff_high_rms_absF           ? 
_refine.pdbx_data_cutoff_low_absF                ? 
_refine.pdbx_isotropic_thermal_model             ? 
_refine.pdbx_ls_cross_valid_method               'FREE R-VALUE' 
_refine.pdbx_method_to_determine_struct          ? 
_refine.pdbx_starting_model                      ? 
_refine.pdbx_stereochemistry_target_values       ML 
_refine.pdbx_R_Free_selection_details            ? 
_refine.pdbx_stereochem_target_val_spec_case     ? 
_refine.pdbx_overall_ESU_R                       ? 
_refine.pdbx_overall_ESU_R_Free                  ? 
_refine.pdbx_solvent_vdw_probe_radii             1.1100 
_refine.pdbx_solvent_ion_probe_radii             ? 
_refine.pdbx_solvent_shrinkage_radii             0.9000 
_refine.pdbx_real_space_R                        ? 
_refine.pdbx_density_correlation                 ? 
_refine.pdbx_pd_number_of_powder_patterns        ? 
_refine.pdbx_pd_number_of_points                 ? 
_refine.pdbx_pd_meas_number_of_points            ? 
_refine.pdbx_pd_proc_ls_prof_R_factor            ? 
_refine.pdbx_pd_proc_ls_prof_wR_factor           ? 
_refine.pdbx_pd_Marquardt_correlation_coeff      ? 
_refine.pdbx_pd_Fsqrd_R_factor                   ? 
_refine.pdbx_pd_ls_matrix_band_width             ? 
_refine.pdbx_overall_phase_error                 22.4500 
_refine.pdbx_overall_SU_R_free_Cruickshank_DPI   ? 
_refine.pdbx_overall_SU_R_free_Blow_DPI          ? 
_refine.pdbx_overall_SU_R_Blow_DPI               ? 
_refine.pdbx_TLS_residual_ADP_flag               ? 
_refine.pdbx_diffrn_id                           1 
_refine.overall_SU_B                             ? 
_refine.overall_SU_ML                            0.2300 
_refine.overall_SU_R_Cruickshank_DPI             ? 
_refine.overall_SU_R_free                        ? 
_refine.overall_FOM_free_R_set                   ? 
_refine.overall_FOM_work_R_set                   0.8548 
_refine.pdbx_average_fsc_overall                 ? 
_refine.pdbx_average_fsc_work                    ? 
_refine.pdbx_average_fsc_free                    ? 
# 
_refine_hist.cycle_id                         final 
_refine_hist.pdbx_refine_id                   'X-RAY DIFFRACTION' 
_refine_hist.d_res_high                       2.4380 
_refine_hist.d_res_low                        22.5340 
_refine_hist.pdbx_number_atoms_ligand         20 
_refine_hist.number_atoms_solvent             53 
_refine_hist.number_atoms_total               919 
_refine_hist.pdbx_number_residues_total       116 
_refine_hist.pdbx_B_iso_mean_ligand           59.06 
_refine_hist.pdbx_B_iso_mean_solvent          36.96 
_refine_hist.pdbx_number_atoms_protein        846 
_refine_hist.pdbx_number_atoms_nucleic_acid   0 
# 
loop_
_refine_ls_restr.pdbx_refine_id 
_refine_ls_restr.criterion 
_refine_ls_restr.dev_ideal 
_refine_ls_restr.dev_ideal_target 
_refine_ls_restr.number 
_refine_ls_restr.rejects 
_refine_ls_restr.type 
_refine_ls_restr.weight 
_refine_ls_restr.pdbx_restraint_function 
'X-RAY DIFFRACTION' ? 0.009  ? 895  ? f_bond_d           ? ? 
'X-RAY DIFFRACTION' ? 1.422  ? 1210 ? f_angle_d          ? ? 
'X-RAY DIFFRACTION' ? 0.050  ? 143  ? f_chiral_restr     ? ? 
'X-RAY DIFFRACTION' ? 0.005  ? 153  ? f_plane_restr      ? ? 
'X-RAY DIFFRACTION' ? 15.207 ? 322  ? f_dihedral_angle_d ? ? 
# 
loop_
_refine_ls_shell.pdbx_refine_id 
_refine_ls_shell.d_res_high 
_refine_ls_shell.d_res_low 
_refine_ls_shell.number_reflns_all 
_refine_ls_shell.number_reflns_obs 
_refine_ls_shell.number_reflns_R_free 
_refine_ls_shell.number_reflns_R_work 
_refine_ls_shell.percent_reflns_obs 
_refine_ls_shell.percent_reflns_R_free 
_refine_ls_shell.R_factor_all 
_refine_ls_shell.R_factor_obs 
_refine_ls_shell.R_factor_R_free 
_refine_ls_shell.R_factor_R_free_error 
_refine_ls_shell.R_factor_R_work 
_refine_ls_shell.redundancy_reflns_all 
_refine_ls_shell.redundancy_reflns_obs 
_refine_ls_shell.wR_factor_all 
_refine_ls_shell.wR_factor_obs 
_refine_ls_shell.wR_factor_R_free 
_refine_ls_shell.wR_factor_R_work 
_refine_ls_shell.pdbx_total_number_of_bins_used 
_refine_ls_shell.pdbx_phase_error 
_refine_ls_shell.pdbx_fsc_work 
_refine_ls_shell.pdbx_fsc_free 
'X-RAY DIFFRACTION' 2.4375 3.0698  3039 . 153 2886 99.0000  . . . 0.2745 . 0.2275 . . . . . . 2 . . . 
'X-RAY DIFFRACTION' 3.0698 22.5354 3219 . 137 3082 100.0000 . . . 0.2145 . 0.1707 . . . . . . 2 . . . 
# 
_struct.entry_id                     5C94 
_struct.title                        'Infectious bronchitis virus nsp9' 
_struct.pdbx_model_details           ? 
_struct.pdbx_formula_weight          ? 
_struct.pdbx_formula_weight_method   ? 
_struct.pdbx_model_type_details      ? 
_struct.pdbx_CASP_flag               ? 
# 
_struct_keywords.entry_id        5C94 
_struct_keywords.text            'Coronaviurs RNA replicase, NSP, Homodimer, RNA binding protein, HYDROLASE' 
_struct_keywords.pdbx_keywords   HYDROLASE 
# 
loop_
_struct_asym.id 
_struct_asym.pdbx_blank_PDB_chainid_flag 
_struct_asym.pdbx_modified 
_struct_asym.entity_id 
_struct_asym.details 
A N N 1 ? 
B N N 2 ? 
C N N 2 ? 
D N N 3 ? 
E N N 4 ? 
# 
_struct_ref.db_code                    R1AB_IBVM 
_struct_ref.db_name                    UNP 
_struct_ref.details                    ? 
_struct_ref.entity_id                  1 
_struct_ref.id                         1 
_struct_ref.seq_align                  ? 
_struct_ref.seq_dif                    ? 
_struct_ref.pdbx_db_accession          P0C6Y3 
_struct_ref.pdbx_db_isoform            ? 
_struct_ref.pdbx_seq_one_letter_code   
;NNELMPHGVKTKACVAGVDQAHCSVESKCYYTSISGSSVVAAITSSNPNLKVASFLNEAGNQIYVDLDPPCKFGMKVGDK
VEVVYLYFIKNTRSIVRGMVLGAISNVVVLQ
;
_struct_ref.pdbx_align_begin           3675 
_struct_ref.pdbx_align_end             ? 
# 
_struct_ref_seq.align_id                      1 
_struct_ref_seq.ref_id                        1 
_struct_ref_seq.pdbx_PDB_id_code              5C94 
_struct_ref_seq.pdbx_strand_id                A 
_struct_ref_seq.seq_align_beg                 6 
_struct_ref_seq.pdbx_seq_align_beg_ins_code   ? 
_struct_ref_seq.seq_align_end                 116 
_struct_ref_seq.pdbx_seq_align_end_ins_code   ? 
_struct_ref_seq.pdbx_db_accession             P0C6Y3 
_struct_ref_seq.db_align_beg                  3675 
_struct_ref_seq.pdbx_db_align_beg_ins_code    ? 
_struct_ref_seq.db_align_end                  3785 
_struct_ref_seq.pdbx_db_align_end_ins_code    ? 
_struct_ref_seq.pdbx_auth_seq_align_beg       1 
_struct_ref_seq.pdbx_auth_seq_align_end       111 
# 
loop_
_struct_ref_seq_dif.align_id 
_struct_ref_seq_dif.pdbx_pdb_id_code 
_struct_ref_seq_dif.mon_id 
_struct_ref_seq_dif.pdbx_pdb_strand_id 
_struct_ref_seq_dif.seq_num 
_struct_ref_seq_dif.pdbx_pdb_ins_code 
_struct_ref_seq_dif.pdbx_seq_db_name 
_struct_ref_seq_dif.pdbx_seq_db_accession_code 
_struct_ref_seq_dif.db_mon_id 
_struct_ref_seq_dif.pdbx_seq_db_seq_num 
_struct_ref_seq_dif.details 
_struct_ref_seq_dif.pdbx_auth_seq_num 
_struct_ref_seq_dif.pdbx_ordinal 
1 5C94 GLY A 1 ? UNP P0C6Y3 ? ? 'expression tag' -4 1 
1 5C94 PRO A 2 ? UNP P0C6Y3 ? ? 'expression tag' -3 2 
1 5C94 LEU A 3 ? UNP P0C6Y3 ? ? 'expression tag' -2 3 
1 5C94 GLY A 4 ? UNP P0C6Y3 ? ? 'expression tag' -1 4 
1 5C94 SER A 5 ? UNP P0C6Y3 ? ? 'expression tag' 0  5 
# 
_pdbx_struct_assembly.id                   1 
_pdbx_struct_assembly.details              author_and_software_defined_assembly 
_pdbx_struct_assembly.method_details       PISA 
_pdbx_struct_assembly.oligomeric_details   dimeric 
_pdbx_struct_assembly.oligomeric_count     2 
# 
loop_
_pdbx_struct_assembly_prop.biol_id 
_pdbx_struct_assembly_prop.type 
_pdbx_struct_assembly_prop.value 
_pdbx_struct_assembly_prop.details 
1 'ABSA (A^2)' 3250  ? 
1 MORE         -12   ? 
1 'SSA (A^2)'  11180 ? 
# 
_pdbx_struct_assembly_gen.assembly_id       1 
_pdbx_struct_assembly_gen.oper_expression   1,2 
_pdbx_struct_assembly_gen.asym_id_list      A,B,C,D,E 
# 
loop_
_pdbx_struct_oper_list.id 
_pdbx_struct_oper_list.type 
_pdbx_struct_oper_list.name 
_pdbx_struct_oper_list.symmetry_operation 
_pdbx_struct_oper_list.matrix[1][1] 
_pdbx_struct_oper_list.matrix[1][2] 
_pdbx_struct_oper_list.matrix[1][3] 
_pdbx_struct_oper_list.vector[1] 
_pdbx_struct_oper_list.matrix[2][1] 
_pdbx_struct_oper_list.matrix[2][2] 
_pdbx_struct_oper_list.matrix[2][3] 
_pdbx_struct_oper_list.vector[2] 
_pdbx_struct_oper_list.matrix[3][1] 
_pdbx_struct_oper_list.matrix[3][2] 
_pdbx_struct_oper_list.matrix[3][3] 
_pdbx_struct_oper_list.vector[3] 
1 'identity operation'         1_555  x,y,z              1.0000000000  0.0000000000  0.0000000000  0.0000000000   0.0000000000  1.0000000000  0.0000000000 0.0000000000 0.0000000000  0.0000000000 1.0000000000  0.0000000000   
2 'crystal symmetry operation' 46_465 z-1/2,-y+3/2,x+1/2 -0.6094552583 -0.5114907366 -0.6057569765 -14.0025496942 -0.5114907366 -0.3301080628 0.7933510530 8.3930937077 -0.6057569765 0.7933510530 -0.0604366790 -16.1147328314 
# 
loop_
_struct_conf.conf_type_id 
_struct_conf.id 
_struct_conf.pdbx_PDB_helix_id 
_struct_conf.beg_label_comp_id 
_struct_conf.beg_label_asym_id 
_struct_conf.beg_label_seq_id 
_struct_conf.pdbx_beg_PDB_ins_code 
_struct_conf.end_label_comp_id 
_struct_conf.end_label_asym_id 
_struct_conf.end_label_seq_id 
_struct_conf.pdbx_end_PDB_ins_code 
_struct_conf.beg_auth_comp_id 
_struct_conf.beg_auth_asym_id 
_struct_conf.beg_auth_seq_id 
_struct_conf.end_auth_comp_id 
_struct_conf.end_auth_asym_id 
_struct_conf.end_auth_seq_id 
_struct_conf.pdbx_PDB_helix_class 
_struct_conf.details 
_struct_conf.pdbx_PDB_helix_length 
HELX_P HELX_P1 AA1 ASP A 24 ? CYS A 28  ? ASP A 19 CYS A 23  5 ? 5  
HELX_P HELX_P2 AA2 ARG A 98 ? SER A 110 ? ARG A 93 SER A 105 1 ? 13 
# 
_struct_conf_type.id          HELX_P 
_struct_conf_type.criteria    ? 
_struct_conf_type.reference   ? 
# 
_struct_mon_prot_cis.pdbx_id                1 
_struct_mon_prot_cis.label_comp_id          ASN 
_struct_mon_prot_cis.label_seq_id           7 
_struct_mon_prot_cis.label_asym_id          A 
_struct_mon_prot_cis.label_alt_id           . 
_struct_mon_prot_cis.pdbx_PDB_ins_code      ? 
_struct_mon_prot_cis.auth_comp_id           ASN 
_struct_mon_prot_cis.auth_seq_id            2 
_struct_mon_prot_cis.auth_asym_id           A 
_struct_mon_prot_cis.pdbx_label_comp_id_2   GLU 
_struct_mon_prot_cis.pdbx_label_seq_id_2    8 
_struct_mon_prot_cis.pdbx_label_asym_id_2   A 
_struct_mon_prot_cis.pdbx_PDB_ins_code_2    ? 
_struct_mon_prot_cis.pdbx_auth_comp_id_2    GLU 
_struct_mon_prot_cis.pdbx_auth_seq_id_2     3 
_struct_mon_prot_cis.pdbx_auth_asym_id_2    A 
_struct_mon_prot_cis.pdbx_PDB_model_num     1 
_struct_mon_prot_cis.pdbx_omega_angle       -4.44 
# 
_struct_sheet.id               AA1 
_struct_sheet.type             ? 
_struct_sheet.number_strands   8 
_struct_sheet.details          ? 
# 
loop_
_struct_sheet_order.sheet_id 
_struct_sheet_order.range_id_1 
_struct_sheet_order.range_id_2 
_struct_sheet_order.offset 
_struct_sheet_order.sense 
AA1 1 2 ? anti-parallel 
AA1 2 3 ? anti-parallel 
AA1 3 4 ? anti-parallel 
AA1 4 5 ? anti-parallel 
AA1 5 6 ? anti-parallel 
AA1 6 7 ? anti-parallel 
AA1 7 8 ? anti-parallel 
# 
loop_
_struct_sheet_range.sheet_id 
_struct_sheet_range.id 
_struct_sheet_range.beg_label_comp_id 
_struct_sheet_range.beg_label_asym_id 
_struct_sheet_range.beg_label_seq_id 
_struct_sheet_range.pdbx_beg_PDB_ins_code 
_struct_sheet_range.end_label_comp_id 
_struct_sheet_range.end_label_asym_id 
_struct_sheet_range.end_label_seq_id 
_struct_sheet_range.pdbx_end_PDB_ins_code 
_struct_sheet_range.beg_auth_comp_id 
_struct_sheet_range.beg_auth_asym_id 
_struct_sheet_range.beg_auth_seq_id 
_struct_sheet_range.end_auth_comp_id 
_struct_sheet_range.end_auth_asym_id 
_struct_sheet_range.end_auth_seq_id 
AA1 1 GLN A 67  ? ASP A 71  ? GLN A 62  ASP A 66  
AA1 2 VAL A 57  ? LEU A 61  ? VAL A 52  LEU A 56  
AA1 3 HIS A 12  ? GLY A 22  ? HIS A 7   GLY A 17  
AA1 4 VAL A 30  ? ILE A 39  ? VAL A 25  ILE A 34  
AA1 5 SER A 42  ? SER A 50  ? SER A 37  SER A 45  
AA1 6 LYS A 85  ? PHE A 93  ? LYS A 80  PHE A 88  
AA1 7 CYS A 76  ? VAL A 82  ? CYS A 71  VAL A 77  
AA1 8 VAL A 113 ? LEU A 115 ? VAL A 108 LEU A 110 
# 
loop_
_pdbx_struct_sheet_hbond.sheet_id 
_pdbx_struct_sheet_hbond.range_id_1 
_pdbx_struct_sheet_hbond.range_id_2 
_pdbx_struct_sheet_hbond.range_1_label_atom_id 
_pdbx_struct_sheet_hbond.range_1_label_comp_id 
_pdbx_struct_sheet_hbond.range_1_label_asym_id 
_pdbx_struct_sheet_hbond.range_1_label_seq_id 
_pdbx_struct_sheet_hbond.range_1_PDB_ins_code 
_pdbx_struct_sheet_hbond.range_1_auth_atom_id 
_pdbx_struct_sheet_hbond.range_1_auth_comp_id 
_pdbx_struct_sheet_hbond.range_1_auth_asym_id 
_pdbx_struct_sheet_hbond.range_1_auth_seq_id 
_pdbx_struct_sheet_hbond.range_2_label_atom_id 
_pdbx_struct_sheet_hbond.range_2_label_comp_id 
_pdbx_struct_sheet_hbond.range_2_label_asym_id 
_pdbx_struct_sheet_hbond.range_2_label_seq_id 
_pdbx_struct_sheet_hbond.range_2_PDB_ins_code 
_pdbx_struct_sheet_hbond.range_2_auth_atom_id 
_pdbx_struct_sheet_hbond.range_2_auth_comp_id 
_pdbx_struct_sheet_hbond.range_2_auth_asym_id 
_pdbx_struct_sheet_hbond.range_2_auth_seq_id 
AA1 1 2 O ILE A 68 ? O ILE A 63 N PHE A 60  ? N PHE A 55  
AA1 2 3 O SER A 59 ? O SER A 54 N VAL A 20  ? N VAL A 15  
AA1 3 4 N LYS A 15 ? N LYS A 10 O TYR A 36  ? O TYR A 31  
AA1 4 5 N ILE A 39 ? N ILE A 34 O SER A 42  ? O SER A 37  
AA1 5 6 N SER A 50 ? N SER A 45 O TYR A 90  ? O TYR A 85  
AA1 6 7 O LYS A 85 ? O LYS A 80 N VAL A 82  ? N VAL A 77  
AA1 7 8 N GLY A 79 ? N GLY A 74 O VAL A 114 ? O VAL A 109 
# 
loop_
_struct_site.id 
_struct_site.pdbx_evidence_code 
_struct_site.pdbx_auth_asym_id 
_struct_site.pdbx_auth_comp_id 
_struct_site.pdbx_auth_seq_id 
_struct_site.pdbx_auth_ins_code 
_struct_site.pdbx_num_residues 
_struct_site.details 
AC1 Software A PEG 201 ? 7 'binding site for residue PEG A 201' 
AC2 Software A PEG 202 ? 7 'binding site for residue PEG A 202' 
AC3 Software A GOL 203 ? 5 'binding site for residue GOL A 203' 
# 
loop_
_struct_site_gen.id 
_struct_site_gen.site_id 
_struct_site_gen.pdbx_num_res 
_struct_site_gen.label_comp_id 
_struct_site_gen.label_asym_id 
_struct_site_gen.label_seq_id 
_struct_site_gen.pdbx_auth_ins_code 
_struct_site_gen.auth_comp_id 
_struct_site_gen.auth_asym_id 
_struct_site_gen.auth_seq_id 
_struct_site_gen.label_atom_id 
_struct_site_gen.label_alt_id 
_struct_site_gen.symmetry 
_struct_site_gen.details 
1  AC1 7 VAL A 20  ? VAL A 15  . ? 1_555  ? 
2  AC1 7 HIS A 27  ? HIS A 22  . ? 15_465 ? 
3  AC1 7 CYS A 28  ? CYS A 23  . ? 1_555  ? 
4  AC1 7 SER A 29  ? SER A 24  . ? 15_465 ? 
5  AC1 7 SER A 29  ? SER A 24  . ? 1_555  ? 
6  AC1 7 GLU A 31  ? GLU A 26  . ? 1_555  ? 
7  AC1 7 HOH E .   ? HOH A 309 . ? 1_555  ? 
8  AC2 7 PRO A 11  ? PRO A 6   . ? 46_465 ? 
9  AC2 7 HIS A 12  ? HIS A 7   . ? 46_465 ? 
10 AC2 7 GLY A 13  ? GLY A 8   . ? 46_465 ? 
11 AC2 7 LEU A 106 ? LEU A 101 . ? 1_555  ? 
12 AC2 7 SER A 110 ? SER A 105 . ? 1_555  ? 
13 AC2 7 VAL A 113 ? VAL A 108 . ? 1_555  ? 
14 AC2 7 GLN A 116 ? GLN A 111 . ? 1_555  ? 
15 AC3 5 ASN A 7   ? ASN A 2   . ? 1_555  ? 
16 AC3 5 ARG A 98  ? ARG A 93  . ? 1_555  ? 
17 AC3 5 SER A 99  ? SER A 94  . ? 1_555  ? 
18 AC3 5 SER A 99  ? SER A 94  . ? 46_465 ? 
19 AC3 5 ILE A 100 ? ILE A 95  . ? 1_555  ? 
# 
loop_
_pdbx_validate_rmsd_angle.id 
_pdbx_validate_rmsd_angle.PDB_model_num 
_pdbx_validate_rmsd_angle.auth_atom_id_1 
_pdbx_validate_rmsd_angle.auth_asym_id_1 
_pdbx_validate_rmsd_angle.auth_comp_id_1 
_pdbx_validate_rmsd_angle.auth_seq_id_1 
_pdbx_validate_rmsd_angle.PDB_ins_code_1 
_pdbx_validate_rmsd_angle.label_alt_id_1 
_pdbx_validate_rmsd_angle.auth_atom_id_2 
_pdbx_validate_rmsd_angle.auth_asym_id_2 
_pdbx_validate_rmsd_angle.auth_comp_id_2 
_pdbx_validate_rmsd_angle.auth_seq_id_2 
_pdbx_validate_rmsd_angle.PDB_ins_code_2 
_pdbx_validate_rmsd_angle.label_alt_id_2 
_pdbx_validate_rmsd_angle.auth_atom_id_3 
_pdbx_validate_rmsd_angle.auth_asym_id_3 
_pdbx_validate_rmsd_angle.auth_comp_id_3 
_pdbx_validate_rmsd_angle.auth_seq_id_3 
_pdbx_validate_rmsd_angle.PDB_ins_code_3 
_pdbx_validate_rmsd_angle.label_alt_id_3 
_pdbx_validate_rmsd_angle.angle_value 
_pdbx_validate_rmsd_angle.angle_target_value 
_pdbx_validate_rmsd_angle.angle_deviation 
_pdbx_validate_rmsd_angle.angle_standard_deviation 
_pdbx_validate_rmsd_angle.linker_flag 
1 1 CB A SER 0 ? ? CA A SER 0 ? ? C A SER 0 ? ? 95.05  110.10 -15.05 1.90 N 
2 1 N  A SER 0 ? ? CA A SER 0 ? ? C A SER 0 ? ? 132.71 111.00 21.71  2.70 N 
# 
loop_
_pdbx_validate_torsion.id 
_pdbx_validate_torsion.PDB_model_num 
_pdbx_validate_torsion.auth_comp_id 
_pdbx_validate_torsion.auth_asym_id 
_pdbx_validate_torsion.auth_seq_id 
_pdbx_validate_torsion.PDB_ins_code 
_pdbx_validate_torsion.label_alt_id 
_pdbx_validate_torsion.phi 
_pdbx_validate_torsion.psi 
1 1 ASN A 2 ? ? 52.26   -136.52 
2 1 GLU A 3 ? ? -138.70 -61.25  
# 
_pdbx_refine_tls.id               1 
_pdbx_refine_tls.pdbx_refine_id   'X-RAY DIFFRACTION' 
_pdbx_refine_tls.details          ? 
_pdbx_refine_tls.method           refined 
_pdbx_refine_tls.origin_x         0.1325 
_pdbx_refine_tls.origin_y         -0.3275 
_pdbx_refine_tls.origin_z         0.3476 
_pdbx_refine_tls.T[1][1]          0.1319 
_pdbx_refine_tls.T[1][1]_esd      ? 
_pdbx_refine_tls.T[1][2]          -0.0164 
_pdbx_refine_tls.T[1][2]_esd      ? 
_pdbx_refine_tls.T[1][3]          0.0040 
_pdbx_refine_tls.T[1][3]_esd      ? 
_pdbx_refine_tls.T[2][2]          0.1162 
_pdbx_refine_tls.T[2][2]_esd      ? 
_pdbx_refine_tls.T[2][3]          0.0481 
_pdbx_refine_tls.T[2][3]_esd      ? 
_pdbx_refine_tls.T[3][3]          0.1332 
_pdbx_refine_tls.T[3][3]_esd      ? 
_pdbx_refine_tls.L[1][1]          0.8601 
_pdbx_refine_tls.L[1][1]_esd      ? 
_pdbx_refine_tls.L[1][2]          0.0152 
_pdbx_refine_tls.L[1][2]_esd      ? 
_pdbx_refine_tls.L[1][3]          0.2620 
_pdbx_refine_tls.L[1][3]_esd      ? 
_pdbx_refine_tls.L[2][2]          0.9350 
_pdbx_refine_tls.L[2][2]_esd      ? 
_pdbx_refine_tls.L[2][3]          -0.2207 
_pdbx_refine_tls.L[2][3]_esd      ? 
_pdbx_refine_tls.L[3][3]          0.5439 
_pdbx_refine_tls.L[3][3]_esd      ? 
_pdbx_refine_tls.S[1][1]          -0.0561 
_pdbx_refine_tls.S[1][1]_esd      ? 
_pdbx_refine_tls.S[1][2]          -0.0284 
_pdbx_refine_tls.S[1][2]_esd      ? 
_pdbx_refine_tls.S[1][3]          0.0940 
_pdbx_refine_tls.S[1][3]_esd      ? 
_pdbx_refine_tls.S[2][1]          0.0107 
_pdbx_refine_tls.S[2][1]_esd      ? 
_pdbx_refine_tls.S[2][2]          -0.0542 
_pdbx_refine_tls.S[2][2]_esd      ? 
_pdbx_refine_tls.S[2][3]          -0.0554 
_pdbx_refine_tls.S[2][3]_esd      ? 
_pdbx_refine_tls.S[3][1]          -0.0989 
_pdbx_refine_tls.S[3][1]_esd      ? 
_pdbx_refine_tls.S[3][2]          0.0511 
_pdbx_refine_tls.S[3][2]_esd      ? 
_pdbx_refine_tls.S[3][3]          0.1182 
_pdbx_refine_tls.S[3][3]_esd      ? 
# 
_pdbx_refine_tls_group.id                  1 
_pdbx_refine_tls_group.pdbx_refine_id      'X-RAY DIFFRACTION' 
_pdbx_refine_tls_group.refine_tls_id       1 
_pdbx_refine_tls_group.beg_label_asym_id   ? 
_pdbx_refine_tls_group.beg_label_seq_id    ? 
_pdbx_refine_tls_group.beg_auth_asym_id    A 
_pdbx_refine_tls_group.beg_auth_seq_id     -4 
_pdbx_refine_tls_group.end_label_asym_id   ? 
_pdbx_refine_tls_group.end_label_seq_id    ? 
_pdbx_refine_tls_group.end_auth_asym_id    A 
_pdbx_refine_tls_group.end_auth_seq_id     111 
_pdbx_refine_tls_group.selection           ? 
_pdbx_refine_tls_group.selection_details   'chain A and resseq -4:111' 
# 
loop_
_chem_comp_atom.comp_id 
_chem_comp_atom.atom_id 
_chem_comp_atom.type_symbol 
_chem_comp_atom.pdbx_aromatic_flag 
_chem_comp_atom.pdbx_stereo_config 
_chem_comp_atom.pdbx_ordinal 
ALA N    N N N 1   
ALA CA   C N S 2   
ALA C    C N N 3   
ALA O    O N N 4   
ALA CB   C N N 5   
ALA OXT  O N N 6   
ALA H    H N N 7   
ALA H2   H N N 8   
ALA HA   H N N 9   
ALA HB1  H N N 10  
ALA HB2  H N N 11  
ALA HB3  H N N 12  
ALA HXT  H N N 13  
ARG N    N N N 14  
ARG CA   C N S 15  
ARG C    C N N 16  
ARG O    O N N 17  
ARG CB   C N N 18  
ARG CG   C N N 19  
ARG CD   C N N 20  
ARG NE   N N N 21  
ARG CZ   C N N 22  
ARG NH1  N N N 23  
ARG NH2  N N N 24  
ARG OXT  O N N 25  
ARG H    H N N 26  
ARG H2   H N N 27  
ARG HA   H N N 28  
ARG HB2  H N N 29  
ARG HB3  H N N 30  
ARG HG2  H N N 31  
ARG HG3  H N N 32  
ARG HD2  H N N 33  
ARG HD3  H N N 34  
ARG HE   H N N 35  
ARG HH11 H N N 36  
ARG HH12 H N N 37  
ARG HH21 H N N 38  
ARG HH22 H N N 39  
ARG HXT  H N N 40  
ASN N    N N N 41  
ASN CA   C N S 42  
ASN C    C N N 43  
ASN O    O N N 44  
ASN CB   C N N 45  
ASN CG   C N N 46  
ASN OD1  O N N 47  
ASN ND2  N N N 48  
ASN OXT  O N N 49  
ASN H    H N N 50  
ASN H2   H N N 51  
ASN HA   H N N 52  
ASN HB2  H N N 53  
ASN HB3  H N N 54  
ASN HD21 H N N 55  
ASN HD22 H N N 56  
ASN HXT  H N N 57  
ASP N    N N N 58  
ASP CA   C N S 59  
ASP C    C N N 60  
ASP O    O N N 61  
ASP CB   C N N 62  
ASP CG   C N N 63  
ASP OD1  O N N 64  
ASP OD2  O N N 65  
ASP OXT  O N N 66  
ASP H    H N N 67  
ASP H2   H N N 68  
ASP HA   H N N 69  
ASP HB2  H N N 70  
ASP HB3  H N N 71  
ASP HD2  H N N 72  
ASP HXT  H N N 73  
CYS N    N N N 74  
CYS CA   C N R 75  
CYS C    C N N 76  
CYS O    O N N 77  
CYS CB   C N N 78  
CYS SG   S N N 79  
CYS OXT  O N N 80  
CYS H    H N N 81  
CYS H2   H N N 82  
CYS HA   H N N 83  
CYS HB2  H N N 84  
CYS HB3  H N N 85  
CYS HG   H N N 86  
CYS HXT  H N N 87  
GLN N    N N N 88  
GLN CA   C N S 89  
GLN C    C N N 90  
GLN O    O N N 91  
GLN CB   C N N 92  
GLN CG   C N N 93  
GLN CD   C N N 94  
GLN OE1  O N N 95  
GLN NE2  N N N 96  
GLN OXT  O N N 97  
GLN H    H N N 98  
GLN H2   H N N 99  
GLN HA   H N N 100 
GLN HB2  H N N 101 
GLN HB3  H N N 102 
GLN HG2  H N N 103 
GLN HG3  H N N 104 
GLN HE21 H N N 105 
GLN HE22 H N N 106 
GLN HXT  H N N 107 
GLU N    N N N 108 
GLU CA   C N S 109 
GLU C    C N N 110 
GLU O    O N N 111 
GLU CB   C N N 112 
GLU CG   C N N 113 
GLU CD   C N N 114 
GLU OE1  O N N 115 
GLU OE2  O N N 116 
GLU OXT  O N N 117 
GLU H    H N N 118 
GLU H2   H N N 119 
GLU HA   H N N 120 
GLU HB2  H N N 121 
GLU HB3  H N N 122 
GLU HG2  H N N 123 
GLU HG3  H N N 124 
GLU HE2  H N N 125 
GLU HXT  H N N 126 
GLY N    N N N 127 
GLY CA   C N N 128 
GLY C    C N N 129 
GLY O    O N N 130 
GLY OXT  O N N 131 
GLY H    H N N 132 
GLY H2   H N N 133 
GLY HA2  H N N 134 
GLY HA3  H N N 135 
GLY HXT  H N N 136 
GOL C1   C N N 137 
GOL O1   O N N 138 
GOL C2   C N N 139 
GOL O2   O N N 140 
GOL C3   C N N 141 
GOL O3   O N N 142 
GOL H11  H N N 143 
GOL H12  H N N 144 
GOL HO1  H N N 145 
GOL H2   H N N 146 
GOL HO2  H N N 147 
GOL H31  H N N 148 
GOL H32  H N N 149 
GOL HO3  H N N 150 
HIS N    N N N 151 
HIS CA   C N S 152 
HIS C    C N N 153 
HIS O    O N N 154 
HIS CB   C N N 155 
HIS CG   C Y N 156 
HIS ND1  N Y N 157 
HIS CD2  C Y N 158 
HIS CE1  C Y N 159 
HIS NE2  N Y N 160 
HIS OXT  O N N 161 
HIS H    H N N 162 
HIS H2   H N N 163 
HIS HA   H N N 164 
HIS HB2  H N N 165 
HIS HB3  H N N 166 
HIS HD1  H N N 167 
HIS HD2  H N N 168 
HIS HE1  H N N 169 
HIS HE2  H N N 170 
HIS HXT  H N N 171 
HOH O    O N N 172 
HOH H1   H N N 173 
HOH H2   H N N 174 
ILE N    N N N 175 
ILE CA   C N S 176 
ILE C    C N N 177 
ILE O    O N N 178 
ILE CB   C N S 179 
ILE CG1  C N N 180 
ILE CG2  C N N 181 
ILE CD1  C N N 182 
ILE OXT  O N N 183 
ILE H    H N N 184 
ILE H2   H N N 185 
ILE HA   H N N 186 
ILE HB   H N N 187 
ILE HG12 H N N 188 
ILE HG13 H N N 189 
ILE HG21 H N N 190 
ILE HG22 H N N 191 
ILE HG23 H N N 192 
ILE HD11 H N N 193 
ILE HD12 H N N 194 
ILE HD13 H N N 195 
ILE HXT  H N N 196 
LEU N    N N N 197 
LEU CA   C N S 198 
LEU C    C N N 199 
LEU O    O N N 200 
LEU CB   C N N 201 
LEU CG   C N N 202 
LEU CD1  C N N 203 
LEU CD2  C N N 204 
LEU OXT  O N N 205 
LEU H    H N N 206 
LEU H2   H N N 207 
LEU HA   H N N 208 
LEU HB2  H N N 209 
LEU HB3  H N N 210 
LEU HG   H N N 211 
LEU HD11 H N N 212 
LEU HD12 H N N 213 
LEU HD13 H N N 214 
LEU HD21 H N N 215 
LEU HD22 H N N 216 
LEU HD23 H N N 217 
LEU HXT  H N N 218 
LYS N    N N N 219 
LYS CA   C N S 220 
LYS C    C N N 221 
LYS O    O N N 222 
LYS CB   C N N 223 
LYS CG   C N N 224 
LYS CD   C N N 225 
LYS CE   C N N 226 
LYS NZ   N N N 227 
LYS OXT  O N N 228 
LYS H    H N N 229 
LYS H2   H N N 230 
LYS HA   H N N 231 
LYS HB2  H N N 232 
LYS HB3  H N N 233 
LYS HG2  H N N 234 
LYS HG3  H N N 235 
LYS HD2  H N N 236 
LYS HD3  H N N 237 
LYS HE2  H N N 238 
LYS HE3  H N N 239 
LYS HZ1  H N N 240 
LYS HZ2  H N N 241 
LYS HZ3  H N N 242 
LYS HXT  H N N 243 
MET N    N N N 244 
MET CA   C N S 245 
MET C    C N N 246 
MET O    O N N 247 
MET CB   C N N 248 
MET CG   C N N 249 
MET SD   S N N 250 
MET CE   C N N 251 
MET OXT  O N N 252 
MET H    H N N 253 
MET H2   H N N 254 
MET HA   H N N 255 
MET HB2  H N N 256 
MET HB3  H N N 257 
MET HG2  H N N 258 
MET HG3  H N N 259 
MET HE1  H N N 260 
MET HE2  H N N 261 
MET HE3  H N N 262 
MET HXT  H N N 263 
PEG C1   C N N 264 
PEG O1   O N N 265 
PEG C2   C N N 266 
PEG O2   O N N 267 
PEG C3   C N N 268 
PEG C4   C N N 269 
PEG O4   O N N 270 
PEG H11  H N N 271 
PEG H12  H N N 272 
PEG HO1  H N N 273 
PEG H21  H N N 274 
PEG H22  H N N 275 
PEG H31  H N N 276 
PEG H32  H N N 277 
PEG H41  H N N 278 
PEG H42  H N N 279 
PEG HO4  H N N 280 
PHE N    N N N 281 
PHE CA   C N S 282 
PHE C    C N N 283 
PHE O    O N N 284 
PHE CB   C N N 285 
PHE CG   C Y N 286 
PHE CD1  C Y N 287 
PHE CD2  C Y N 288 
PHE CE1  C Y N 289 
PHE CE2  C Y N 290 
PHE CZ   C Y N 291 
PHE OXT  O N N 292 
PHE H    H N N 293 
PHE H2   H N N 294 
PHE HA   H N N 295 
PHE HB2  H N N 296 
PHE HB3  H N N 297 
PHE HD1  H N N 298 
PHE HD2  H N N 299 
PHE HE1  H N N 300 
PHE HE2  H N N 301 
PHE HZ   H N N 302 
PHE HXT  H N N 303 
PRO N    N N N 304 
PRO CA   C N S 305 
PRO C    C N N 306 
PRO O    O N N 307 
PRO CB   C N N 308 
PRO CG   C N N 309 
PRO CD   C N N 310 
PRO OXT  O N N 311 
PRO H    H N N 312 
PRO HA   H N N 313 
PRO HB2  H N N 314 
PRO HB3  H N N 315 
PRO HG2  H N N 316 
PRO HG3  H N N 317 
PRO HD2  H N N 318 
PRO HD3  H N N 319 
PRO HXT  H N N 320 
SER N    N N N 321 
SER CA   C N S 322 
SER C    C N N 323 
SER O    O N N 324 
SER CB   C N N 325 
SER OG   O N N 326 
SER OXT  O N N 327 
SER H    H N N 328 
SER H2   H N N 329 
SER HA   H N N 330 
SER HB2  H N N 331 
SER HB3  H N N 332 
SER HG   H N N 333 
SER HXT  H N N 334 
THR N    N N N 335 
THR CA   C N S 336 
THR C    C N N 337 
THR O    O N N 338 
THR CB   C N R 339 
THR OG1  O N N 340 
THR CG2  C N N 341 
THR OXT  O N N 342 
THR H    H N N 343 
THR H2   H N N 344 
THR HA   H N N 345 
THR HB   H N N 346 
THR HG1  H N N 347 
THR HG21 H N N 348 
THR HG22 H N N 349 
THR HG23 H N N 350 
THR HXT  H N N 351 
TYR N    N N N 352 
TYR CA   C N S 353 
TYR C    C N N 354 
TYR O    O N N 355 
TYR CB   C N N 356 
TYR CG   C Y N 357 
TYR CD1  C Y N 358 
TYR CD2  C Y N 359 
TYR CE1  C Y N 360 
TYR CE2  C Y N 361 
TYR CZ   C Y N 362 
TYR OH   O N N 363 
TYR OXT  O N N 364 
TYR H    H N N 365 
TYR H2   H N N 366 
TYR HA   H N N 367 
TYR HB2  H N N 368 
TYR HB3  H N N 369 
TYR HD1  H N N 370 
TYR HD2  H N N 371 
TYR HE1  H N N 372 
TYR HE2  H N N 373 
TYR HH   H N N 374 
TYR HXT  H N N 375 
VAL N    N N N 376 
VAL CA   C N S 377 
VAL C    C N N 378 
VAL O    O N N 379 
VAL CB   C N N 380 
VAL CG1  C N N 381 
VAL CG2  C N N 382 
VAL OXT  O N N 383 
VAL H    H N N 384 
VAL H2   H N N 385 
VAL HA   H N N 386 
VAL HB   H N N 387 
VAL HG11 H N N 388 
VAL HG12 H N N 389 
VAL HG13 H N N 390 
VAL HG21 H N N 391 
VAL HG22 H N N 392 
VAL HG23 H N N 393 
VAL HXT  H N N 394 
# 
loop_
_chem_comp_bond.comp_id 
_chem_comp_bond.atom_id_1 
_chem_comp_bond.atom_id_2 
_chem_comp_bond.value_order 
_chem_comp_bond.pdbx_aromatic_flag 
_chem_comp_bond.pdbx_stereo_config 
_chem_comp_bond.pdbx_ordinal 
ALA N   CA   sing N N 1   
ALA N   H    sing N N 2   
ALA N   H2   sing N N 3   
ALA CA  C    sing N N 4   
ALA CA  CB   sing N N 5   
ALA CA  HA   sing N N 6   
ALA C   O    doub N N 7   
ALA C   OXT  sing N N 8   
ALA CB  HB1  sing N N 9   
ALA CB  HB2  sing N N 10  
ALA CB  HB3  sing N N 11  
ALA OXT HXT  sing N N 12  
ARG N   CA   sing N N 13  
ARG N   H    sing N N 14  
ARG N   H2   sing N N 15  
ARG CA  C    sing N N 16  
ARG CA  CB   sing N N 17  
ARG CA  HA   sing N N 18  
ARG C   O    doub N N 19  
ARG C   OXT  sing N N 20  
ARG CB  CG   sing N N 21  
ARG CB  HB2  sing N N 22  
ARG CB  HB3  sing N N 23  
ARG CG  CD   sing N N 24  
ARG CG  HG2  sing N N 25  
ARG CG  HG3  sing N N 26  
ARG CD  NE   sing N N 27  
ARG CD  HD2  sing N N 28  
ARG CD  HD3  sing N N 29  
ARG NE  CZ   sing N N 30  
ARG NE  HE   sing N N 31  
ARG CZ  NH1  sing N N 32  
ARG CZ  NH2  doub N N 33  
ARG NH1 HH11 sing N N 34  
ARG NH1 HH12 sing N N 35  
ARG NH2 HH21 sing N N 36  
ARG NH2 HH22 sing N N 37  
ARG OXT HXT  sing N N 38  
ASN N   CA   sing N N 39  
ASN N   H    sing N N 40  
ASN N   H2   sing N N 41  
ASN CA  C    sing N N 42  
ASN CA  CB   sing N N 43  
ASN CA  HA   sing N N 44  
ASN C   O    doub N N 45  
ASN C   OXT  sing N N 46  
ASN CB  CG   sing N N 47  
ASN CB  HB2  sing N N 48  
ASN CB  HB3  sing N N 49  
ASN CG  OD1  doub N N 50  
ASN CG  ND2  sing N N 51  
ASN ND2 HD21 sing N N 52  
ASN ND2 HD22 sing N N 53  
ASN OXT HXT  sing N N 54  
ASP N   CA   sing N N 55  
ASP N   H    sing N N 56  
ASP N   H2   sing N N 57  
ASP CA  C    sing N N 58  
ASP CA  CB   sing N N 59  
ASP CA  HA   sing N N 60  
ASP C   O    doub N N 61  
ASP C   OXT  sing N N 62  
ASP CB  CG   sing N N 63  
ASP CB  HB2  sing N N 64  
ASP CB  HB3  sing N N 65  
ASP CG  OD1  doub N N 66  
ASP CG  OD2  sing N N 67  
ASP OD2 HD2  sing N N 68  
ASP OXT HXT  sing N N 69  
CYS N   CA   sing N N 70  
CYS N   H    sing N N 71  
CYS N   H2   sing N N 72  
CYS CA  C    sing N N 73  
CYS CA  CB   sing N N 74  
CYS CA  HA   sing N N 75  
CYS C   O    doub N N 76  
CYS C   OXT  sing N N 77  
CYS CB  SG   sing N N 78  
CYS CB  HB2  sing N N 79  
CYS CB  HB3  sing N N 80  
CYS SG  HG   sing N N 81  
CYS OXT HXT  sing N N 82  
GLN N   CA   sing N N 83  
GLN N   H    sing N N 84  
GLN N   H2   sing N N 85  
GLN CA  C    sing N N 86  
GLN CA  CB   sing N N 87  
GLN CA  HA   sing N N 88  
GLN C   O    doub N N 89  
GLN C   OXT  sing N N 90  
GLN CB  CG   sing N N 91  
GLN CB  HB2  sing N N 92  
GLN CB  HB3  sing N N 93  
GLN CG  CD   sing N N 94  
GLN CG  HG2  sing N N 95  
GLN CG  HG3  sing N N 96  
GLN CD  OE1  doub N N 97  
GLN CD  NE2  sing N N 98  
GLN NE2 HE21 sing N N 99  
GLN NE2 HE22 sing N N 100 
GLN OXT HXT  sing N N 101 
GLU N   CA   sing N N 102 
GLU N   H    sing N N 103 
GLU N   H2   sing N N 104 
GLU CA  C    sing N N 105 
GLU CA  CB   sing N N 106 
GLU CA  HA   sing N N 107 
GLU C   O    doub N N 108 
GLU C   OXT  sing N N 109 
GLU CB  CG   sing N N 110 
GLU CB  HB2  sing N N 111 
GLU CB  HB3  sing N N 112 
GLU CG  CD   sing N N 113 
GLU CG  HG2  sing N N 114 
GLU CG  HG3  sing N N 115 
GLU CD  OE1  doub N N 116 
GLU CD  OE2  sing N N 117 
GLU OE2 HE2  sing N N 118 
GLU OXT HXT  sing N N 119 
GLY N   CA   sing N N 120 
GLY N   H    sing N N 121 
GLY N   H2   sing N N 122 
GLY CA  C    sing N N 123 
GLY CA  HA2  sing N N 124 
GLY CA  HA3  sing N N 125 
GLY C   O    doub N N 126 
GLY C   OXT  sing N N 127 
GLY OXT HXT  sing N N 128 
GOL C1  O1   sing N N 129 
GOL C1  C2   sing N N 130 
GOL C1  H11  sing N N 131 
GOL C1  H12  sing N N 132 
GOL O1  HO1  sing N N 133 
GOL C2  O2   sing N N 134 
GOL C2  C3   sing N N 135 
GOL C2  H2   sing N N 136 
GOL O2  HO2  sing N N 137 
GOL C3  O3   sing N N 138 
GOL C3  H31  sing N N 139 
GOL C3  H32  sing N N 140 
GOL O3  HO3  sing N N 141 
HIS N   CA   sing N N 142 
HIS N   H    sing N N 143 
HIS N   H2   sing N N 144 
HIS CA  C    sing N N 145 
HIS CA  CB   sing N N 146 
HIS CA  HA   sing N N 147 
HIS C   O    doub N N 148 
HIS C   OXT  sing N N 149 
HIS CB  CG   sing N N 150 
HIS CB  HB2  sing N N 151 
HIS CB  HB3  sing N N 152 
HIS CG  ND1  sing Y N 153 
HIS CG  CD2  doub Y N 154 
HIS ND1 CE1  doub Y N 155 
HIS ND1 HD1  sing N N 156 
HIS CD2 NE2  sing Y N 157 
HIS CD2 HD2  sing N N 158 
HIS CE1 NE2  sing Y N 159 
HIS CE1 HE1  sing N N 160 
HIS NE2 HE2  sing N N 161 
HIS OXT HXT  sing N N 162 
HOH O   H1   sing N N 163 
HOH O   H2   sing N N 164 
ILE N   CA   sing N N 165 
ILE N   H    sing N N 166 
ILE N   H2   sing N N 167 
ILE CA  C    sing N N 168 
ILE CA  CB   sing N N 169 
ILE CA  HA   sing N N 170 
ILE C   O    doub N N 171 
ILE C   OXT  sing N N 172 
ILE CB  CG1  sing N N 173 
ILE CB  CG2  sing N N 174 
ILE CB  HB   sing N N 175 
ILE CG1 CD1  sing N N 176 
ILE CG1 HG12 sing N N 177 
ILE CG1 HG13 sing N N 178 
ILE CG2 HG21 sing N N 179 
ILE CG2 HG22 sing N N 180 
ILE CG2 HG23 sing N N 181 
ILE CD1 HD11 sing N N 182 
ILE CD1 HD12 sing N N 183 
ILE CD1 HD13 sing N N 184 
ILE OXT HXT  sing N N 185 
LEU N   CA   sing N N 186 
LEU N   H    sing N N 187 
LEU N   H2   sing N N 188 
LEU CA  C    sing N N 189 
LEU CA  CB   sing N N 190 
LEU CA  HA   sing N N 191 
LEU C   O    doub N N 192 
LEU C   OXT  sing N N 193 
LEU CB  CG   sing N N 194 
LEU CB  HB2  sing N N 195 
LEU CB  HB3  sing N N 196 
LEU CG  CD1  sing N N 197 
LEU CG  CD2  sing N N 198 
LEU CG  HG   sing N N 199 
LEU CD1 HD11 sing N N 200 
LEU CD1 HD12 sing N N 201 
LEU CD1 HD13 sing N N 202 
LEU CD2 HD21 sing N N 203 
LEU CD2 HD22 sing N N 204 
LEU CD2 HD23 sing N N 205 
LEU OXT HXT  sing N N 206 
LYS N   CA   sing N N 207 
LYS N   H    sing N N 208 
LYS N   H2   sing N N 209 
LYS CA  C    sing N N 210 
LYS CA  CB   sing N N 211 
LYS CA  HA   sing N N 212 
LYS C   O    doub N N 213 
LYS C   OXT  sing N N 214 
LYS CB  CG   sing N N 215 
LYS CB  HB2  sing N N 216 
LYS CB  HB3  sing N N 217 
LYS CG  CD   sing N N 218 
LYS CG  HG2  sing N N 219 
LYS CG  HG3  sing N N 220 
LYS CD  CE   sing N N 221 
LYS CD  HD2  sing N N 222 
LYS CD  HD3  sing N N 223 
LYS CE  NZ   sing N N 224 
LYS CE  HE2  sing N N 225 
LYS CE  HE3  sing N N 226 
LYS NZ  HZ1  sing N N 227 
LYS NZ  HZ2  sing N N 228 
LYS NZ  HZ3  sing N N 229 
LYS OXT HXT  sing N N 230 
MET N   CA   sing N N 231 
MET N   H    sing N N 232 
MET N   H2   sing N N 233 
MET CA  C    sing N N 234 
MET CA  CB   sing N N 235 
MET CA  HA   sing N N 236 
MET C   O    doub N N 237 
MET C   OXT  sing N N 238 
MET CB  CG   sing N N 239 
MET CB  HB2  sing N N 240 
MET CB  HB3  sing N N 241 
MET CG  SD   sing N N 242 
MET CG  HG2  sing N N 243 
MET CG  HG3  sing N N 244 
MET SD  CE   sing N N 245 
MET CE  HE1  sing N N 246 
MET CE  HE2  sing N N 247 
MET CE  HE3  sing N N 248 
MET OXT HXT  sing N N 249 
PEG C1  O1   sing N N 250 
PEG C1  C2   sing N N 251 
PEG C1  H11  sing N N 252 
PEG C1  H12  sing N N 253 
PEG O1  HO1  sing N N 254 
PEG C2  O2   sing N N 255 
PEG C2  H21  sing N N 256 
PEG C2  H22  sing N N 257 
PEG O2  C3   sing N N 258 
PEG C3  C4   sing N N 259 
PEG C3  H31  sing N N 260 
PEG C3  H32  sing N N 261 
PEG C4  O4   sing N N 262 
PEG C4  H41  sing N N 263 
PEG C4  H42  sing N N 264 
PEG O4  HO4  sing N N 265 
PHE N   CA   sing N N 266 
PHE N   H    sing N N 267 
PHE N   H2   sing N N 268 
PHE CA  C    sing N N 269 
PHE CA  CB   sing N N 270 
PHE CA  HA   sing N N 271 
PHE C   O    doub N N 272 
PHE C   OXT  sing N N 273 
PHE CB  CG   sing N N 274 
PHE CB  HB2  sing N N 275 
PHE CB  HB3  sing N N 276 
PHE CG  CD1  doub Y N 277 
PHE CG  CD2  sing Y N 278 
PHE CD1 CE1  sing Y N 279 
PHE CD1 HD1  sing N N 280 
PHE CD2 CE2  doub Y N 281 
PHE CD2 HD2  sing N N 282 
PHE CE1 CZ   doub Y N 283 
PHE CE1 HE1  sing N N 284 
PHE CE2 CZ   sing Y N 285 
PHE CE2 HE2  sing N N 286 
PHE CZ  HZ   sing N N 287 
PHE OXT HXT  sing N N 288 
PRO N   CA   sing N N 289 
PRO N   CD   sing N N 290 
PRO N   H    sing N N 291 
PRO CA  C    sing N N 292 
PRO CA  CB   sing N N 293 
PRO CA  HA   sing N N 294 
PRO C   O    doub N N 295 
PRO C   OXT  sing N N 296 
PRO CB  CG   sing N N 297 
PRO CB  HB2  sing N N 298 
PRO CB  HB3  sing N N 299 
PRO CG  CD   sing N N 300 
PRO CG  HG2  sing N N 301 
PRO CG  HG3  sing N N 302 
PRO CD  HD2  sing N N 303 
PRO CD  HD3  sing N N 304 
PRO OXT HXT  sing N N 305 
SER N   CA   sing N N 306 
SER N   H    sing N N 307 
SER N   H2   sing N N 308 
SER CA  C    sing N N 309 
SER CA  CB   sing N N 310 
SER CA  HA   sing N N 311 
SER C   O    doub N N 312 
SER C   OXT  sing N N 313 
SER CB  OG   sing N N 314 
SER CB  HB2  sing N N 315 
SER CB  HB3  sing N N 316 
SER OG  HG   sing N N 317 
SER OXT HXT  sing N N 318 
THR N   CA   sing N N 319 
THR N   H    sing N N 320 
THR N   H2   sing N N 321 
THR CA  C    sing N N 322 
THR CA  CB   sing N N 323 
THR CA  HA   sing N N 324 
THR C   O    doub N N 325 
THR C   OXT  sing N N 326 
THR CB  OG1  sing N N 327 
THR CB  CG2  sing N N 328 
THR CB  HB   sing N N 329 
THR OG1 HG1  sing N N 330 
THR CG2 HG21 sing N N 331 
THR CG2 HG22 sing N N 332 
THR CG2 HG23 sing N N 333 
THR OXT HXT  sing N N 334 
TYR N   CA   sing N N 335 
TYR N   H    sing N N 336 
TYR N   H2   sing N N 337 
TYR CA  C    sing N N 338 
TYR CA  CB   sing N N 339 
TYR CA  HA   sing N N 340 
TYR C   O    doub N N 341 
TYR C   OXT  sing N N 342 
TYR CB  CG   sing N N 343 
TYR CB  HB2  sing N N 344 
TYR CB  HB3  sing N N 345 
TYR CG  CD1  doub Y N 346 
TYR CG  CD2  sing Y N 347 
TYR CD1 CE1  sing Y N 348 
TYR CD1 HD1  sing N N 349 
TYR CD2 CE2  doub Y N 350 
TYR CD2 HD2  sing N N 351 
TYR CE1 CZ   doub Y N 352 
TYR CE1 HE1  sing N N 353 
TYR CE2 CZ   sing Y N 354 
TYR CE2 HE2  sing N N 355 
TYR CZ  OH   sing N N 356 
TYR OH  HH   sing N N 357 
TYR OXT HXT  sing N N 358 
VAL N   CA   sing N N 359 
VAL N   H    sing N N 360 
VAL N   H2   sing N N 361 
VAL CA  C    sing N N 362 
VAL CA  CB   sing N N 363 
VAL CA  HA   sing N N 364 
VAL C   O    doub N N 365 
VAL C   OXT  sing N N 366 
VAL CB  CG1  sing N N 367 
VAL CB  CG2  sing N N 368 
VAL CB  HB   sing N N 369 
VAL CG1 HG11 sing N N 370 
VAL CG1 HG12 sing N N 371 
VAL CG1 HG13 sing N N 372 
VAL CG2 HG21 sing N N 373 
VAL CG2 HG22 sing N N 374 
VAL CG2 HG23 sing N N 375 
VAL OXT HXT  sing N N 376 
# 
loop_
_pdbx_audit_support.funding_organization 
_pdbx_audit_support.country 
_pdbx_audit_support.grant_number 
_pdbx_audit_support.ordinal 
'National Natural Science Foundation of China' China 31370735 1 
'Sichuan Key Technology Support Program'       China 14zc1822 2 
# 
_atom_sites.entry_id                    5C94 
_atom_sites.fract_transf_matrix[1][1]   -0.00748383 
_atom_sites.fract_transf_matrix[1][2]   0.00057157 
_atom_sites.fract_transf_matrix[1][3]   0.00305090 
_atom_sites.fract_transf_matrix[2][1]   0.00194303 
_atom_sites.fract_transf_matrix[2][2]   -0.00534754 
_atom_sites.fract_transf_matrix[2][3]   0.00576809 
_atom_sites.fract_transf_matrix[3][1]   0.00242060 
_atom_sites.fract_transf_matrix[3][2]   0.00605966 
_atom_sites.fract_transf_matrix[3][3]   0.00480246 
_atom_sites.fract_transf_vector[1]      0.075867 
_atom_sites.fract_transf_vector[2]      0.832519 
_atom_sites.fract_transf_vector[3]      0.636291 
# 
loop_
_atom_type.symbol 
C 
N 
O 
S 
# 
loop_
_atom_site.group_PDB 
_atom_site.id 
_atom_site.type_symbol 
_atom_site.label_atom_id 
_atom_site.label_alt_id 
_atom_site.label_comp_id 
_atom_site.label_asym_id 
_atom_site.label_entity_id 
_atom_site.label_seq_id 
_atom_site.pdbx_PDB_ins_code 
_atom_site.Cartn_x 
_atom_site.Cartn_y 
_atom_site.Cartn_z 
_atom_site.occupancy 
_atom_site.B_iso_or_equiv 
_atom_site.pdbx_formal_charge 
_atom_site.auth_seq_id 
_atom_site.auth_comp_id 
_atom_site.auth_asym_id 
_atom_site.auth_atom_id 
_atom_site.pdbx_PDB_model_num 
ATOM   1   N N   . GLY A 1 1   ? -11.943 22.156  -9.252  1.00 51.22  ? -4  GLY A N   1 
ATOM   2   C CA  . GLY A 1 1   ? -10.940 21.685  -10.189 1.00 54.41  ? -4  GLY A CA  1 
ATOM   3   C C   . GLY A 1 1   ? -11.185 20.236  -10.556 1.00 55.14  ? -4  GLY A C   1 
ATOM   4   O O   . GLY A 1 1   ? -12.188 19.664  -10.131 1.00 50.61  ? -4  GLY A O   1 
ATOM   5   N N   . PRO A 1 2   ? -10.270 19.641  -11.343 1.00 58.23  ? -3  PRO A N   1 
ATOM   6   C CA  . PRO A 1 2   ? -10.321 18.241  -11.789 1.00 52.47  ? -3  PRO A CA  1 
ATOM   7   C C   . PRO A 1 2   ? -10.731 17.225  -10.715 1.00 48.06  ? -3  PRO A C   1 
ATOM   8   O O   . PRO A 1 2   ? -11.443 16.275  -11.051 1.00 39.59  ? -3  PRO A O   1 
ATOM   9   C CB  . PRO A 1 2   ? -8.886  17.984  -12.245 1.00 52.57  ? -3  PRO A CB  1 
ATOM   10  C CG  . PRO A 1 2   ? -8.444  19.302  -12.776 1.00 54.65  ? -3  PRO A CG  1 
ATOM   11  C CD  . PRO A 1 2   ? -9.110  20.350  -11.913 1.00 56.71  ? -3  PRO A CD  1 
ATOM   12  N N   . LEU A 1 3   ? -10.307 17.416  -9.463  1.00 46.46  ? -2  LEU A N   1 
ATOM   13  C CA  . LEU A 1 3   ? -10.648 16.461  -8.401  1.00 54.92  ? -2  LEU A CA  1 
ATOM   14  C C   . LEU A 1 3   ? -11.798 16.929  -7.495  1.00 61.06  ? -2  LEU A C   1 
ATOM   15  O O   . LEU A 1 3   ? -12.121 16.262  -6.506  1.00 60.56  ? -2  LEU A O   1 
ATOM   16  C CB  . LEU A 1 3   ? -9.416  16.136  -7.544  1.00 56.88  ? -2  LEU A CB  1 
ATOM   17  C CG  . LEU A 1 3   ? -8.108  15.758  -8.249  1.00 58.96  ? -2  LEU A CG  1 
ATOM   18  C CD1 . LEU A 1 3   ? -7.023  15.435  -7.229  1.00 62.36  ? -2  LEU A CD1 1 
ATOM   19  C CD2 . LEU A 1 3   ? -8.324  14.584  -9.187  1.00 53.67  ? -2  LEU A CD2 1 
ATOM   20  N N   . GLY A 1 4   ? -12.400 18.070  -7.825  1.00 71.04  ? -1  GLY A N   1 
ATOM   21  C CA  . GLY A 1 4   ? -13.687 18.447  -7.260  1.00 89.57  ? -1  GLY A CA  1 
ATOM   22  C C   . GLY A 1 4   ? -13.738 19.379  -6.061  1.00 110.64 ? -1  GLY A C   1 
ATOM   23  O O   . GLY A 1 4   ? -13.056 20.403  -6.026  1.00 105.69 ? -1  GLY A O   1 
ATOM   24  N N   . SER A 1 5   ? -14.565 18.993  -5.086  1.00 143.02 ? 0   SER A N   1 
ATOM   25  C CA  . SER A 1 5   ? -14.998 19.816  -3.945  1.00 155.66 ? 0   SER A CA  1 
ATOM   26  C C   . SER A 1 5   ? -14.233 20.672  -2.933  1.00 163.16 ? 0   SER A C   1 
ATOM   27  O O   . SER A 1 5   ? -14.542 21.849  -2.735  1.00 164.81 ? 0   SER A O   1 
ATOM   28  C CB  . SER A 1 5   ? -15.641 18.907  -2.894  1.00 159.30 ? 0   SER A CB  1 
ATOM   29  O OG  . SER A 1 5   ? -14.656 18.287  -2.083  1.00 161.29 ? 0   SER A OG  1 
ATOM   30  N N   . ASN A 1 6   ? -13.238 20.072  -2.284  1.00 165.05 ? 1   ASN A N   1 
ATOM   31  C CA  . ASN A 1 6   ? -12.322 20.827  -1.437  1.00 164.19 ? 1   ASN A CA  1 
ATOM   32  C C   . ASN A 1 6   ? -11.044 20.412  -2.163  1.00 165.01 ? 1   ASN A C   1 
ATOM   33  O O   . ASN A 1 6   ? -9.973  20.332  -1.559  1.00 167.88 ? 1   ASN A O   1 
ATOM   34  C CB  . ASN A 1 6   ? -12.265 20.442  0.045   1.00 160.28 ? 1   ASN A CB  1 
ATOM   35  N N   . ASN A 1 7   ? -11.196 20.137  -3.462  1.00 159.23 ? 2   ASN A N   1 
ATOM   36  C CA  . ASN A 1 7   ? -10.106 19.821  -4.374  1.00 151.25 ? 2   ASN A CA  1 
ATOM   37  C C   . ASN A 1 7   ? -9.262  18.653  -3.725  1.00 112.31 ? 2   ASN A C   1 
ATOM   38  O O   . ASN A 1 7   ? -9.913  17.720  -3.240  1.00 110.80 ? 2   ASN A O   1 
ATOM   39  C CB  . ASN A 1 7   ? -9.393  21.141  -4.718  1.00 144.50 ? 2   ASN A CB  1 
ATOM   40  N N   . GLU A 1 8   ? -7.920  18.588  -3.683  1.00 98.39  ? 3   GLU A N   1 
ATOM   41  C CA  . GLU A 1 8   ? -6.925  19.477  -4.269  1.00 86.14  ? 3   GLU A CA  1 
ATOM   42  C C   . GLU A 1 8   ? -5.726  18.811  -4.903  1.00 82.07  ? 3   GLU A C   1 
ATOM   43  O O   . GLU A 1 8   ? -5.496  18.937  -6.107  1.00 82.04  ? 3   GLU A O   1 
ATOM   44  C CB  . GLU A 1 8   ? -6.382  20.454  -3.216  1.00 80.76  ? 3   GLU A CB  1 
ATOM   45  N N   . LEU A 1 9   ? -4.980  18.081  -4.083  1.00 75.12  ? 4   LEU A N   1 
ATOM   46  C CA  . LEU A 1 9   ? -3.600  17.726  -4.404  1.00 63.19  ? 4   LEU A CA  1 
ATOM   47  C C   . LEU A 1 9   ? -3.560  16.394  -5.155  1.00 56.00  ? 4   LEU A C   1 
ATOM   48  O O   . LEU A 1 9   ? -3.933  15.355  -4.608  1.00 58.13  ? 4   LEU A O   1 
ATOM   49  C CB  . LEU A 1 9   ? -2.730  17.670  -3.153  1.00 55.75  ? 4   LEU A CB  1 
ATOM   50  C CG  . LEU A 1 9   ? -1.306  18.166  -3.338  1.00 60.50  ? 4   LEU A CG  1 
ATOM   51  C CD1 . LEU A 1 9   ? -1.284  19.451  -4.171  1.00 59.08  ? 4   LEU A CD1 1 
ATOM   52  C CD2 . LEU A 1 9   ? -0.689  18.398  -1.966  1.00 56.11  ? 4   LEU A CD2 1 
ATOM   53  N N   . MET A 1 10  ? -3.116  16.421  -6.412  1.00 43.64  ? 5   MET A N   1 
ATOM   54  C CA  . MET A 1 10  ? -3.183  15.206  -7.220  1.00 49.34  ? 5   MET A CA  1 
ATOM   55  C C   . MET A 1 10  ? -1.927  14.352  -7.115  1.00 48.61  ? 5   MET A C   1 
ATOM   56  O O   . MET A 1 10  ? -0.800  14.825  -7.307  1.00 48.29  ? 5   MET A O   1 
ATOM   57  C CB  . MET A 1 10  ? -3.455  15.505  -8.698  1.00 46.84  ? 5   MET A CB  1 
ATOM   58  C CG  . MET A 1 10  ? -3.646  14.208  -9.495  1.00 41.52  ? 5   MET A CG  1 
ATOM   59  S SD  . MET A 1 10  ? -4.513  14.324  -11.065 1.00 68.11  ? 5   MET A SD  1 
ATOM   60  C CE  . MET A 1 10  ? -3.110  14.252  -12.178 1.00 44.56  ? 5   MET A CE  1 
ATOM   61  N N   . PRO A 1 11  ? -2.137  13.078  -6.795  1.00 45.16  ? 6   PRO A N   1 
ATOM   62  C CA  . PRO A 1 11  ? -1.098  12.052  -6.674  1.00 45.25  ? 6   PRO A CA  1 
ATOM   63  C C   . PRO A 1 11  ? -0.660  11.515  -8.043  1.00 45.91  ? 6   PRO A C   1 
ATOM   64  O O   . PRO A 1 11  ? -1.462  11.422  -8.974  1.00 44.67  ? 6   PRO A O   1 
ATOM   65  C CB  . PRO A 1 11  ? -1.770  10.971  -5.826  1.00 38.59  ? 6   PRO A CB  1 
ATOM   66  C CG  . PRO A 1 11  ? -3.250  11.202  -5.999  1.00 42.38  ? 6   PRO A CG  1 
ATOM   67  C CD  . PRO A 1 11  ? -3.456  12.631  -6.309  1.00 39.55  ? 6   PRO A CD  1 
ATOM   68  N N   . HIS A 1 12  ? 0.618   11.173  -8.159  1.00 41.52  ? 7   HIS A N   1 
ATOM   69  C CA  . HIS A 1 12  ? 1.176   10.771  -9.440  1.00 34.93  ? 7   HIS A CA  1 
ATOM   70  C C   . HIS A 1 12  ? 1.849   9.409   -9.387  1.00 33.44  ? 7   HIS A C   1 
ATOM   71  O O   . HIS A 1 12  ? 2.818   9.195   -8.640  1.00 39.84  ? 7   HIS A O   1 
ATOM   72  C CB  . HIS A 1 12  ? 2.177   11.818  -9.920  1.00 46.24  ? 7   HIS A CB  1 
ATOM   73  C CG  . HIS A 1 12  ? 1.590   13.187  -10.050 1.00 53.78  ? 7   HIS A CG  1 
ATOM   74  N ND1 . HIS A 1 12  ? 0.492   13.452  -10.838 1.00 54.31  ? 7   HIS A ND1 1 
ATOM   75  C CD2 . HIS A 1 12  ? 1.942   14.363  -9.477  1.00 50.40  ? 7   HIS A CD2 1 
ATOM   76  C CE1 . HIS A 1 12  ? 0.190   14.737  -10.747 1.00 53.01  ? 7   HIS A CE1 1 
ATOM   77  N NE2 . HIS A 1 12  ? 1.056   15.310  -9.932  1.00 51.42  ? 7   HIS A NE2 1 
ATOM   78  N N   . GLY A 1 13  ? 1.324   8.488   -10.189 1.00 25.48  ? 8   GLY A N   1 
ATOM   79  C CA  . GLY A 1 13  ? 1.938   7.190   -10.383 1.00 24.90  ? 8   GLY A CA  1 
ATOM   80  C C   . GLY A 1 13  ? 1.724   6.276   -9.206  1.00 24.08  ? 8   GLY A C   1 
ATOM   81  O O   . GLY A 1 13  ? 1.338   6.717   -8.128  1.00 29.43  ? 8   GLY A O   1 
ATOM   82  N N   . VAL A 1 14  ? 1.951   4.990   -9.424  1.00 27.10  ? 9   VAL A N   1 
ATOM   83  C CA  . VAL A 1 14  ? 1.962   4.023   -8.342  1.00 29.75  ? 9   VAL A CA  1 
ATOM   84  C C   . VAL A 1 14  ? 3.222   3.208   -8.519  1.00 32.55  ? 9   VAL A C   1 
ATOM   85  O O   . VAL A 1 14  ? 3.435   2.613   -9.565  1.00 33.08  ? 9   VAL A O   1 
ATOM   86  C CB  . VAL A 1 14  ? 0.728   3.090   -8.344  1.00 29.50  ? 9   VAL A CB  1 
ATOM   87  C CG1 . VAL A 1 14  ? 0.891   1.993   -7.303  1.00 22.20  ? 9   VAL A CG1 1 
ATOM   88  C CG2 . VAL A 1 14  ? -0.568  3.880   -8.121  1.00 25.32  ? 9   VAL A CG2 1 
ATOM   89  N N   . LYS A 1 15  ? 4.068   3.202   -7.500  1.00 35.45  ? 10  LYS A N   1 
ATOM   90  C CA  . LYS A 1 15  ? 5.294   2.433   -7.546  1.00 26.32  ? 10  LYS A CA  1 
ATOM   91  C C   . LYS A 1 15  ? 5.326   1.380   -6.447  1.00 27.69  ? 10  LYS A C   1 
ATOM   92  O O   . LYS A 1 15  ? 4.518   1.392   -5.518  1.00 22.77  ? 10  LYS A O   1 
ATOM   93  C CB  . LYS A 1 15  ? 6.505   3.357   -7.432  1.00 24.07  ? 10  LYS A CB  1 
ATOM   94  C CG  . LYS A 1 15  ? 6.794   4.177   -8.692  1.00 23.03  ? 10  LYS A CG  1 
ATOM   95  C CD  . LYS A 1 15  ? 7.852   5.218   -8.395  1.00 29.08  ? 10  LYS A CD  1 
ATOM   96  C CE  . LYS A 1 15  ? 8.507   5.754   -9.645  1.00 41.73  ? 10  LYS A CE  1 
ATOM   97  N NZ  . LYS A 1 15  ? 9.543   6.755   -9.270  1.00 46.26  ? 10  LYS A NZ  1 
ATOM   98  N N   . THR A 1 16  ? 6.301   0.490   -6.559  1.00 31.73  ? 11  THR A N   1 
ATOM   99  C CA  . THR A 1 16  ? 6.400   -0.700  -5.737  1.00 23.67  ? 11  THR A CA  1 
ATOM   100 C C   . THR A 1 16  ? 7.815   -0.849  -5.210  1.00 24.58  ? 11  THR A C   1 
ATOM   101 O O   . THR A 1 16  ? 8.765   -0.603  -5.944  1.00 25.90  ? 11  THR A O   1 
ATOM   102 C CB  . THR A 1 16  ? 5.952   -1.935  -6.566  1.00 28.08  ? 11  THR A CB  1 
ATOM   103 O OG1 . THR A 1 16  ? 4.572   -2.193  -6.292  1.00 36.23  ? 11  THR A OG1 1 
ATOM   104 C CG2 . THR A 1 16  ? 6.751   -3.147  -6.270  1.00 36.17  ? 11  THR A CG2 1 
ATOM   105 N N   . LYS A 1 17  ? 7.964   -1.196  -3.930  1.00 25.42  ? 12  LYS A N   1 
ATOM   106 C CA  . LYS A 1 17  ? 9.282   -1.560  -3.397  1.00 30.90  ? 12  LYS A CA  1 
ATOM   107 C C   . LYS A 1 17  ? 9.115   -2.474  -2.177  1.00 31.58  ? 12  LYS A C   1 
ATOM   108 O O   . LYS A 1 17  ? 8.037   -2.537  -1.582  1.00 28.60  ? 12  LYS A O   1 
ATOM   109 C CB  . LYS A 1 17  ? 10.114  -0.309  -3.044  1.00 25.90  ? 12  LYS A CB  1 
ATOM   110 C CG  . LYS A 1 17  ? 9.734   0.387   -1.733  1.00 30.20  ? 12  LYS A CG  1 
ATOM   111 C CD  . LYS A 1 17  ? 10.457  1.727   -1.544  1.00 29.22  ? 12  LYS A CD  1 
ATOM   112 C CE  . LYS A 1 17  ? 9.731   2.619   -0.507  1.00 40.89  ? 12  LYS A CE  1 
ATOM   113 N NZ  . LYS A 1 17  ? 10.271  4.021   -0.393  1.00 43.33  ? 12  LYS A NZ  1 
ATOM   114 N N   . ALA A 1 18  ? 10.168  -3.203  -1.821  1.00 23.75  ? 13  ALA A N   1 
ATOM   115 C CA  . ALA A 1 18  ? 10.087  -4.060  -0.650  1.00 20.92  ? 13  ALA A CA  1 
ATOM   116 C C   . ALA A 1 18  ? 10.081  -3.218  0.600   1.00 24.33  ? 13  ALA A C   1 
ATOM   117 O O   . ALA A 1 18  ? 10.600  -2.100  0.615   1.00 26.00  ? 13  ALA A O   1 
ATOM   118 C CB  . ALA A 1 18  ? 11.237  -5.049  -0.600  1.00 17.19  ? 13  ALA A CB  1 
ATOM   119 N N   . CYS A 1 19  ? 9.476   -3.769  1.645   1.00 25.26  ? 14  CYS A N   1 
ATOM   120 C CA  . CYS A 1 19  ? 9.530   -3.199  2.978   1.00 19.34  ? 14  CYS A CA  1 
ATOM   121 C C   . CYS A 1 19  ? 9.379   -4.345  3.936   1.00 20.51  ? 14  CYS A C   1 
ATOM   122 O O   . CYS A 1 19  ? 9.322   -5.497  3.515   1.00 27.02  ? 14  CYS A O   1 
ATOM   123 C CB  . CYS A 1 19  ? 8.431   -2.171  3.206   1.00 12.03  ? 14  CYS A CB  1 
ATOM   124 S SG  . CYS A 1 19  ? 6.759   -2.880  3.184   1.00 23.69  ? 14  CYS A SG  1 
ATOM   125 N N   . VAL A 1 20  ? 9.290   -4.028  5.224   1.00 25.10  ? 15  VAL A N   1 
ATOM   126 C CA  . VAL A 1 20  ? 9.095   -5.046  6.246   1.00 23.43  ? 15  VAL A CA  1 
ATOM   127 C C   . VAL A 1 20  ? 7.862   -4.695  7.064   1.00 22.34  ? 15  VAL A C   1 
ATOM   128 O O   . VAL A 1 20  ? 7.483   -3.535  7.156   1.00 29.14  ? 15  VAL A O   1 
ATOM   129 C CB  . VAL A 1 20  ? 10.339  -5.190  7.171   1.00 19.43  ? 15  VAL A CB  1 
ATOM   130 C CG1 . VAL A 1 20  ? 11.528  -5.696  6.387   1.00 24.61  ? 15  VAL A CG1 1 
ATOM   131 C CG2 . VAL A 1 20  ? 10.689  -3.852  7.806   1.00 15.66  ? 15  VAL A CG2 1 
ATOM   132 N N   . ALA A 1 21  ? 7.240   -5.708  7.654   1.00 21.47  ? 16  ALA A N   1 
ATOM   133 C CA  . ALA A 1 21  ? 6.027   -5.529  8.431   1.00 19.50  ? 16  ALA A CA  1 
ATOM   134 C C   . ALA A 1 21  ? 6.006   -6.597  9.509   1.00 25.99  ? 16  ALA A C   1 
ATOM   135 O O   . ALA A 1 21  ? 6.831   -7.511  9.491   1.00 26.79  ? 16  ALA A O   1 
ATOM   136 C CB  . ALA A 1 21  ? 4.796   -5.621  7.546   1.00 17.95  ? 16  ALA A CB  1 
ATOM   137 N N   . GLY A 1 22  ? 5.074   -6.477  10.451  1.00 25.98  ? 17  GLY A N   1 
ATOM   138 C CA  . GLY A 1 22  ? 5.018   -7.379  11.588  1.00 28.64  ? 17  GLY A CA  1 
ATOM   139 C C   . GLY A 1 22  ? 3.694   -7.291  12.324  1.00 31.21  ? 17  GLY A C   1 
ATOM   140 O O   . GLY A 1 22  ? 2.840   -6.460  11.982  1.00 24.63  ? 17  GLY A O   1 
ATOM   141 N N   . VAL A 1 23  ? 3.499   -8.150  13.323  1.00 24.01  ? 18  VAL A N   1 
ATOM   142 C CA  . VAL A 1 23  ? 2.271   -8.063  14.097  1.00 29.90  ? 18  VAL A CA  1 
ATOM   143 C C   . VAL A 1 23  ? 2.354   -6.931  15.141  1.00 30.22  ? 18  VAL A C   1 
ATOM   144 O O   . VAL A 1 23  ? 1.342   -6.507  15.681  1.00 29.57  ? 18  VAL A O   1 
ATOM   145 C CB  . VAL A 1 23  ? 1.931   -9.407  14.770  1.00 26.46  ? 18  VAL A CB  1 
ATOM   146 C CG1 . VAL A 1 23  ? 2.067   -10.538 13.773  1.00 19.18  ? 18  VAL A CG1 1 
ATOM   147 C CG2 . VAL A 1 23  ? 2.822   -9.632  15.966  1.00 35.67  ? 18  VAL A CG2 1 
ATOM   148 N N   . ASP A 1 24  ? 3.561   -6.441  15.405  1.00 24.82  ? 19  ASP A N   1 
ATOM   149 C CA  . ASP A 1 24  ? 3.751   -5.200  16.153  1.00 22.51  ? 19  ASP A CA  1 
ATOM   150 C C   . ASP A 1 24  ? 5.068   -4.541  15.737  1.00 26.03  ? 19  ASP A C   1 
ATOM   151 O O   . ASP A 1 24  ? 5.888   -5.159  15.045  1.00 23.82  ? 19  ASP A O   1 
ATOM   152 C CB  . ASP A 1 24  ? 3.735   -5.448  17.666  1.00 30.09  ? 19  ASP A CB  1 
ATOM   153 C CG  . ASP A 1 24  ? 4.802   -6.433  18.120  1.00 31.16  ? 19  ASP A CG  1 
ATOM   154 O OD1 . ASP A 1 24  ? 6.009   -6.186  17.882  1.00 28.06  ? 19  ASP A OD1 1 
ATOM   155 O OD2 . ASP A 1 24  ? 4.427   -7.447  18.738  1.00 34.18  ? 19  ASP A OD2 1 
ATOM   156 N N   . GLN A 1 25  ? 5.288   -3.305  16.180  1.00 22.27  ? 20  GLN A N   1 
ATOM   157 C CA  . GLN A 1 25  ? 6.443   -2.529  15.731  1.00 20.60  ? 20  GLN A CA  1 
ATOM   158 C C   . GLN A 1 25  ? 7.795   -3.120  16.150  1.00 27.54  ? 20  GLN A C   1 
ATOM   159 O O   . GLN A 1 25  ? 8.818   -2.922  15.479  1.00 30.27  ? 20  GLN A O   1 
ATOM   160 C CB  . GLN A 1 25  ? 6.318   -1.103  16.243  1.00 28.51  ? 20  GLN A CB  1 
ATOM   161 C CG  . GLN A 1 25  ? 7.641   -0.395  16.411  1.00 43.69  ? 20  GLN A CG  1 
ATOM   162 C CD  . GLN A 1 25  ? 7.468   1.043   16.783  1.00 60.26  ? 20  GLN A CD  1 
ATOM   163 O OE1 . GLN A 1 25  ? 6.357   1.584   16.727  1.00 62.89  ? 20  GLN A OE1 1 
ATOM   164 N NE2 . GLN A 1 25  ? 8.568   1.690   17.153  1.00 68.22  ? 20  GLN A NE2 1 
ATOM   165 N N   . ALA A 1 26  ? 7.826   -3.819  17.260  1.00 27.68  ? 21  ALA A N   1 
ATOM   166 C CA  . ALA A 1 26  ? 9.040   -4.436  17.716  1.00 24.76  ? 21  ALA A CA  1 
ATOM   167 C C   . ALA A 1 26  ? 9.414   -5.673  16.911  1.00 28.23  ? 21  ALA A C   1 
ATOM   168 O O   . ALA A 1 26  ? 10.491  -6.154  16.998  1.00 29.05  ? 21  ALA A O   1 
ATOM   169 C CB  . ALA A 1 26  ? 8.939   -4.759  19.185  1.00 17.67  ? 21  ALA A CB  1 
ATOM   170 N N   . HIS A 1 27  ? 8.508   -6.144  16.087  1.00 28.04  ? 22  HIS A N   1 
ATOM   171 C CA  . HIS A 1 27  ? 8.723   -7.372  15.353  1.00 32.32  ? 22  HIS A CA  1 
ATOM   172 C C   . HIS A 1 27  ? 8.315   -7.251  13.885  1.00 30.59  ? 22  HIS A C   1 
ATOM   173 O O   . HIS A 1 27  ? 7.432   -7.924  13.458  1.00 36.91  ? 22  HIS A O   1 
ATOM   174 C CB  . HIS A 1 27  ? 8.016   -8.550  16.064  1.00 26.99  ? 22  HIS A CB  1 
ATOM   175 C CG  . HIS A 1 27  ? 8.420   -8.725  17.494  1.00 31.16  ? 22  HIS A CG  1 
ATOM   176 N ND1 . HIS A 1 27  ? 7.774   -8.102  18.527  1.00 31.03  ? 22  HIS A ND1 1 
ATOM   177 C CD2 . HIS A 1 27  ? 9.427   -9.411  18.055  1.00 21.61  ? 22  HIS A CD2 1 
ATOM   178 C CE1 . HIS A 1 27  ? 8.354   -8.398  19.658  1.00 25.25  ? 22  HIS A CE1 1 
ATOM   179 N NE2 . HIS A 1 27  ? 9.353   -9.204  19.400  1.00 28.99  ? 22  HIS A NE2 1 
ATOM   180 N N   . CYS A 1 28  ? 8.974   -6.394  13.126  1.00 30.31  ? 23  CYS A N   1 
ATOM   181 C CA  . CYS A 1 28  ? 8.663   -6.215  11.707  1.00 27.40  ? 23  CYS A CA  1 
ATOM   182 C C   . CYS A 1 28  ? 9.653   -7.080  10.948  1.00 28.97  ? 23  CYS A C   1 
ATOM   183 O O   . CYS A 1 28  ? 10.640  -6.587  10.403  1.00 33.18  ? 23  CYS A O   1 
ATOM   184 C CB  . CYS A 1 28  ? 8.795   -4.768  11.238  1.00 26.54  ? 23  CYS A CB  1 
ATOM   185 S SG  . CYS A 1 28  ? 7.462   -3.734  11.805  1.00 28.52  ? 23  CYS A SG  1 
ATOM   186 N N   . SER A 1 29  ? 9.386   -8.375  10.916  1.00 25.79  ? 24  SER A N   1 
ATOM   187 C CA  . SER A 1 29  ? 10.321  -9.322  10.344  1.00 20.59  ? 24  SER A CA  1 
ATOM   188 C C   . SER A 1 29  ? 9.788   -9.964  9.076   1.00 24.68  ? 24  SER A C   1 
ATOM   189 O O   . SER A 1 29  ? 10.409  -10.881 8.533   1.00 35.83  ? 24  SER A O   1 
ATOM   190 C CB  . SER A 1 29  ? 10.653  -10.402 11.373  1.00 26.87  ? 24  SER A CB  1 
ATOM   191 O OG  . SER A 1 29  ? 9.483   -11.139 11.716  1.00 24.40  ? 24  SER A OG  1 
ATOM   192 N N   . VAL A 1 30  ? 8.625   -9.500  8.622   1.00 18.80  ? 25  VAL A N   1 
ATOM   193 C CA  . VAL A 1 30  ? 7.984   -10.087 7.462   1.00 23.71  ? 25  VAL A CA  1 
ATOM   194 C C   . VAL A 1 30  ? 8.150   -9.219  6.225   1.00 28.38  ? 25  VAL A C   1 
ATOM   195 O O   . VAL A 1 30  ? 7.511   -8.164  6.112   1.00 24.31  ? 25  VAL A O   1 
ATOM   196 C CB  . VAL A 1 30  ? 6.485   -10.325 7.710   1.00 27.37  ? 25  VAL A CB  1 
ATOM   197 C CG1 . VAL A 1 30  ? 5.827   -11.005 6.481   1.00 10.77  ? 25  VAL A CG1 1 
ATOM   198 C CG2 . VAL A 1 30  ? 6.295   -11.155 8.956   1.00 19.04  ? 25  VAL A CG2 1 
ATOM   199 N N   . GLU A 1 31  ? 8.996   -9.667  5.299   1.00 28.66  ? 26  GLU A N   1 
ATOM   200 C CA  . GLU A 1 31  ? 9.246   -8.909  4.074   1.00 25.36  ? 26  GLU A CA  1 
ATOM   201 C C   . GLU A 1 31  ? 7.954   -8.814  3.307   1.00 23.94  ? 26  GLU A C   1 
ATOM   202 O O   . GLU A 1 31  ? 7.254   -9.807  3.145   1.00 23.30  ? 26  GLU A O   1 
ATOM   203 C CB  . GLU A 1 31  ? 10.327  -9.556  3.203   1.00 23.65  ? 26  GLU A CB  1 
ATOM   204 C CG  . GLU A 1 31  ? 10.798  -8.665  2.040   1.00 29.87  ? 26  GLU A CG  1 
ATOM   205 C CD  . GLU A 1 31  ? 11.907  -9.308  1.222   1.00 36.09  ? 26  GLU A CD  1 
ATOM   206 O OE1 . GLU A 1 31  ? 12.959  -9.650  1.808   1.00 37.32  ? 26  GLU A OE1 1 
ATOM   207 O OE2 . GLU A 1 31  ? 11.727  -9.470  -0.004  1.00 43.64  ? 26  GLU A OE2 1 
ATOM   208 N N   . SER A 1 32  ? 7.625   -7.605  2.871   1.00 22.54  ? 27  SER A N   1 
ATOM   209 C CA  . SER A 1 32  ? 6.377   -7.364  2.186   1.00 18.68  ? 27  SER A CA  1 
ATOM   210 C C   . SER A 1 32  ? 6.616   -6.374  1.074   1.00 19.94  ? 27  SER A C   1 
ATOM   211 O O   . SER A 1 32  ? 7.718   -5.860  0.912   1.00 26.65  ? 27  SER A O   1 
ATOM   212 C CB  . SER A 1 32  ? 5.309   -6.836  3.146   1.00 22.04  ? 27  SER A CB  1 
ATOM   213 O OG  . SER A 1 32  ? 5.326   -7.541  4.376   1.00 24.70  ? 27  SER A OG  1 
ATOM   214 N N   . LYS A 1 33  ? 5.562   -6.130  0.312   1.00 23.26  ? 28  LYS A N   1 
ATOM   215 C CA  . LYS A 1 33  ? 5.573   -5.231  -0.824  1.00 28.88  ? 28  LYS A CA  1 
ATOM   216 C C   . LYS A 1 33  ? 4.758   -3.978  -0.477  1.00 27.54  ? 28  LYS A C   1 
ATOM   217 O O   . LYS A 1 33  ? 3.591   -4.091  -0.078  1.00 25.14  ? 28  LYS A O   1 
ATOM   218 C CB  . LYS A 1 33  ? 4.983   -5.947  -2.042  1.00 20.25  ? 28  LYS A CB  1 
ATOM   219 C CG  . LYS A 1 33  ? 5.231   -5.280  -3.388  1.00 31.73  ? 28  LYS A CG  1 
ATOM   220 C CD  . LYS A 1 33  ? 4.103   -5.660  -4.337  1.00 47.08  ? 28  LYS A CD  1 
ATOM   221 C CE  . LYS A 1 33  ? 4.612   -6.055  -5.703  1.00 52.28  ? 28  LYS A CE  1 
ATOM   222 N NZ  . LYS A 1 33  ? 5.433   -7.286  -5.594  1.00 58.00  ? 28  LYS A NZ  1 
ATOM   223 N N   . CYS A 1 34  ? 5.348   -2.791  -0.603  1.00 17.71  ? 29  CYS A N   1 
ATOM   224 C CA  . CYS A 1 34  ? 4.558   -1.586  -0.369  1.00 26.80  ? 29  CYS A CA  1 
ATOM   225 C C   . CYS A 1 34  ? 4.273   -0.803  -1.659  1.00 24.59  ? 29  CYS A C   1 
ATOM   226 O O   . CYS A 1 34  ? 5.026   -0.851  -2.622  1.00 23.92  ? 29  CYS A O   1 
ATOM   227 C CB  . CYS A 1 34  ? 5.228   -0.689  0.680   1.00 27.27  ? 29  CYS A CB  1 
ATOM   228 S SG  . CYS A 1 34  ? 6.478   0.449   0.108   1.00 31.50  ? 29  CYS A SG  1 
ATOM   229 N N   . TYR A 1 35  ? 3.143   -0.108  -1.669  1.00 27.15  ? 30  TYR A N   1 
ATOM   230 C CA  . TYR A 1 35  ? 2.724   0.692   -2.806  1.00 16.49  ? 30  TYR A CA  1 
ATOM   231 C C   . TYR A 1 35  ? 2.836   2.153   -2.407  1.00 24.67  ? 30  TYR A C   1 
ATOM   232 O O   . TYR A 1 35  ? 2.392   2.549   -1.319  1.00 20.07  ? 30  TYR A O   1 
ATOM   233 C CB  . TYR A 1 35  ? 1.286   0.349   -3.223  1.00 16.81  ? 30  TYR A CB  1 
ATOM   234 C CG  . TYR A 1 35  ? 1.155   -1.027  -3.845  1.00 22.51  ? 30  TYR A CG  1 
ATOM   235 C CD1 . TYR A 1 35  ? 1.312   -2.182  -3.076  1.00 19.98  ? 30  TYR A CD1 1 
ATOM   236 C CD2 . TYR A 1 35  ? 0.873   -1.174  -5.200  1.00 15.09  ? 30  TYR A CD2 1 
ATOM   237 C CE1 . TYR A 1 35  ? 1.206   -3.449  -3.648  1.00 16.47  ? 30  TYR A CE1 1 
ATOM   238 C CE2 . TYR A 1 35  ? 0.759   -2.430  -5.778  1.00 19.55  ? 30  TYR A CE2 1 
ATOM   239 C CZ  . TYR A 1 35  ? 0.933   -3.564  -5.001  1.00 24.21  ? 30  TYR A CZ  1 
ATOM   240 O OH  . TYR A 1 35  ? 0.821   -4.810  -5.582  1.00 35.17  ? 30  TYR A OH  1 
ATOM   241 N N   . TYR A 1 36  ? 3.442   2.957   -3.271  1.00 20.68  ? 31  TYR A N   1 
ATOM   242 C CA  . TYR A 1 36  ? 3.522   4.374   -2.983  1.00 21.88  ? 31  TYR A CA  1 
ATOM   243 C C   . TYR A 1 36  ? 3.310   5.238   -4.215  1.00 25.42  ? 31  TYR A C   1 
ATOM   244 O O   . TYR A 1 36  ? 3.580   4.852   -5.366  1.00 23.59  ? 31  TYR A O   1 
ATOM   245 C CB  . TYR A 1 36  ? 4.855   4.714   -2.305  1.00 20.07  ? 31  TYR A CB  1 
ATOM   246 C CG  . TYR A 1 36  ? 6.120   4.432   -3.093  1.00 21.45  ? 31  TYR A CG  1 
ATOM   247 C CD1 . TYR A 1 36  ? 6.616   3.142   -3.209  1.00 25.20  ? 31  TYR A CD1 1 
ATOM   248 C CD2 . TYR A 1 36  ? 6.854   5.471   -3.669  1.00 17.64  ? 31  TYR A CD2 1 
ATOM   249 C CE1 . TYR A 1 36  ? 7.791   2.877   -3.911  1.00 23.32  ? 31  TYR A CE1 1 
ATOM   250 C CE2 . TYR A 1 36  ? 8.027   5.219   -4.374  1.00 20.52  ? 31  TYR A CE2 1 
ATOM   251 C CZ  . TYR A 1 36  ? 8.493   3.916   -4.489  1.00 30.78  ? 31  TYR A CZ  1 
ATOM   252 O OH  . TYR A 1 36  ? 9.657   3.644   -5.184  1.00 27.60  ? 31  TYR A OH  1 
ATOM   253 N N   . THR A 1 37  ? 2.777   6.418   -3.967  1.00 21.55  ? 32  THR A N   1 
ATOM   254 C CA  . THR A 1 37  ? 2.568   7.349   -5.040  1.00 21.58  ? 32  THR A CA  1 
ATOM   255 C C   . THR A 1 37  ? 3.425   8.578   -4.776  1.00 28.38  ? 32  THR A C   1 
ATOM   256 O O   . THR A 1 37  ? 4.166   8.635   -3.785  1.00 28.75  ? 32  THR A O   1 
ATOM   257 C CB  . THR A 1 37  ? 1.089   7.709   -5.179  1.00 19.60  ? 32  THR A CB  1 
ATOM   258 O OG1 . THR A 1 37  ? 0.929   8.578   -6.303  1.00 27.91  ? 32  THR A OG1 1 
ATOM   259 C CG2 . THR A 1 37  ? 0.568   8.371   -3.903  1.00 20.64  ? 32  THR A CG2 1 
ATOM   260 N N   . SER A 1 38  ? 3.364   9.548   -5.676  1.00 26.16  ? 33  SER A N   1 
ATOM   261 C CA  . SER A 1 38  ? 4.118   10.774  -5.480  1.00 20.87  ? 33  SER A CA  1 
ATOM   262 C C   . SER A 1 38  ? 3.146   11.939  -5.328  1.00 30.16  ? 33  SER A C   1 
ATOM   263 O O   . SER A 1 38  ? 2.248   12.121  -6.160  1.00 24.20  ? 33  SER A O   1 
ATOM   264 C CB  . SER A 1 38  ? 5.076   11.017  -6.649  1.00 18.33  ? 33  SER A CB  1 
ATOM   265 O OG  . SER A 1 38  ? 5.880   12.172  -6.420  1.00 36.93  ? 33  SER A OG  1 
ATOM   266 N N   . ILE A 1 39  ? 3.311   12.719  -4.265  1.00 26.26  ? 34  ILE A N   1 
ATOM   267 C CA  . ILE A 1 39  ? 2.481   13.901  -4.069  1.00 23.87  ? 34  ILE A CA  1 
ATOM   268 C C   . ILE A 1 39  ? 3.346   15.097  -3.699  1.00 31.10  ? 34  ILE A C   1 
ATOM   269 O O   . ILE A 1 39  ? 4.070   15.049  -2.704  1.00 32.64  ? 34  ILE A O   1 
ATOM   270 C CB  . ILE A 1 39  ? 1.438   13.677  -2.976  1.00 23.47  ? 34  ILE A CB  1 
ATOM   271 C CG1 . ILE A 1 39  ? 0.605   12.418  -3.276  1.00 27.47  ? 34  ILE A CG1 1 
ATOM   272 C CG2 . ILE A 1 39  ? 0.573   14.910  -2.834  1.00 19.00  ? 34  ILE A CG2 1 
ATOM   273 C CD1 . ILE A 1 39  ? -0.354  12.014  -2.148  1.00 19.64  ? 34  ILE A CD1 1 
ATOM   274 N N   . SER A 1 40  ? 3.276   16.159  -4.504  1.00 35.55  ? 35  SER A N   1 
ATOM   275 C CA  . SER A 1 40  ? 4.139   17.337  -4.329  1.00 39.19  ? 35  SER A CA  1 
ATOM   276 C C   . SER A 1 40  ? 5.628   16.988  -4.302  1.00 39.08  ? 35  SER A C   1 
ATOM   277 O O   . SER A 1 40  ? 6.370   17.462  -3.432  1.00 38.28  ? 35  SER A O   1 
ATOM   278 C CB  . SER A 1 40  ? 3.772   18.085  -3.053  1.00 31.16  ? 35  SER A CB  1 
ATOM   279 O OG  . SER A 1 40  ? 2.449   18.563  -3.140  1.00 41.44  ? 35  SER A OG  1 
ATOM   280 N N   . GLY A 1 41  ? 6.038   16.142  -5.248  1.00 35.38  ? 36  GLY A N   1 
ATOM   281 C CA  . GLY A 1 41  ? 7.424   15.740  -5.420  1.00 34.57  ? 36  GLY A CA  1 
ATOM   282 C C   . GLY A 1 41  ? 7.955   14.816  -4.345  1.00 37.90  ? 36  GLY A C   1 
ATOM   283 O O   . GLY A 1 41  ? 9.160   14.583  -4.244  1.00 43.52  ? 36  GLY A O   1 
ATOM   284 N N   . SER A 1 42  ? 7.049   14.283  -3.539  1.00 36.49  ? 37  SER A N   1 
ATOM   285 C CA  . SER A 1 42  ? 7.447   13.452  -2.420  1.00 35.65  ? 37  SER A CA  1 
ATOM   286 C C   . SER A 1 42  ? 6.679   12.149  -2.427  1.00 31.43  ? 37  SER A C   1 
ATOM   287 O O   . SER A 1 42  ? 5.496   12.121  -2.766  1.00 29.19  ? 37  SER A O   1 
ATOM   288 C CB  . SER A 1 42  ? 7.230   14.185  -1.093  1.00 42.49  ? 37  SER A CB  1 
ATOM   289 O OG  . SER A 1 42  ? 8.254   15.137  -0.870  1.00 56.45  ? 37  SER A OG  1 
ATOM   290 N N   . SER A 1 43  ? 7.378   11.075  -2.065  1.00 30.42  ? 38  SER A N   1 
ATOM   291 C CA  . SER A 1 43  ? 6.815   9.737   -2.000  1.00 30.82  ? 38  SER A CA  1 
ATOM   292 C C   . SER A 1 43  ? 5.857   9.612   -0.822  1.00 28.19  ? 38  SER A C   1 
ATOM   293 O O   . SER A 1 43  ? 6.171   10.056  0.275   1.00 29.09  ? 38  SER A O   1 
ATOM   294 C CB  . SER A 1 43  ? 7.932   8.691   -1.882  1.00 30.04  ? 38  SER A CB  1 
ATOM   295 O OG  . SER A 1 43  ? 8.513   8.426   -3.145  1.00 36.93  ? 38  SER A OG  1 
ATOM   296 N N   . VAL A 1 44  ? 4.689   9.017   -1.059  1.00 26.48  ? 39  VAL A N   1 
ATOM   297 C CA  . VAL A 1 44  ? 3.723   8.732   -0.004  1.00 17.99  ? 39  VAL A CA  1 
ATOM   298 C C   . VAL A 1 44  ? 3.369   7.237   -0.033  1.00 24.36  ? 39  VAL A C   1 
ATOM   299 O O   . VAL A 1 44  ? 2.815   6.746   -1.017  1.00 31.33  ? 39  VAL A O   1 
ATOM   300 C CB  . VAL A 1 44  ? 2.467   9.613   -0.162  1.00 24.01  ? 39  VAL A CB  1 
ATOM   301 C CG1 . VAL A 1 44  ? 1.341   9.200   0.816   1.00 13.05  ? 39  VAL A CG1 1 
ATOM   302 C CG2 . VAL A 1 44  ? 2.842   11.102  0.014   1.00 14.75  ? 39  VAL A CG2 1 
ATOM   303 N N   . VAL A 1 45  ? 3.738   6.501   1.018   1.00 16.90  ? 40  VAL A N   1 
ATOM   304 C CA  . VAL A 1 45  ? 3.410   5.083   1.081   1.00 19.12  ? 40  VAL A CA  1 
ATOM   305 C C   . VAL A 1 45  ? 1.932   4.925   1.463   1.00 28.49  ? 40  VAL A C   1 
ATOM   306 O O   . VAL A 1 45  ? 1.453   5.530   2.427   1.00 24.87  ? 40  VAL A O   1 
ATOM   307 C CB  . VAL A 1 45  ? 4.323   4.320   2.076   1.00 23.04  ? 40  VAL A CB  1 
ATOM   308 C CG1 . VAL A 1 45  ? 4.097   2.833   1.977   1.00 19.75  ? 40  VAL A CG1 1 
ATOM   309 C CG2 . VAL A 1 45  ? 5.769   4.586   1.753   1.00 23.27  ? 40  VAL A CG2 1 
ATOM   310 N N   . ALA A 1 46  ? 1.220   4.111   0.686   1.00 27.32  ? 41  ALA A N   1 
ATOM   311 C CA  . ALA A 1 46  ? -0.233  4.002   0.768   1.00 20.48  ? 41  ALA A CA  1 
ATOM   312 C C   . ALA A 1 46  ? -0.731  2.653   1.305   1.00 22.15  ? 41  ALA A C   1 
ATOM   313 O O   . ALA A 1 46  ? -1.775  2.564   1.971   1.00 17.29  ? 41  ALA A O   1 
ATOM   314 C CB  . ALA A 1 46  ? -0.823  4.245   -0.612  1.00 14.57  ? 41  ALA A CB  1 
ATOM   315 N N   . ALA A 1 47  ? 0.004   1.594   0.986   1.00 16.66  ? 42  ALA A N   1 
ATOM   316 C CA  . ALA A 1 47  ? -0.470  0.253   1.267   1.00 21.14  ? 42  ALA A CA  1 
ATOM   317 C C   . ALA A 1 47  ? 0.669   -0.744  1.248   1.00 19.98  ? 42  ALA A C   1 
ATOM   318 O O   . ALA A 1 47  ? 1.712   -0.485  0.648   1.00 16.59  ? 42  ALA A O   1 
ATOM   319 C CB  . ALA A 1 47  ? -1.527  -0.152  0.260   1.00 18.45  ? 42  ALA A CB  1 
ATOM   320 N N   . ILE A 1 48  ? 0.480   -1.878  1.920   1.00 13.10  ? 43  ILE A N   1 
ATOM   321 C CA  . ILE A 1 48  ? 1.401   -2.996  1.738   1.00 18.44  ? 43  ILE A CA  1 
ATOM   322 C C   . ILE A 1 48  ? 0.599   -4.244  1.393   1.00 16.74  ? 43  ILE A C   1 
ATOM   323 O O   . ILE A 1 48  ? -0.588  -4.325  1.717   1.00 18.71  ? 43  ILE A O   1 
ATOM   324 C CB  . ILE A 1 48  ? 2.286   -3.259  2.987   1.00 20.98  ? 43  ILE A CB  1 
ATOM   325 C CG1 . ILE A 1 48  ? 1.477   -3.930  4.091   1.00 20.84  ? 43  ILE A CG1 1 
ATOM   326 C CG2 . ILE A 1 48  ? 2.974   -1.965  3.482   1.00 17.16  ? 43  ILE A CG2 1 
ATOM   327 C CD1 . ILE A 1 48  ? 2.307   -4.836  4.964   1.00 26.91  ? 43  ILE A CD1 1 
ATOM   328 N N   . THR A 1 49  ? 1.226   -5.182  0.684   1.00 12.98  ? 44  THR A N   1 
ATOM   329 C CA  . THR A 1 49  ? 0.619   -6.492  0.460   1.00 15.80  ? 44  THR A CA  1 
ATOM   330 C C   . THR A 1 49  ? 1.466   -7.626  1.040   1.00 23.09  ? 44  THR A C   1 
ATOM   331 O O   . THR A 1 49  ? 2.697   -7.523  1.150   1.00 21.55  ? 44  THR A O   1 
ATOM   332 C CB  . THR A 1 49  ? 0.377   -6.780  -1.040  1.00 14.63  ? 44  THR A CB  1 
ATOM   333 O OG1 . THR A 1 49  ? 1.599   -6.637  -1.776  1.00 24.42  ? 44  THR A OG1 1 
ATOM   334 C CG2 . THR A 1 49  ? -0.679  -5.841  -1.592  1.00 12.79  ? 44  THR A CG2 1 
ATOM   335 N N   . SER A 1 50  ? 0.794   -8.713  1.402   1.00 20.25  ? 45  SER A N   1 
ATOM   336 C CA  . SER A 1 50  ? 1.458   -9.824  2.058   1.00 22.14  ? 45  SER A CA  1 
ATOM   337 C C   . SER A 1 50  ? 0.609   -11.080 2.021   1.00 22.38  ? 45  SER A C   1 
ATOM   338 O O   . SER A 1 50  ? -0.609  -11.005 1.877   1.00 25.51  ? 45  SER A O   1 
ATOM   339 C CB  . SER A 1 50  ? 1.788   -9.451  3.511   1.00 24.67  ? 45  SER A CB  1 
ATOM   340 O OG  . SER A 1 50  ? 2.450   -10.520 4.168   1.00 19.52  ? 45  SER A OG  1 
ATOM   341 N N   . SER A 1 51  ? 1.253   -12.232 2.168   1.00 24.26  ? 46  SER A N   1 
ATOM   342 C CA  . SER A 1 51  ? 0.531   -13.498 2.306   1.00 25.22  ? 46  SER A CA  1 
ATOM   343 C C   . SER A 1 51  ? 0.023   -13.647 3.732   1.00 21.66  ? 46  SER A C   1 
ATOM   344 O O   . SER A 1 51  ? -0.916  -14.388 4.008   1.00 27.75  ? 46  SER A O   1 
ATOM   345 C CB  . SER A 1 51  ? 1.435   -14.667 1.963   1.00 22.20  ? 46  SER A CB  1 
ATOM   346 O OG  . SER A 1 51  ? 2.739   -14.438 2.474   1.00 34.88  ? 46  SER A OG  1 
ATOM   347 N N   . ASN A 1 52  ? 0.686   -12.942 4.637   1.00 19.16  ? 47  ASN A N   1 
ATOM   348 C CA  . ASN A 1 52  ? 0.357   -12.927 6.053   1.00 21.88  ? 47  ASN A CA  1 
ATOM   349 C C   . ASN A 1 52  ? -0.841  -12.002 6.365   1.00 22.62  ? 47  ASN A C   1 
ATOM   350 O O   . ASN A 1 52  ? -0.803  -10.809 6.060   1.00 21.90  ? 47  ASN A O   1 
ATOM   351 C CB  . ASN A 1 52  ? 1.606   -12.486 6.828   1.00 20.00  ? 47  ASN A CB  1 
ATOM   352 C CG  . ASN A 1 52  ? 1.483   -12.665 8.328   1.00 24.29  ? 47  ASN A CG  1 
ATOM   353 O OD1 . ASN A 1 52  ? 0.441   -12.374 8.938   1.00 25.86  ? 47  ASN A OD1 1 
ATOM   354 N ND2 . ASN A 1 52  ? 2.583   -13.099 8.948   1.00 19.22  ? 47  ASN A ND2 1 
ATOM   355 N N   . PRO A 1 53  ? -1.899  -12.551 6.985   1.00 14.35  ? 48  PRO A N   1 
ATOM   356 C CA  . PRO A 1 53  ? -3.108  -11.798 7.366   1.00 20.57  ? 48  PRO A CA  1 
ATOM   357 C C   . PRO A 1 53  ? -3.042  -11.093 8.728   1.00 22.90  ? 48  PRO A C   1 
ATOM   358 O O   . PRO A 1 53  ? -3.995  -10.407 9.100   1.00 22.29  ? 48  PRO A O   1 
ATOM   359 C CB  . PRO A 1 53  ? -4.187  -12.882 7.417   1.00 15.72  ? 48  PRO A CB  1 
ATOM   360 C CG  . PRO A 1 53  ? -3.428  -14.099 7.906   1.00 13.89  ? 48  PRO A CG  1 
ATOM   361 C CD  . PRO A 1 53  ? -2.062  -13.999 7.207   1.00 12.05  ? 48  PRO A CD  1 
ATOM   362 N N   . ASN A 1 54  ? -1.947  -11.242 9.462   1.00 23.26  ? 49  ASN A N   1 
ATOM   363 C CA  . ASN A 1 54  ? -1.931  -10.756 10.837  1.00 26.62  ? 49  ASN A CA  1 
ATOM   364 C C   . ASN A 1 54  ? -1.110  -9.514  11.082  1.00 29.25  ? 49  ASN A C   1 
ATOM   365 O O   . ASN A 1 54  ? -0.855  -9.169  12.240  1.00 36.80  ? 49  ASN A O   1 
ATOM   366 C CB  . ASN A 1 54  ? -1.425  -11.851 11.756  1.00 30.60  ? 49  ASN A CB  1 
ATOM   367 C CG  . ASN A 1 54  ? -2.227  -13.104 11.627  1.00 26.21  ? 49  ASN A CG  1 
ATOM   368 O OD1 . ASN A 1 54  ? -3.420  -13.107 11.917  1.00 28.15  ? 49  ASN A OD1 1 
ATOM   369 N ND2 . ASN A 1 54  ? -1.588  -14.177 11.182  1.00 19.58  ? 49  ASN A ND2 1 
ATOM   370 N N   . LEU A 1 55  ? -0.691  -8.848  10.011  1.00 21.11  ? 50  LEU A N   1 
ATOM   371 C CA  . LEU A 1 55  ? 0.208   -7.712  10.142  1.00 16.42  ? 50  LEU A CA  1 
ATOM   372 C C   . LEU A 1 55  ? -0.507  -6.501  10.732  1.00 24.35  ? 50  LEU A C   1 
ATOM   373 O O   . LEU A 1 55  ? -1.707  -6.301  10.498  1.00 23.43  ? 50  LEU A O   1 
ATOM   374 C CB  . LEU A 1 55  ? 0.815   -7.365  8.791   1.00 17.87  ? 50  LEU A CB  1 
ATOM   375 C CG  . LEU A 1 55  ? 1.511   -8.540  8.113   1.00 22.38  ? 50  LEU A CG  1 
ATOM   376 C CD1 . LEU A 1 55  ? 2.034   -8.110  6.768   1.00 16.46  ? 50  LEU A CD1 1 
ATOM   377 C CD2 . LEU A 1 55  ? 2.639   -9.080  8.988   1.00 21.18  ? 50  LEU A CD2 1 
ATOM   378 N N   . LYS A 1 56  ? 0.214   -5.716  11.516  1.00 20.73  ? 51  LYS A N   1 
ATOM   379 C CA  . LYS A 1 56  ? -0.324  -4.520  12.125  1.00 14.72  ? 51  LYS A CA  1 
ATOM   380 C C   . LYS A 1 56  ? 0.493   -3.276  11.929  1.00 22.36  ? 51  LYS A C   1 
ATOM   381 O O   . LYS A 1 56  ? 0.015   -2.211  12.123  1.00 31.13  ? 51  LYS A O   1 
ATOM   382 C CB  . LYS A 1 56  ? -0.408  -4.658  13.638  1.00 20.83  ? 51  LYS A CB  1 
ATOM   383 C CG  . LYS A 1 56  ? -1.439  -5.600  14.214  1.00 26.37  ? 51  LYS A CG  1 
ATOM   384 C CD  . LYS A 1 56  ? -2.746  -5.550  13.485  1.00 36.93  ? 51  LYS A CD  1 
ATOM   385 C CE  . LYS A 1 56  ? -3.918  -5.629  14.417  1.00 47.40  ? 51  LYS A CE  1 
ATOM   386 N NZ  . LYS A 1 56  ? -4.596  -4.317  14.565  1.00 54.68  ? 51  LYS A NZ  1 
ATOM   387 N N   . VAL A 1 57  ? 1.744   -3.429  11.575  1.00 22.87  ? 52  VAL A N   1 
ATOM   388 C CA  . VAL A 1 57  ? 2.693   -2.308  11.508  1.00 25.42  ? 52  VAL A CA  1 
ATOM   389 C C   . VAL A 1 57  ? 3.597   -2.521  10.287  1.00 28.02  ? 52  VAL A C   1 
ATOM   390 O O   . VAL A 1 57  ? 3.997   -3.652  9.984   1.00 24.44  ? 52  VAL A O   1 
ATOM   391 C CB  . VAL A 1 57  ? 3.565   -2.128  12.802  1.00 21.79  ? 52  VAL A CB  1 
ATOM   392 C CG1 . VAL A 1 57  ? 4.630   -1.050  12.633  1.00 19.75  ? 52  VAL A CG1 1 
ATOM   393 C CG2 . VAL A 1 57  ? 2.702   -1.812  14.010  1.00 13.78  ? 52  VAL A CG2 1 
ATOM   394 N N   . ALA A 1 58  ? 3.918   -1.451  9.573   1.00 25.46  ? 53  ALA A N   1 
ATOM   395 C CA  . ALA A 1 58  ? 4.867   -1.565  8.469   1.00 22.26  ? 53  ALA A CA  1 
ATOM   396 C C   . ALA A 1 58  ? 6.048   -0.653  8.718   1.00 27.47  ? 53  ALA A C   1 
ATOM   397 O O   . ALA A 1 58  ? 5.964   0.299   9.511   1.00 27.27  ? 53  ALA A O   1 
ATOM   398 C CB  . ALA A 1 58  ? 4.215   -1.231  7.144   1.00 18.30  ? 53  ALA A CB  1 
ATOM   399 N N   . SER A 1 59  ? 7.155   -0.942  8.041   1.00 24.01  ? 54  SER A N   1 
ATOM   400 C CA  . SER A 1 59  ? 8.355   -0.133  8.214   1.00 23.80  ? 54  SER A CA  1 
ATOM   401 C C   . SER A 1 59  ? 9.144   0.048   6.924   1.00 22.84  ? 54  SER A C   1 
ATOM   402 O O   . SER A 1 59  ? 9.252   -0.862  6.089   1.00 25.78  ? 54  SER A O   1 
ATOM   403 C CB  . SER A 1 59  ? 9.251   -0.742  9.289   1.00 24.97  ? 54  SER A CB  1 
ATOM   404 O OG  . SER A 1 59  ? 10.215  0.201   9.707   1.00 27.76  ? 54  SER A OG  1 
ATOM   405 N N   . PHE A 1 60  ? 9.698   1.241   6.777   1.00 25.21  ? 55  PHE A N   1 
ATOM   406 C CA  . PHE A 1 60  ? 10.449  1.598   5.582   1.00 32.24  ? 55  PHE A CA  1 
ATOM   407 C C   . PHE A 1 60  ? 11.213  2.910   5.798   1.00 36.61  ? 55  PHE A C   1 
ATOM   408 O O   . PHE A 1 60  ? 11.076  3.571   6.843   1.00 31.07  ? 55  PHE A O   1 
ATOM   409 C CB  . PHE A 1 60  ? 9.509   1.712   4.385   1.00 25.64  ? 55  PHE A CB  1 
ATOM   410 C CG  . PHE A 1 60  ? 8.267   2.511   4.670   1.00 25.59  ? 55  PHE A CG  1 
ATOM   411 C CD1 . PHE A 1 60  ? 8.316   3.905   4.712   1.00 23.55  ? 55  PHE A CD1 1 
ATOM   412 C CD2 . PHE A 1 60  ? 7.052   1.870   4.899   1.00 28.75  ? 55  PHE A CD2 1 
ATOM   413 C CE1 . PHE A 1 60  ? 7.172   4.653   4.983   1.00 30.35  ? 55  PHE A CE1 1 
ATOM   414 C CE2 . PHE A 1 60  ? 5.890   2.607   5.167   1.00 31.90  ? 55  PHE A CE2 1 
ATOM   415 C CZ  . PHE A 1 60  ? 5.952   4.003   5.212   1.00 36.20  ? 55  PHE A CZ  1 
ATOM   416 N N   . LEU A 1 61  ? 12.025  3.300   4.840   1.00 42.92  ? 56  LEU A N   1 
ATOM   417 C CA  . LEU A 1 61  ? 12.711  4.582   4.908   1.00 41.94  ? 56  LEU A CA  1 
ATOM   418 C C   . LEU A 1 61  ? 11.847  5.679   4.361   1.00 46.23  ? 56  LEU A C   1 
ATOM   419 O O   . LEU A 1 61  ? 11.119  5.457   3.444   1.00 58.04  ? 56  LEU A O   1 
ATOM   420 C CB  . LEU A 1 61  ? 14.003  4.547   4.126   1.00 43.67  ? 56  LEU A CB  1 
ATOM   421 C CG  . LEU A 1 61  ? 15.132  3.660   4.607   1.00 48.18  ? 56  LEU A CG  1 
ATOM   422 C CD1 . LEU A 1 61  ? 16.369  3.847   3.773   1.00 40.26  ? 56  LEU A CD1 1 
ATOM   423 C CD2 . LEU A 1 61  ? 15.439  3.862   6.065   1.00 46.74  ? 56  LEU A CD2 1 
ATOM   424 N N   . ASN A 1 62  ? 11.931  6.864   4.929   1.00 46.05  ? 57  ASN A N   1 
ATOM   425 C CA  . ASN A 1 62  ? 11.235  8.018   4.396   1.00 48.40  ? 57  ASN A CA  1 
ATOM   426 C C   . ASN A 1 62  ? 12.070  8.823   3.413   1.00 62.50  ? 57  ASN A C   1 
ATOM   427 O O   . ASN A 1 62  ? 13.157  8.400   3.039   1.00 56.08  ? 57  ASN A O   1 
ATOM   428 C CB  . ASN A 1 62  ? 10.701  8.911   5.504   1.00 41.19  ? 57  ASN A CB  1 
ATOM   429 C CG  . ASN A 1 62  ? 11.778  9.596   6.292   1.00 43.36  ? 57  ASN A CG  1 
ATOM   430 O OD1 . ASN A 1 62  ? 12.946  9.398   6.089   1.00 42.17  ? 57  ASN A OD1 1 
ATOM   431 N ND2 . ASN A 1 62  ? 11.364  10.397  7.218   1.00 45.29  ? 57  ASN A ND2 1 
ATOM   432 N N   . GLU A 1 63  ? 11.541  9.968   2.979   1.00 78.72  ? 58  GLU A N   1 
ATOM   433 C CA  . GLU A 1 63  ? 12.279  10.860  2.077   1.00 80.36  ? 58  GLU A CA  1 
ATOM   434 C C   . GLU A 1 63  ? 13.671  11.200  2.597   1.00 77.16  ? 58  GLU A C   1 
ATOM   435 O O   . GLU A 1 63  ? 14.657  11.139  1.859   1.00 78.41  ? 58  GLU A O   1 
ATOM   436 C CB  . GLU A 1 63  ? 11.483  12.151  1.823   1.00 87.99  ? 58  GLU A CB  1 
ATOM   437 C CG  . GLU A 1 63  ? 10.205  11.955  1.006   1.00 94.03  ? 58  GLU A CG  1 
ATOM   438 C CD  . GLU A 1 63  ? 10.465  11.779  -0.496  1.00 93.58  ? 58  GLU A CD  1 
ATOM   439 O OE1 . GLU A 1 63  ? 11.627  11.868  -0.935  1.00 95.53  ? 58  GLU A OE1 1 
ATOM   440 O OE2 . GLU A 1 63  ? 9.504   11.530  -1.246  1.00 90.37  ? 58  GLU A OE2 1 
ATOM   441 N N   . ALA A 1 64  ? 13.745  11.529  3.882   1.00 68.05  ? 59  ALA A N   1 
ATOM   442 C CA  . ALA A 1 64  ? 15.004  11.892  4.521   1.00 61.05  ? 59  ALA A CA  1 
ATOM   443 C C   . ALA A 1 64  ? 15.917  10.695  4.770   1.00 62.78  ? 59  ALA A C   1 
ATOM   444 O O   . ALA A 1 64  ? 16.923  10.824  5.458   1.00 66.16  ? 59  ALA A O   1 
ATOM   445 C CB  . ALA A 1 64  ? 14.734  12.609  5.838   1.00 57.32  ? 59  ALA A CB  1 
ATOM   446 N N   . GLY A 1 65  ? 15.558  9.531   4.239   1.00 62.15  ? 60  GLY A N   1 
ATOM   447 C CA  . GLY A 1 65  ? 16.359  8.328   4.413   1.00 59.90  ? 60  GLY A CA  1 
ATOM   448 C C   . GLY A 1 65  ? 16.343  7.736   5.814   1.00 53.95  ? 60  GLY A C   1 
ATOM   449 O O   . GLY A 1 65  ? 17.246  6.981   6.186   1.00 52.01  ? 60  GLY A O   1 
ATOM   450 N N   . ASN A 1 66  ? 15.308  8.062   6.587   1.00 47.86  ? 61  ASN A N   1 
ATOM   451 C CA  . ASN A 1 66  ? 15.179  7.585   7.962   1.00 44.58  ? 61  ASN A CA  1 
ATOM   452 C C   . ASN A 1 66  ? 14.209  6.408   8.109   1.00 36.69  ? 61  ASN A C   1 
ATOM   453 O O   . ASN A 1 66  ? 13.222  6.321   7.365   1.00 30.67  ? 61  ASN A O   1 
ATOM   454 C CB  . ASN A 1 66  ? 14.720  8.734   8.855   1.00 57.39  ? 61  ASN A CB  1 
ATOM   455 C CG  . ASN A 1 66  ? 15.717  9.869   8.899   1.00 65.43  ? 61  ASN A CG  1 
ATOM   456 O OD1 . ASN A 1 66  ? 16.929  9.653   8.815   1.00 67.52  ? 61  ASN A OD1 1 
ATOM   457 N ND2 . ASN A 1 66  ? 15.212  11.090  9.010   1.00 66.23  ? 61  ASN A ND2 1 
ATOM   458 N N   . GLN A 1 67  ? 14.475  5.522   9.077   1.00 28.99  ? 62  GLN A N   1 
ATOM   459 C CA  . GLN A 1 67  ? 13.588  4.377   9.361   1.00 32.83  ? 62  GLN A CA  1 
ATOM   460 C C   . GLN A 1 67  ? 12.331  4.748   10.159  1.00 35.51  ? 62  GLN A C   1 
ATOM   461 O O   . GLN A 1 67  ? 12.416  5.158   11.326  1.00 43.69  ? 62  GLN A O   1 
ATOM   462 C CB  . GLN A 1 67  ? 14.344  3.278   10.124  1.00 21.89  ? 62  GLN A CB  1 
ATOM   463 C CG  . GLN A 1 67  ? 13.561  1.940   10.212  1.00 24.01  ? 62  GLN A CG  1 
ATOM   464 C CD  . GLN A 1 67  ? 13.630  1.128   8.914   1.00 29.40  ? 62  GLN A CD  1 
ATOM   465 O OE1 . GLN A 1 67  ? 14.554  1.298   8.116   1.00 37.67  ? 62  GLN A OE1 1 
ATOM   466 N NE2 . GLN A 1 67  ? 12.636  0.269   8.686   1.00 32.04  ? 62  GLN A NE2 1 
ATOM   467 N N   . ILE A 1 68  ? 11.163  4.586   9.547   1.00 30.46  ? 63  ILE A N   1 
ATOM   468 C CA  . ILE A 1 68  ? 9.929   4.911   10.255  1.00 33.52  ? 63  ILE A CA  1 
ATOM   469 C C   . ILE A 1 68  ? 8.972   3.728   10.335  1.00 26.55  ? 63  ILE A C   1 
ATOM   470 O O   . ILE A 1 68  ? 9.129   2.728   9.624   1.00 28.90  ? 63  ILE A O   1 
ATOM   471 C CB  . ILE A 1 68  ? 9.182   6.083   9.605   1.00 41.46  ? 63  ILE A CB  1 
ATOM   472 C CG1 . ILE A 1 68  ? 8.584   5.661   8.274   1.00 37.51  ? 63  ILE A CG1 1 
ATOM   473 C CG2 . ILE A 1 68  ? 10.107  7.300   9.421   1.00 48.95  ? 63  ILE A CG2 1 
ATOM   474 C CD1 . ILE A 1 68  ? 7.381   6.502   7.897   1.00 37.17  ? 63  ILE A CD1 1 
ATOM   475 N N   . TYR A 1 69  ? 7.985   3.855   11.220  1.00 25.04  ? 64  TYR A N   1 
ATOM   476 C CA  . TYR A 1 69  ? 6.947   2.850   11.404  1.00 23.21  ? 64  TYR A CA  1 
ATOM   477 C C   . TYR A 1 69  ? 5.556   3.467   11.212  1.00 22.55  ? 64  TYR A C   1 
ATOM   478 O O   . TYR A 1 69  ? 5.301   4.610   11.608  1.00 26.61  ? 64  TYR A O   1 
ATOM   479 C CB  . TYR A 1 69  ? 7.101   2.198   12.785  1.00 24.00  ? 64  TYR A CB  1 
ATOM   480 C CG  . TYR A 1 69  ? 8.420   1.441   12.900  1.00 32.35  ? 64  TYR A CG  1 
ATOM   481 C CD1 . TYR A 1 69  ? 9.613   2.108   13.218  1.00 36.52  ? 64  TYR A CD1 1 
ATOM   482 C CD2 . TYR A 1 69  ? 8.485   0.072   12.650  1.00 28.70  ? 64  TYR A CD2 1 
ATOM   483 C CE1 . TYR A 1 69  ? 10.826  1.425   13.297  1.00 36.42  ? 64  TYR A CE1 1 
ATOM   484 C CE2 . TYR A 1 69  ? 9.685   -0.616  12.730  1.00 30.58  ? 64  TYR A CE2 1 
ATOM   485 C CZ  . TYR A 1 69  ? 10.851  0.061   13.052  1.00 41.17  ? 64  TYR A CZ  1 
ATOM   486 O OH  . TYR A 1 69  ? 12.040  -0.637  13.119  1.00 45.28  ? 64  TYR A OH  1 
ATOM   487 N N   . VAL A 1 70  ? 4.677   2.722   10.546  1.00 19.67  ? 65  VAL A N   1 
ATOM   488 C CA  . VAL A 1 70  ? 3.296   3.154   10.332  1.00 17.86  ? 65  VAL A CA  1 
ATOM   489 C C   . VAL A 1 70  ? 2.305   2.043   10.710  1.00 20.24  ? 65  VAL A C   1 
ATOM   490 O O   . VAL A 1 70  ? 2.581   0.846   10.542  1.00 16.49  ? 65  VAL A O   1 
ATOM   491 C CB  . VAL A 1 70  ? 3.034   3.575   8.858   1.00 21.02  ? 65  VAL A CB  1 
ATOM   492 C CG1 . VAL A 1 70  ? 3.934   4.726   8.465   1.00 14.78  ? 65  VAL A CG1 1 
ATOM   493 C CG2 . VAL A 1 70  ? 3.243   2.404   7.912   1.00 21.92  ? 65  VAL A CG2 1 
ATOM   494 N N   . ASP A 1 71  ? 1.162   2.458   11.245  1.00 16.59  ? 66  ASP A N   1 
ATOM   495 C CA  . ASP A 1 71  ? 0.067   1.550   11.570  1.00 18.66  ? 66  ASP A CA  1 
ATOM   496 C C   . ASP A 1 71  ? -0.694  1.136   10.309  1.00 21.79  ? 66  ASP A C   1 
ATOM   497 O O   . ASP A 1 71  ? -0.752  1.879   9.323   1.00 23.73  ? 66  ASP A O   1 
ATOM   498 C CB  . ASP A 1 71  ? -0.882  2.216   12.577  1.00 22.73  ? 66  ASP A CB  1 
ATOM   499 C CG  . ASP A 1 71  ? -0.255  2.377   13.965  1.00 34.76  ? 66  ASP A CG  1 
ATOM   500 O OD1 . ASP A 1 71  ? 0.640   1.582   14.341  1.00 31.79  ? 66  ASP A OD1 1 
ATOM   501 O OD2 . ASP A 1 71  ? -0.640  3.328   14.674  1.00 50.12  ? 66  ASP A OD2 1 
ATOM   502 N N   . LEU A 1 72  ? -1.290  -0.048  10.357  1.00 22.47  ? 67  LEU A N   1 
ATOM   503 C CA  . LEU A 1 72  ? -2.065  -0.571  9.240   1.00 24.21  ? 67  LEU A CA  1 
ATOM   504 C C   . LEU A 1 72  ? -3.555  -0.678  9.597   1.00 22.24  ? 67  LEU A C   1 
ATOM   505 O O   . LEU A 1 72  ? -3.901  -1.076  10.707  1.00 26.51  ? 67  LEU A O   1 
ATOM   506 C CB  . LEU A 1 72  ? -1.520  -1.948  8.833   1.00 17.43  ? 67  LEU A CB  1 
ATOM   507 C CG  . LEU A 1 72  ? -0.035  -2.001  8.484   1.00 19.62  ? 67  LEU A CG  1 
ATOM   508 C CD1 . LEU A 1 72  ? 0.398   -3.429  8.187   1.00 14.96  ? 67  LEU A CD1 1 
ATOM   509 C CD2 . LEU A 1 72  ? 0.239   -1.089  7.292   1.00 26.54  ? 67  LEU A CD2 1 
ATOM   510 N N   . ASP A 1 73  ? -4.431  -0.323  8.660   1.00 23.57  ? 68  ASP A N   1 
ATOM   511 C CA  . ASP A 1 73  ? -5.843  -0.673  8.771   1.00 23.57  ? 68  ASP A CA  1 
ATOM   512 C C   . ASP A 1 73  ? -5.998  -2.195  8.669   1.00 24.75  ? 68  ASP A C   1 
ATOM   513 O O   . ASP A 1 73  ? -5.061  -2.899  8.282   1.00 24.03  ? 68  ASP A O   1 
ATOM   514 C CB  . ASP A 1 73  ? -6.657  0.017   7.681   1.00 23.52  ? 68  ASP A CB  1 
ATOM   515 C CG  . ASP A 1 73  ? -6.774  1.523   7.891   1.00 28.73  ? 68  ASP A CG  1 
ATOM   516 O OD1 . ASP A 1 73  ? -6.544  2.009   9.020   1.00 24.36  ? 68  ASP A OD1 1 
ATOM   517 O OD2 . ASP A 1 73  ? -7.121  2.224   6.917   1.00 37.15  ? 68  ASP A OD2 1 
ATOM   518 N N   . PRO A 1 74  ? -7.175  -2.728  9.021   1.00 25.74  ? 69  PRO A N   1 
ATOM   519 C CA  . PRO A 1 74  ? -7.285  -4.174  8.772   1.00 20.42  ? 69  PRO A CA  1 
ATOM   520 C C   . PRO A 1 74  ? -7.223  -4.480  7.264   1.00 26.04  ? 69  PRO A C   1 
ATOM   521 O O   . PRO A 1 74  ? -7.584  -3.626  6.463   1.00 18.86  ? 69  PRO A O   1 
ATOM   522 C CB  . PRO A 1 74  ? -8.650  -4.530  9.357   1.00 15.36  ? 69  PRO A CB  1 
ATOM   523 C CG  . PRO A 1 74  ? -8.974  -3.354  10.318  1.00 16.29  ? 69  PRO A CG  1 
ATOM   524 C CD  . PRO A 1 74  ? -8.374  -2.165  9.676   1.00 15.13  ? 69  PRO A CD  1 
ATOM   525 N N   . PRO A 1 75  ? -6.777  -5.686  6.885   1.00 23.73  ? 70  PRO A N   1 
ATOM   526 C CA  . PRO A 1 75  ? -6.521  -5.967  5.472   1.00 25.75  ? 70  PRO A CA  1 
ATOM   527 C C   . PRO A 1 75  ? -7.777  -6.329  4.652   1.00 29.65  ? 70  PRO A C   1 
ATOM   528 O O   . PRO A 1 75  ? -8.687  -6.942  5.201   1.00 25.62  ? 70  PRO A O   1 
ATOM   529 C CB  . PRO A 1 75  ? -5.571  -7.167  5.544   1.00 19.67  ? 70  PRO A CB  1 
ATOM   530 C CG  . PRO A 1 75  ? -6.078  -7.926  6.757   1.00 15.87  ? 70  PRO A CG  1 
ATOM   531 C CD  . PRO A 1 75  ? -6.417  -6.830  7.753   1.00 14.84  ? 70  PRO A CD  1 
ATOM   532 N N   . CYS A 1 76  ? -7.805  -5.924  3.375   1.00 28.49  ? 71  CYS A N   1 
ATOM   533 C CA  . CYS A 1 76  ? -8.701  -6.470  2.346   1.00 25.93  ? 71  CYS A CA  1 
ATOM   534 C C   . CYS A 1 76  ? -8.070  -7.759  1.871   1.00 26.10  ? 71  CYS A C   1 
ATOM   535 O O   . CYS A 1 76  ? -6.841  -7.861  1.900   1.00 28.81  ? 71  CYS A O   1 
ATOM   536 C CB  . CYS A 1 76  ? -8.783  -5.580  1.108   1.00 27.30  ? 71  CYS A CB  1 
ATOM   537 S SG  . CYS A 1 76  ? -8.853  -3.842  1.323   1.00 44.70  ? 71  CYS A SG  1 
ATOM   538 N N   . LYS A 1 77  ? -8.833  -8.707  1.336   1.00 20.77  ? 72  LYS A N   1 
ATOM   539 C CA  . LYS A 1 77  ? -8.148  -9.790  0.654   1.00 29.83  ? 72  LYS A CA  1 
ATOM   540 C C   . LYS A 1 77  ? -8.533  -9.895  -0.813  1.00 21.06  ? 72  LYS A C   1 
ATOM   541 O O   . LYS A 1 77  ? -9.628  -9.549  -1.199  1.00 27.27  ? 72  LYS A O   1 
ATOM   542 C CB  . LYS A 1 77  ? -8.373  -11.115 1.383   1.00 32.61  ? 72  LYS A CB  1 
ATOM   543 C CG  . LYS A 1 77  ? -9.713  -11.313 1.957   1.00 29.41  ? 72  LYS A CG  1 
ATOM   544 C CD  . LYS A 1 77  ? -9.810  -12.714 2.542   1.00 33.93  ? 72  LYS A CD  1 
ATOM   545 C CE  . LYS A 1 77  ? -11.216 -12.996 3.052   1.00 44.35  ? 72  LYS A CE  1 
ATOM   546 N NZ  . LYS A 1 77  ? -11.650 -11.988 4.073   1.00 47.36  ? 72  LYS A NZ  1 
ATOM   547 N N   . PHE A 1 78  ? -7.596  -10.363 -1.623  1.00 17.49  ? 73  PHE A N   1 
ATOM   548 C CA  . PHE A 1 78  ? -7.815  -10.518 -3.056  1.00 24.53  ? 73  PHE A CA  1 
ATOM   549 C C   . PHE A 1 78  ? -7.195  -11.815 -3.556  1.00 28.51  ? 73  PHE A C   1 
ATOM   550 O O   . PHE A 1 78  ? -6.234  -12.311 -2.969  1.00 28.15  ? 73  PHE A O   1 
ATOM   551 C CB  . PHE A 1 78  ? -7.200  -9.356  -3.846  1.00 21.35  ? 73  PHE A CB  1 
ATOM   552 C CG  . PHE A 1 78  ? -7.772  -8.005  -3.521  1.00 26.52  ? 73  PHE A CG  1 
ATOM   553 C CD1 . PHE A 1 78  ? -9.001  -7.611  -4.035  1.00 38.10  ? 73  PHE A CD1 1 
ATOM   554 C CD2 . PHE A 1 78  ? -7.053  -7.106  -2.751  1.00 29.46  ? 73  PHE A CD2 1 
ATOM   555 C CE1 . PHE A 1 78  ? -9.524  -6.348  -3.767  1.00 31.31  ? 73  PHE A CE1 1 
ATOM   556 C CE2 . PHE A 1 78  ? -7.565  -5.846  -2.474  1.00 33.87  ? 73  PHE A CE2 1 
ATOM   557 C CZ  . PHE A 1 78  ? -8.803  -5.468  -2.986  1.00 31.05  ? 73  PHE A CZ  1 
ATOM   558 N N   . GLY A 1 79  ? -7.730  -12.354 -4.647  1.00 27.67  ? 74  GLY A N   1 
ATOM   559 C CA  . GLY A 1 79  ? -6.991  -13.336 -5.417  1.00 30.00  ? 74  GLY A CA  1 
ATOM   560 C C   . GLY A 1 79  ? -6.261  -12.598 -6.534  1.00 24.50  ? 74  GLY A C   1 
ATOM   561 O O   . GLY A 1 79  ? -6.897  -11.956 -7.370  1.00 20.44  ? 74  GLY A O   1 
ATOM   562 N N   . MET A 1 80  ? -4.935  -12.672 -6.561  1.00 18.19  ? 75  MET A N   1 
ATOM   563 C CA  . MET A 1 80  ? -4.175  -11.942 -7.576  1.00 27.82  ? 75  MET A CA  1 
ATOM   564 C C   . MET A 1 80  ? -3.410  -12.858 -8.519  1.00 41.60  ? 75  MET A C   1 
ATOM   565 O O   . MET A 1 80  ? -2.866  -13.882 -8.098  1.00 44.12  ? 75  MET A O   1 
ATOM   566 C CB  . MET A 1 80  ? -3.195  -10.981 -6.916  1.00 29.87  ? 75  MET A CB  1 
ATOM   567 C CG  . MET A 1 80  ? -3.873  -9.992  -6.013  1.00 40.83  ? 75  MET A CG  1 
ATOM   568 S SD  . MET A 1 80  ? -2.780  -8.643  -5.584  1.00 43.47  ? 75  MET A SD  1 
ATOM   569 C CE  . MET A 1 80  ? -3.795  -7.846  -4.342  1.00 53.90  ? 75  MET A CE  1 
ATOM   570 N N   . LYS A 1 81  ? -3.382  -12.470 -9.795  1.00 43.36  ? 76  LYS A N   1 
ATOM   571 C CA  . LYS A 1 81  ? -2.550  -13.114 -10.809 1.00 45.81  ? 76  LYS A CA  1 
ATOM   572 C C   . LYS A 1 81  ? -1.079  -12.948 -10.488 1.00 47.71  ? 76  LYS A C   1 
ATOM   573 O O   . LYS A 1 81  ? -0.582  -11.826 -10.408 1.00 54.19  ? 76  LYS A O   1 
ATOM   574 C CB  . LYS A 1 81  ? -2.804  -12.525 -12.202 1.00 49.54  ? 76  LYS A CB  1 
ATOM   575 C CG  . LYS A 1 81  ? -4.036  -13.018 -12.926 1.00 57.33  ? 76  LYS A CG  1 
ATOM   576 C CD  . LYS A 1 81  ? -3.804  -12.952 -14.440 1.00 63.51  ? 76  LYS A CD  1 
ATOM   577 C CE  . LYS A 1 81  ? -4.952  -12.268 -15.187 1.00 64.02  ? 76  LYS A CE  1 
ATOM   578 N NZ  . LYS A 1 81  ? -4.572  -11.879 -16.586 1.00 56.73  ? 76  LYS A NZ  1 
ATOM   579 N N   . VAL A 1 82  ? -0.384  -14.065 -10.318 1.00 54.83  ? 77  VAL A N   1 
ATOM   580 C CA  . VAL A 1 82  ? 1.066   -14.077 -10.131 1.00 54.08  ? 77  VAL A CA  1 
ATOM   581 C C   . VAL A 1 82  ? 1.665   -15.147 -11.046 1.00 64.20  ? 77  VAL A C   1 
ATOM   582 O O   . VAL A 1 82  ? 1.830   -16.299 -10.641 1.00 76.42  ? 77  VAL A O   1 
ATOM   583 C CB  . VAL A 1 82  ? 1.448   -14.348 -8.657  1.00 42.86  ? 77  VAL A CB  1 
ATOM   584 C CG1 . VAL A 1 82  ? 2.940   -14.293 -8.482  1.00 39.77  ? 77  VAL A CG1 1 
ATOM   585 C CG2 . VAL A 1 82  ? 0.762   -13.341 -7.736  1.00 28.80  ? 77  VAL A CG2 1 
ATOM   586 N N   . GLY A 1 83  ? 1.962   -14.773 -12.287 1.00 62.05  ? 78  GLY A N   1 
ATOM   587 C CA  . GLY A 1 83  ? 2.410   -15.738 -13.275 1.00 65.69  ? 78  GLY A CA  1 
ATOM   588 C C   . GLY A 1 83  ? 1.240   -16.537 -13.831 1.00 69.83  ? 78  GLY A C   1 
ATOM   589 O O   . GLY A 1 83  ? 0.243   -15.950 -14.269 1.00 66.55  ? 78  GLY A O   1 
ATOM   590 N N   . ASP A 1 84  ? 1.365   -17.867 -13.835 1.00 71.92  ? 79  ASP A N   1 
ATOM   591 C CA  . ASP A 1 84  ? 0.246   -18.758 -14.164 1.00 76.70  ? 79  ASP A CA  1 
ATOM   592 C C   . ASP A 1 84  ? -0.501  -19.179 -12.902 1.00 73.57  ? 79  ASP A C   1 
ATOM   593 O O   . ASP A 1 84  ? -1.425  -19.999 -12.964 1.00 70.35  ? 79  ASP A O   1 
ATOM   594 C CB  . ASP A 1 84  ? 0.711   -20.019 -14.906 1.00 83.93  ? 79  ASP A CB  1 
ATOM   595 C CG  . ASP A 1 84  ? 1.101   -19.753 -16.347 1.00 90.92  ? 79  ASP A CG  1 
ATOM   596 O OD1 . ASP A 1 84  ? 0.764   -18.674 -16.881 1.00 91.07  ? 79  ASP A OD1 1 
ATOM   597 O OD2 . ASP A 1 84  ? 1.727   -20.646 -16.954 1.00 93.15  ? 79  ASP A OD2 1 
ATOM   598 N N   . LYS A 1 85  ? -0.085  -18.629 -11.762 1.00 64.13  ? 80  LYS A N   1 
ATOM   599 C CA  . LYS A 1 85  ? -0.699  -18.967 -10.480 1.00 57.64  ? 80  LYS A CA  1 
ATOM   600 C C   . LYS A 1 85  ? -1.644  -17.854 -9.982  1.00 51.20  ? 80  LYS A C   1 
ATOM   601 O O   . LYS A 1 85  ? -1.479  -16.676 -10.324 1.00 39.54  ? 80  LYS A O   1 
ATOM   602 C CB  . LYS A 1 85  ? 0.386   -19.268 -9.436  1.00 39.18  ? 80  LYS A CB  1 
ATOM   603 N N   . VAL A 1 86  ? -2.654  -18.241 -9.207  1.00 43.40  ? 81  VAL A N   1 
ATOM   604 C CA  . VAL A 1 86  ? -3.516  -17.276 -8.535  1.00 31.23  ? 81  VAL A CA  1 
ATOM   605 C C   . VAL A 1 86  ? -3.290  -17.407 -7.038  1.00 29.98  ? 81  VAL A C   1 
ATOM   606 O O   . VAL A 1 86  ? -3.380  -18.506 -6.496  1.00 28.30  ? 81  VAL A O   1 
ATOM   607 C CB  . VAL A 1 86  ? -4.993  -17.499 -8.862  1.00 28.50  ? 81  VAL A CB  1 
ATOM   608 C CG1 . VAL A 1 86  ? -5.855  -16.546 -8.063  1.00 29.24  ? 81  VAL A CG1 1 
ATOM   609 C CG2 . VAL A 1 86  ? -5.241  -17.320 -10.351 1.00 23.45  ? 81  VAL A CG2 1 
ATOM   610 N N   . GLU A 1 87  ? -2.980  -16.304 -6.363  1.00 33.25  ? 82  GLU A N   1 
ATOM   611 C CA  . GLU A 1 87  ? -2.718  -16.381 -4.927  1.00 36.64  ? 82  GLU A CA  1 
ATOM   612 C C   . GLU A 1 87  ? -3.593  -15.451 -4.104  1.00 24.84  ? 82  GLU A C   1 
ATOM   613 O O   . GLU A 1 87  ? -4.050  -14.423 -4.586  1.00 24.90  ? 82  GLU A O   1 
ATOM   614 C CB  . GLU A 1 87  ? -1.247  -16.088 -4.630  1.00 54.11  ? 82  GLU A CB  1 
ATOM   615 C CG  . GLU A 1 87  ? -0.269  -17.048 -5.297  1.00 69.79  ? 82  GLU A CG  1 
ATOM   616 C CD  . GLU A 1 87  ? 1.134   -16.483 -5.393  1.00 75.53  ? 82  GLU A CD  1 
ATOM   617 O OE1 . GLU A 1 87  ? 1.334   -15.302 -5.035  1.00 72.98  ? 82  GLU A OE1 1 
ATOM   618 O OE2 . GLU A 1 87  ? 2.039   -17.226 -5.823  1.00 81.51  ? 82  GLU A OE2 1 
ATOM   619 N N   . VAL A 1 88  ? -3.841  -15.849 -2.863  1.00 24.85  ? 83  VAL A N   1 
ATOM   620 C CA  . VAL A 1 88  ? -4.510  -14.997 -1.905  1.00 29.44  ? 83  VAL A CA  1 
ATOM   621 C C   . VAL A 1 88  ? -3.518  -13.965 -1.387  1.00 25.04  ? 83  VAL A C   1 
ATOM   622 O O   . VAL A 1 88  ? -2.477  -14.322 -0.849  1.00 32.28  ? 83  VAL A O   1 
ATOM   623 C CB  . VAL A 1 88  ? -5.085  -15.790 -0.731  1.00 27.39  ? 83  VAL A CB  1 
ATOM   624 C CG1 . VAL A 1 88  ? -5.602  -14.836 0.314   1.00 30.33  ? 83  VAL A CG1 1 
ATOM   625 C CG2 . VAL A 1 88  ? -6.207  -16.702 -1.206  1.00 29.81  ? 83  VAL A CG2 1 
ATOM   626 N N   . VAL A 1 89  ? -3.847  -12.691 -1.574  1.00 23.92  ? 84  VAL A N   1 
ATOM   627 C CA  . VAL A 1 89  ? -3.006  -11.582 -1.138  1.00 23.88  ? 84  VAL A CA  1 
ATOM   628 C C   . VAL A 1 89  ? -3.784  -10.667 -0.199  1.00 20.69  ? 84  VAL A C   1 
ATOM   629 O O   . VAL A 1 89  ? -4.931  -10.319 -0.469  1.00 28.86  ? 84  VAL A O   1 
ATOM   630 C CB  . VAL A 1 89  ? -2.483  -10.767 -2.341  1.00 26.81  ? 84  VAL A CB  1 
ATOM   631 C CG1 . VAL A 1 89  ? -1.620  -9.602  -1.874  1.00 15.41  ? 84  VAL A CG1 1 
ATOM   632 C CG2 . VAL A 1 89  ? -1.696  -11.672 -3.305  1.00 16.80  ? 84  VAL A CG2 1 
ATOM   633 N N   . TYR A 1 90  ? -3.162  -10.300 0.915   1.00 25.62  ? 85  TYR A N   1 
ATOM   634 C CA  . TYR A 1 90  ? -3.755  -9.382  1.886   1.00 15.63  ? 85  TYR A CA  1 
ATOM   635 C C   . TYR A 1 90  ? -3.232  -7.981  1.654   1.00 14.78  ? 85  TYR A C   1 
ATOM   636 O O   . TYR A 1 90  ? -2.020  -7.760  1.579   1.00 23.13  ? 85  TYR A O   1 
ATOM   637 C CB  . TYR A 1 90  ? -3.458  -9.855  3.315   1.00 15.26  ? 85  TYR A CB  1 
ATOM   638 C CG  . TYR A 1 90  ? -4.113  -11.184 3.580   1.00 23.00  ? 85  TYR A CG  1 
ATOM   639 C CD1 . TYR A 1 90  ? -5.437  -11.249 4.006   1.00 26.50  ? 85  TYR A CD1 1 
ATOM   640 C CD2 . TYR A 1 90  ? -3.444  -12.377 3.330   1.00 21.83  ? 85  TYR A CD2 1 
ATOM   641 C CE1 . TYR A 1 90  ? -6.064  -12.471 4.227   1.00 20.72  ? 85  TYR A CE1 1 
ATOM   642 C CE2 . TYR A 1 90  ? -4.074  -13.608 3.534   1.00 17.35  ? 85  TYR A CE2 1 
ATOM   643 C CZ  . TYR A 1 90  ? -5.383  -13.640 3.981   1.00 20.84  ? 85  TYR A CZ  1 
ATOM   644 O OH  . TYR A 1 90  ? -6.017  -14.840 4.199   1.00 29.01  ? 85  TYR A OH  1 
ATOM   645 N N   . LEU A 1 91  ? -4.147  -7.037  1.506   1.00 16.73  ? 86  LEU A N   1 
ATOM   646 C CA  . LEU A 1 91  ? -3.775  -5.670  1.178   1.00 17.14  ? 86  LEU A CA  1 
ATOM   647 C C   . LEU A 1 91  ? -4.156  -4.772  2.352   1.00 27.25  ? 86  LEU A C   1 
ATOM   648 O O   . LEU A 1 91  ? -5.330  -4.713  2.755   1.00 22.97  ? 86  LEU A O   1 
ATOM   649 C CB  . LEU A 1 91  ? -4.449  -5.235  -0.121  1.00 20.80  ? 86  LEU A CB  1 
ATOM   650 C CG  . LEU A 1 91  ? -4.242  -3.861  -0.784  1.00 27.82  ? 86  LEU A CG  1 
ATOM   651 C CD1 . LEU A 1 91  ? -5.213  -2.878  -0.226  1.00 28.96  ? 86  LEU A CD1 1 
ATOM   652 C CD2 . LEU A 1 91  ? -2.848  -3.327  -0.644  1.00 26.07  ? 86  LEU A CD2 1 
ATOM   653 N N   . TYR A 1 92  ? -3.143  -4.118  2.919   1.00 13.65  ? 87  TYR A N   1 
ATOM   654 C CA  . TYR A 1 92  ? -3.314  -3.259  4.073   1.00 12.39  ? 87  TYR A CA  1 
ATOM   655 C C   . TYR A 1 92  ? -3.035  -1.830  3.680   1.00 15.87  ? 87  TYR A C   1 
ATOM   656 O O   . TYR A 1 92  ? -1.918  -1.520  3.263   1.00 22.46  ? 87  TYR A O   1 
ATOM   657 C CB  . TYR A 1 92  ? -2.345  -3.610  5.210   1.00 20.54  ? 87  TYR A CB  1 
ATOM   658 C CG  . TYR A 1 92  ? -2.269  -5.036  5.695   1.00 21.83  ? 87  TYR A CG  1 
ATOM   659 C CD1 . TYR A 1 92  ? -1.613  -6.025  4.957   1.00 11.51  ? 87  TYR A CD1 1 
ATOM   660 C CD2 . TYR A 1 92  ? -2.795  -5.371  6.932   1.00 20.33  ? 87  TYR A CD2 1 
ATOM   661 C CE1 . TYR A 1 92  ? -1.530  -7.323  5.436   1.00 15.26  ? 87  TYR A CE1 1 
ATOM   662 C CE2 . TYR A 1 92  ? -2.714  -6.642  7.421   1.00 21.81  ? 87  TYR A CE2 1 
ATOM   663 C CZ  . TYR A 1 92  ? -2.086  -7.614  6.682   1.00 26.67  ? 87  TYR A CZ  1 
ATOM   664 O OH  . TYR A 1 92  ? -2.021  -8.868  7.224   1.00 20.33  ? 87  TYR A OH  1 
ATOM   665 N N   . PHE A 1 93  ? -4.011  -0.954  3.836   1.00 15.49  ? 88  PHE A N   1 
ATOM   666 C CA  . PHE A 1 93  ? -3.732  0.457   3.664   1.00 20.45  ? 88  PHE A CA  1 
ATOM   667 C C   . PHE A 1 93  ? -3.147  0.966   4.955   1.00 23.97  ? 88  PHE A C   1 
ATOM   668 O O   . PHE A 1 93  ? -3.410  0.443   6.034   1.00 21.16  ? 88  PHE A O   1 
ATOM   669 C CB  . PHE A 1 93  ? -4.979  1.252   3.289   1.00 16.39  ? 88  PHE A CB  1 
ATOM   670 C CG  . PHE A 1 93  ? -5.494  0.946   1.919   1.00 17.96  ? 88  PHE A CG  1 
ATOM   671 C CD1 . PHE A 1 93  ? -4.809  1.387   0.791   1.00 13.84  ? 88  PHE A CD1 1 
ATOM   672 C CD2 . PHE A 1 93  ? -6.651  0.194   1.756   1.00 15.86  ? 88  PHE A CD2 1 
ATOM   673 C CE1 . PHE A 1 93  ? -5.282  1.101   -0.478  1.00 21.22  ? 88  PHE A CE1 1 
ATOM   674 C CE2 . PHE A 1 93  ? -7.136  -0.099  0.494   1.00 15.71  ? 88  PHE A CE2 1 
ATOM   675 C CZ  . PHE A 1 93  ? -6.451  0.351   -0.629  1.00 18.44  ? 88  PHE A CZ  1 
ATOM   676 N N   . ILE A 1 94  ? -2.338  1.992   4.825   1.00 23.05  ? 89  ILE A N   1 
ATOM   677 C CA  . ILE A 1 94  ? -1.715  2.612   5.958   1.00 25.47  ? 89  ILE A CA  1 
ATOM   678 C C   . ILE A 1 94  ? -2.700  3.571   6.653   1.00 23.19  ? 89  ILE A C   1 
ATOM   679 O O   . ILE A 1 94  ? -3.492  4.241   5.992   1.00 28.60  ? 89  ILE A O   1 
ATOM   680 C CB  . ILE A 1 94  ? -0.436  3.296   5.469   1.00 23.59  ? 89  ILE A CB  1 
ATOM   681 C CG1 . ILE A 1 94  ? 0.624   2.203   5.313   1.00 23.56  ? 89  ILE A CG1 1 
ATOM   682 C CG2 . ILE A 1 94  ? -0.004  4.436   6.383   1.00 12.91  ? 89  ILE A CG2 1 
ATOM   683 C CD1 . ILE A 1 94  ? 1.777   2.589   4.516   1.00 24.86  ? 89  ILE A CD1 1 
ATOM   684 N N   . LYS A 1 95  ? -2.674  3.585   7.984   1.00 25.47  ? 90  LYS A N   1 
ATOM   685 C CA  . LYS A 1 95  ? -3.590  4.381   8.788   1.00 27.56  ? 90  LYS A CA  1 
ATOM   686 C C   . LYS A 1 95  ? -3.661  5.798   8.251   1.00 32.83  ? 90  LYS A C   1 
ATOM   687 O O   . LYS A 1 95  ? -2.616  6.436   8.059   1.00 31.49  ? 90  LYS A O   1 
ATOM   688 C CB  . LYS A 1 95  ? -3.147  4.404   10.253  1.00 40.78  ? 90  LYS A CB  1 
ATOM   689 C CG  . LYS A 1 95  ? -4.238  4.079   11.262  1.00 44.86  ? 90  LYS A CG  1 
ATOM   690 C CD  . LYS A 1 95  ? -4.502  2.576   11.280  1.00 52.20  ? 90  LYS A CD  1 
ATOM   691 C CE  . LYS A 1 95  ? -5.359  2.141   12.463  1.00 52.79  ? 90  LYS A CE  1 
ATOM   692 N NZ  . LYS A 1 95  ? -5.726  0.691   12.374  1.00 52.29  ? 90  LYS A NZ  1 
ATOM   693 N N   . ASN A 1 96  ? -4.889  6.255   7.977   1.00 25.58  ? 91  ASN A N   1 
ATOM   694 C CA  . ASN A 1 96  ? -5.177  7.638   7.573   1.00 30.44  ? 91  ASN A CA  1 
ATOM   695 C C   . ASN A 1 96  ? -4.763  8.014   6.162   1.00 28.59  ? 91  ASN A C   1 
ATOM   696 O O   . ASN A 1 96  ? -4.594  9.193   5.858   1.00 32.20  ? 91  ASN A O   1 
ATOM   697 C CB  . ASN A 1 96  ? -4.529  8.632   8.538   1.00 26.98  ? 91  ASN A CB  1 
ATOM   698 C CG  . ASN A 1 96  ? -4.951  8.401   9.972   1.00 37.57  ? 91  ASN A CG  1 
ATOM   699 O OD1 . ASN A 1 96  ? -4.117  8.393   10.883  1.00 45.37  ? 91  ASN A OD1 1 
ATOM   700 N ND2 . ASN A 1 96  ? -6.253  8.181   10.179  1.00 24.92  ? 91  ASN A ND2 1 
ATOM   701 N N   . THR A 1 97  ? -4.599  7.021   5.302   1.00 19.93  ? 92  THR A N   1 
ATOM   702 C CA  . THR A 1 97  ? -4.275  7.292   3.921   1.00 21.58  ? 92  THR A CA  1 
ATOM   703 C C   . THR A 1 97  ? -5.472  8.010   3.302   1.00 20.85  ? 92  THR A C   1 
ATOM   704 O O   . THR A 1 97  ? -6.617  7.697   3.622   1.00 22.61  ? 92  THR A O   1 
ATOM   705 C CB  . THR A 1 97  ? -3.938  5.992   3.166   1.00 24.74  ? 92  THR A CB  1 
ATOM   706 O OG1 . THR A 1 97  ? -2.695  5.478   3.659   1.00 23.76  ? 92  THR A OG1 1 
ATOM   707 C CG2 . THR A 1 97  ? -3.801  6.256   1.667   1.00 21.59  ? 92  THR A CG2 1 
ATOM   708 N N   . ARG A 1 98  ? -5.206  9.003   2.459   1.00 20.48  ? 93  ARG A N   1 
ATOM   709 C CA  . ARG A 1 98  ? -6.270  9.721   1.761   1.00 18.33  ? 93  ARG A CA  1 
ATOM   710 C C   . ARG A 1 98  ? -7.065  8.769   0.861   1.00 26.39  ? 93  ARG A C   1 
ATOM   711 O O   . ARG A 1 98  ? -6.506  7.813   0.303   1.00 29.51  ? 93  ARG A O   1 
ATOM   712 C CB  . ARG A 1 98  ? -5.689  10.856  0.924   1.00 22.81  ? 93  ARG A CB  1 
ATOM   713 C CG  . ARG A 1 98  ? -5.144  12.018  1.739   1.00 31.42  ? 93  ARG A CG  1 
ATOM   714 C CD  . ARG A 1 98  ? -5.270  13.330  0.950   1.00 44.82  ? 93  ARG A CD  1 
ATOM   715 N NE  . ARG A 1 98  ? -4.281  13.466  -0.115  1.00 50.63  ? 93  ARG A NE  1 
ATOM   716 C CZ  . ARG A 1 98  ? -4.515  14.006  -1.312  1.00 53.43  ? 93  ARG A CZ  1 
ATOM   717 N NH1 . ARG A 1 98  ? -5.723  14.446  -1.639  1.00 48.91  ? 93  ARG A NH1 1 
ATOM   718 N NH2 . ARG A 1 98  ? -3.533  14.090  -2.199  1.00 57.06  ? 93  ARG A NH2 1 
ATOM   719 N N   . SER A 1 99  ? -8.360  9.043   0.709   1.00 23.50  ? 94  SER A N   1 
ATOM   720 C CA  . SER A 1 99  ? -9.255  8.179   -0.059  1.00 22.75  ? 94  SER A CA  1 
ATOM   721 C C   . SER A 1 99  ? -8.830  8.038   -1.520  1.00 25.51  ? 94  SER A C   1 
ATOM   722 O O   . SER A 1 99  ? -8.915  6.952   -2.106  1.00 29.42  ? 94  SER A O   1 
ATOM   723 C CB  . SER A 1 99  ? -10.684 8.715   0.003   1.00 25.73  ? 94  SER A CB  1 
ATOM   724 O OG  . SER A 1 99  ? -11.214 8.600   1.306   1.00 32.98  ? 94  SER A OG  1 
ATOM   725 N N   . ILE A 1 100 ? -8.375  9.142   -2.106  1.00 18.25  ? 95  ILE A N   1 
ATOM   726 C CA  . ILE A 1 100 ? -7.977  9.131   -3.497  1.00 22.94  ? 95  ILE A CA  1 
ATOM   727 C C   . ILE A 1 100 ? -6.712  8.282   -3.644  1.00 29.21  ? 95  ILE A C   1 
ATOM   728 O O   . ILE A 1 100 ? -6.538  7.577   -4.638  1.00 31.63  ? 95  ILE A O   1 
ATOM   729 C CB  . ILE A 1 100 ? -7.780  10.576  -4.038  1.00 19.63  ? 95  ILE A CB  1 
ATOM   730 C CG1 . ILE A 1 100 ? -7.602  10.567  -5.550  1.00 23.82  ? 95  ILE A CG1 1 
ATOM   731 C CG2 . ILE A 1 100 ? -6.618  11.295  -3.365  1.00 14.43  ? 95  ILE A CG2 1 
ATOM   732 C CD1 . ILE A 1 100 ? -7.600  11.972  -6.162  1.00 23.88  ? 95  ILE A CD1 1 
ATOM   733 N N   . VAL A 1 101 ? -5.857  8.307   -2.627  1.00 26.05  ? 96  VAL A N   1 
ATOM   734 C CA  . VAL A 1 101 ? -4.624  7.543   -2.681  1.00 26.69  ? 96  VAL A CA  1 
ATOM   735 C C   . VAL A 1 101 ? -4.918  6.057   -2.490  1.00 25.85  ? 96  VAL A C   1 
ATOM   736 O O   . VAL A 1 101 ? -4.292  5.210   -3.142  1.00 18.18  ? 96  VAL A O   1 
ATOM   737 C CB  . VAL A 1 101 ? -3.604  8.048   -1.640  1.00 27.89  ? 96  VAL A CB  1 
ATOM   738 C CG1 . VAL A 1 101 ? -2.388  7.161   -1.608  1.00 14.63  ? 96  VAL A CG1 1 
ATOM   739 C CG2 . VAL A 1 101 ? -3.181  9.480   -1.970  1.00 22.03  ? 96  VAL A CG2 1 
ATOM   740 N N   . ARG A 1 102 ? -5.879  5.735   -1.622  1.00 18.43  ? 97  ARG A N   1 
ATOM   741 C CA  . ARG A 1 102 ? -6.339  4.348   -1.495  1.00 16.26  ? 97  ARG A CA  1 
ATOM   742 C C   . ARG A 1 102 ? -6.864  3.820   -2.828  1.00 22.79  ? 97  ARG A C   1 
ATOM   743 O O   . ARG A 1 102 ? -6.575  2.695   -3.224  1.00 27.69  ? 97  ARG A O   1 
ATOM   744 C CB  . ARG A 1 102 ? -7.439  4.218   -0.439  1.00 17.52  ? 97  ARG A CB  1 
ATOM   745 C CG  . ARG A 1 102 ? -6.992  4.527   0.979   1.00 28.85  ? 97  ARG A CG  1 
ATOM   746 C CD  . ARG A 1 102 ? -8.138  4.413   1.977   1.00 24.18  ? 97  ARG A CD  1 
ATOM   747 N NE  . ARG A 1 102 ? -7.741  4.967   3.266   1.00 33.07  ? 97  ARG A NE  1 
ATOM   748 C CZ  . ARG A 1 102 ? -7.482  4.236   4.347   1.00 34.17  ? 97  ARG A CZ  1 
ATOM   749 N NH1 . ARG A 1 102 ? -7.606  2.916   4.308   1.00 36.65  ? 97  ARG A NH1 1 
ATOM   750 N NH2 . ARG A 1 102 ? -7.116  4.824   5.474   1.00 28.65  ? 97  ARG A NH2 1 
ATOM   751 N N   . GLY A 1 103 ? -7.656  4.642   -3.508  1.00 26.49  ? 98  GLY A N   1 
ATOM   752 C CA  . GLY A 1 103 ? -8.223  4.262   -4.785  1.00 15.95  ? 98  GLY A CA  1 
ATOM   753 C C   . GLY A 1 103 ? -7.139  4.027   -5.817  1.00 24.13  ? 98  GLY A C   1 
ATOM   754 O O   . GLY A 1 103 ? -7.240  3.091   -6.627  1.00 24.73  ? 98  GLY A O   1 
ATOM   755 N N   A MET A 1 104 ? -6.121  4.893   -5.803  0.48 16.13  ? 99  MET A N   1 
ATOM   756 N N   B MET A 1 104 ? -6.100  4.852   -5.788  0.52 15.97  ? 99  MET A N   1 
ATOM   757 C CA  A MET A 1 104 ? -4.971  4.769   -6.696  0.48 17.89  ? 99  MET A CA  1 
ATOM   758 C CA  B MET A 1 104 ? -5.023  4.712   -6.751  0.52 17.71  ? 99  MET A CA  1 
ATOM   759 C C   A MET A 1 104 ? -4.414  3.350   -6.664  0.48 18.31  ? 99  MET A C   1 
ATOM   760 C C   B MET A 1 104 ? -4.357  3.346   -6.675  0.52 18.42  ? 99  MET A C   1 
ATOM   761 O O   A MET A 1 104 ? -4.260  2.715   -7.706  0.48 17.36  ? 99  MET A O   1 
ATOM   762 O O   B MET A 1 104 ? -4.063  2.744   -7.703  0.52 17.65  ? 99  MET A O   1 
ATOM   763 C CB  A MET A 1 104 ? -3.871  5.770   -6.318  0.48 20.68  ? 99  MET A CB  1 
ATOM   764 C CB  B MET A 1 104 ? -3.996  5.811   -6.553  0.52 20.92  ? 99  MET A CB  1 
ATOM   765 C CG  A MET A 1 104 ? -3.794  7.038   -7.179  0.48 25.31  ? 99  MET A CG  1 
ATOM   766 C CG  B MET A 1 104 ? -4.479  7.139   -7.066  0.52 25.16  ? 99  MET A CG  1 
ATOM   767 S SD  A MET A 1 104 ? -3.079  6.784   -8.823  0.48 29.82  ? 99  MET A SD  1 
ATOM   768 S SD  B MET A 1 104 ? -3.104  8.266   -7.221  0.52 31.32  ? 99  MET A SD  1 
ATOM   769 C CE  A MET A 1 104 ? -1.774  8.019   -8.884  0.48 19.69  ? 99  MET A CE  1 
ATOM   770 C CE  B MET A 1 104 ? -1.871  7.181   -7.929  0.52 26.99  ? 99  MET A CE  1 
ATOM   771 N N   . VAL A 1 105 ? -4.134  2.856   -5.458  1.00 18.78  ? 100 VAL A N   1 
ATOM   772 C CA  . VAL A 1 105 ? -3.620  1.508   -5.268  1.00 14.70  ? 100 VAL A CA  1 
ATOM   773 C C   . VAL A 1 105 ? -4.601  0.475   -5.827  1.00 20.61  ? 100 VAL A C   1 
ATOM   774 O O   . VAL A 1 105 ? -4.193  -0.462  -6.517  1.00 18.67  ? 100 VAL A O   1 
ATOM   775 C CB  . VAL A 1 105 ? -3.364  1.189   -3.779  1.00 18.80  ? 100 VAL A CB  1 
ATOM   776 C CG1 . VAL A 1 105 ? -2.928  -0.274  -3.616  1.00 20.29  ? 100 VAL A CG1 1 
ATOM   777 C CG2 . VAL A 1 105 ? -2.312  2.114   -3.198  1.00 12.10  ? 100 VAL A CG2 1 
ATOM   778 N N   . LEU A 1 106 ? -5.888  0.642   -5.530  1.00 20.40  ? 101 LEU A N   1 
ATOM   779 C CA  . LEU A 1 106 ? -6.888  -0.322  -5.991  1.00 23.88  ? 101 LEU A CA  1 
ATOM   780 C C   . LEU A 1 106 ? -6.940  -0.322  -7.510  1.00 26.58  ? 101 LEU A C   1 
ATOM   781 O O   . LEU A 1 106 ? -7.047  -1.379  -8.139  1.00 26.50  ? 101 LEU A O   1 
ATOM   782 C CB  . LEU A 1 106 ? -8.278  -0.018  -5.415  1.00 15.24  ? 101 LEU A CB  1 
ATOM   783 C CG  . LEU A 1 106 ? -8.458  -0.216  -3.908  1.00 22.02  ? 101 LEU A CG  1 
ATOM   784 C CD1 . LEU A 1 106 ? -9.854  0.214   -3.478  1.00 18.87  ? 101 LEU A CD1 1 
ATOM   785 C CD2 . LEU A 1 106 ? -8.191  -1.661  -3.494  1.00 11.33  ? 101 LEU A CD2 1 
ATOM   786 N N   . GLY A 1 107 ? -6.870  0.872   -8.090  1.00 22.15  ? 102 GLY A N   1 
ATOM   787 C CA  . GLY A 1 107 ? -6.865  1.012   -9.529  1.00 16.27  ? 102 GLY A CA  1 
ATOM   788 C C   . GLY A 1 107 ? -5.654  0.327   -10.138 1.00 22.98  ? 102 GLY A C   1 
ATOM   789 O O   . GLY A 1 107 ? -5.776  -0.331  -11.168 1.00 26.82  ? 102 GLY A O   1 
ATOM   790 N N   . ALA A 1 108 ? -4.492  0.470   -9.500  1.00 15.47  ? 103 ALA A N   1 
ATOM   791 C CA  . ALA A 1 108 ? -3.242  -0.049  -10.063 1.00 17.69  ? 103 ALA A CA  1 
ATOM   792 C C   . ALA A 1 108 ? -3.225  -1.571  -10.095 1.00 23.19  ? 103 ALA A C   1 
ATOM   793 O O   . ALA A 1 108 ? -2.592  -2.168  -10.963 1.00 31.14  ? 103 ALA A O   1 
ATOM   794 C CB  . ALA A 1 108 ? -2.040  0.461   -9.284  1.00 10.90  ? 103 ALA A CB  1 
ATOM   795 N N   . ILE A 1 109 ? -3.931  -2.203  -9.166  1.00 20.72  ? 104 ILE A N   1 
ATOM   796 C CA  . ILE A 1 109 ? -3.898  -3.668  -9.072  1.00 20.31  ? 104 ILE A CA  1 
ATOM   797 C C   . ILE A 1 109 ? -5.122  -4.317  -9.710  1.00 22.17  ? 104 ILE A C   1 
ATOM   798 O O   . ILE A 1 109 ? -5.195  -5.539  -9.806  1.00 28.98  ? 104 ILE A O   1 
ATOM   799 C CB  . ILE A 1 109 ? -3.793  -4.143  -7.602  1.00 22.09  ? 104 ILE A CB  1 
ATOM   800 C CG1 . ILE A 1 109 ? -5.069  -3.771  -6.834  1.00 20.93  ? 104 ILE A CG1 1 
ATOM   801 C CG2 . ILE A 1 109 ? -2.540  -3.557  -6.930  1.00 11.70  ? 104 ILE A CG2 1 
ATOM   802 C CD1 . ILE A 1 109 ? -5.074  -4.218  -5.404  1.00 20.34  ? 104 ILE A CD1 1 
ATOM   803 N N   . SER A 1 110 ? -6.073  -3.510  -10.165 1.00 16.97  ? 105 SER A N   1 
ATOM   804 C CA  . SER A 1 110 ? -7.315  -4.065  -10.695 1.00 22.67  ? 105 SER A CA  1 
ATOM   805 C C   . SER A 1 110 ? -7.107  -5.032  -11.872 1.00 26.83  ? 105 SER A C   1 
ATOM   806 O O   . SER A 1 110 ? -7.825  -6.012  -12.011 1.00 29.11  ? 105 SER A O   1 
ATOM   807 C CB  . SER A 1 110 ? -8.273  -2.945  -11.116 1.00 21.27  ? 105 SER A CB  1 
ATOM   808 O OG  . SER A 1 110 ? -7.615  -1.981  -11.908 1.00 36.47  ? 105 SER A OG  1 
ATOM   809 N N   A ASN A 1 111 ? -6.125  -4.773  -12.721 0.43 31.61  ? 106 ASN A N   1 
ATOM   810 N N   B ASN A 1 111 ? -6.113  -4.730  -12.699 0.57 31.58  ? 106 ASN A N   1 
ATOM   811 C CA  A ASN A 1 111 ? -5.924  -5.673  -13.850 0.43 35.28  ? 106 ASN A CA  1 
ATOM   812 C CA  B ASN A 1 111 ? -5.716  -5.568  -13.830 0.57 35.81  ? 106 ASN A CA  1 
ATOM   813 C C   A ASN A 1 111 ? -5.255  -6.977  -13.435 0.43 35.35  ? 106 ASN A C   1 
ATOM   814 C C   B ASN A 1 111 ? -5.362  -6.987  -13.408 0.57 35.46  ? 106 ASN A C   1 
ATOM   815 O O   A ASN A 1 111 ? -4.988  -7.838  -14.267 0.43 36.74  ? 106 ASN A O   1 
ATOM   816 O O   B ASN A 1 111 ? -5.440  -7.925  -14.194 0.57 36.73  ? 106 ASN A O   1 
ATOM   817 C CB  A ASN A 1 111 ? -5.099  -5.008  -14.950 0.43 33.94  ? 106 ASN A CB  1 
ATOM   818 C CB  B ASN A 1 111 ? -4.513  -4.930  -14.534 0.57 33.16  ? 106 ASN A CB  1 
ATOM   819 C CG  A ASN A 1 111 ? -5.317  -5.658  -16.290 0.43 34.14  ? 106 ASN A CG  1 
ATOM   820 C CG  B ASN A 1 111 ? -3.599  -4.208  -13.556 0.57 31.50  ? 106 ASN A CG  1 
ATOM   821 O OD1 A ASN A 1 111 ? -4.375  -6.132  -16.928 0.43 33.71  ? 106 ASN A OD1 1 
ATOM   822 O OD1 B ASN A 1 111 ? -3.948  -3.124  -13.059 0.57 31.46  ? 106 ASN A OD1 1 
ATOM   823 N ND2 A ASN A 1 111 ? -6.575  -5.710  -16.721 0.43 34.38  ? 106 ASN A ND2 1 
ATOM   824 N ND2 B ASN A 1 111 ? -2.440  -4.807  -13.254 0.57 19.15  ? 106 ASN A ND2 1 
ATOM   825 N N   . VAL A 1 112 ? -4.994  -7.123  -12.142 1.00 29.98  ? 107 VAL A N   1 
ATOM   826 C CA  . VAL A 1 112 ? -4.308  -8.294  -11.649 1.00 30.96  ? 107 VAL A CA  1 
ATOM   827 C C   . VAL A 1 112 ? -5.156  -9.006  -10.588 1.00 28.47  ? 107 VAL A C   1 
ATOM   828 O O   . VAL A 1 112 ? -4.859  -10.129 -10.175 1.00 27.80  ? 107 VAL A O   1 
ATOM   829 C CB  . VAL A 1 112 ? -2.891  -7.840  -11.150 1.00 34.07  ? 107 VAL A CB  1 
ATOM   830 C CG1 . VAL A 1 112 ? -2.632  -8.136  -9.694  1.00 30.15  ? 107 VAL A CG1 1 
ATOM   831 C CG2 . VAL A 1 112 ? -1.806  -8.411  -12.055 1.00 28.10  ? 107 VAL A CG2 1 
ATOM   832 N N   . VAL A 1 113 ? -6.253  -8.364  -10.201 1.00 25.66  ? 108 VAL A N   1 
ATOM   833 C CA  . VAL A 1 113 ? -7.214  -8.940  -9.258  1.00 29.76  ? 108 VAL A CA  1 
ATOM   834 C C   . VAL A 1 113 ? -8.242  -9.836  -9.939  1.00 33.59  ? 108 VAL A C   1 
ATOM   835 O O   . VAL A 1 113 ? -9.006  -9.366  -10.787 1.00 33.50  ? 108 VAL A O   1 
ATOM   836 C CB  . VAL A 1 113 ? -7.980  -7.842  -8.499  1.00 22.10  ? 108 VAL A CB  1 
ATOM   837 C CG1 . VAL A 1 113 ? -9.153  -8.453  -7.721  1.00 10.00  ? 108 VAL A CG1 1 
ATOM   838 C CG2 . VAL A 1 113 ? -7.023  -7.054  -7.583  1.00 16.27  ? 108 VAL A CG2 1 
ATOM   839 N N   . VAL A 1 114 ? -8.293  -11.113 -9.560  1.00 27.57  ? 109 VAL A N   1 
ATOM   840 C CA  . VAL A 1 114 ? -9.239  -12.022 -10.205 1.00 25.27  ? 109 VAL A CA  1 
ATOM   841 C C   . VAL A 1 114 ? -10.261 -12.662 -9.250  1.00 30.35  ? 109 VAL A C   1 
ATOM   842 O O   . VAL A 1 114 ? -11.199 -13.330 -9.702  1.00 36.89  ? 109 VAL A O   1 
ATOM   843 C CB  . VAL A 1 114 ? -8.484  -13.132 -10.977 1.00 27.47  ? 109 VAL A CB  1 
ATOM   844 C CG1 . VAL A 1 114 ? -7.527  -12.496 -11.974 1.00 25.35  ? 109 VAL A CG1 1 
ATOM   845 C CG2 . VAL A 1 114 ? -7.724  -14.016 -10.038 1.00 23.68  ? 109 VAL A CG2 1 
ATOM   846 N N   . LEU A 1 115 ? -10.091 -12.458 -7.942  1.00 25.21  ? 110 LEU A N   1 
ATOM   847 C CA  . LEU A 1 115 ? -11.102 -12.842 -6.956  1.00 20.85  ? 110 LEU A CA  1 
ATOM   848 C C   . LEU A 1 115 ? -11.210 -11.737 -5.918  1.00 25.65  ? 110 LEU A C   1 
ATOM   849 O O   . LEU A 1 115 ? -10.195 -11.155 -5.552  1.00 22.49  ? 110 LEU A O   1 
ATOM   850 C CB  . LEU A 1 115 ? -10.747 -14.173 -6.270  1.00 21.82  ? 110 LEU A CB  1 
ATOM   851 C CG  . LEU A 1 115 ? -10.509 -15.424 -7.121  1.00 29.68  ? 110 LEU A CG  1 
ATOM   852 C CD1 . LEU A 1 115 ? -9.958  -16.582 -6.279  1.00 27.22  ? 110 LEU A CD1 1 
ATOM   853 C CD2 . LEU A 1 115 ? -11.780 -15.842 -7.838  1.00 25.76  ? 110 LEU A CD2 1 
ATOM   854 N N   . GLN A 1 116 ? -12.420 -11.458 -5.430  1.00 36.42  ? 111 GLN A N   1 
ATOM   855 C CA  . GLN A 1 116 ? -12.600 -10.472 -4.352  1.00 36.13  ? 111 GLN A CA  1 
ATOM   856 C C   . GLN A 1 116 ? -13.898 -10.653 -3.564  1.00 23.38  ? 111 GLN A C   1 
ATOM   857 O O   . GLN A 1 116 ? -14.515 -11.719 -3.627  1.00 30.50  ? 111 GLN A O   1 
ATOM   858 C CB  . GLN A 1 116 ? -12.537 -9.053  -4.918  1.00 38.74  ? 111 GLN A CB  1 
ATOM   859 C CG  . GLN A 1 116 ? -13.548 -8.724  -6.002  1.00 41.95  ? 111 GLN A CG  1 
ATOM   860 C CD  . GLN A 1 116 ? -13.125 -7.491  -6.828  1.00 63.42  ? 111 GLN A CD  1 
ATOM   861 O OE1 . GLN A 1 116 ? -13.357 -7.445  -8.035  1.00 70.52  ? 111 GLN A OE1 1 
ATOM   862 N NE2 . GLN A 1 116 ? -12.492 -6.503  -6.178  1.00 57.46  ? 111 GLN A NE2 1 
HETATM 863 C C1  . PEG B 2 .   ? 14.431  -8.366  10.427  1.00 56.10  ? 201 PEG A C1  1 
HETATM 864 O O1  . PEG B 2 .   ? 14.093  -9.102  11.594  1.00 34.53  ? 201 PEG A O1  1 
HETATM 865 C C2  . PEG B 2 .   ? 13.285  -8.295  9.421   1.00 62.17  ? 201 PEG A C2  1 
HETATM 866 O O2  . PEG B 2 .   ? 13.675  -8.528  8.070   1.00 71.14  ? 201 PEG A O2  1 
HETATM 867 C C3  . PEG B 2 .   ? 12.833  -9.391  7.306   1.00 70.94  ? 201 PEG A C3  1 
HETATM 868 C C4  . PEG B 2 .   ? 12.646  -8.937  5.861   1.00 66.53  ? 201 PEG A C4  1 
HETATM 869 O O4  . PEG B 2 .   ? 13.544  -9.557  4.947   1.00 60.60  ? 201 PEG A O4  1 
HETATM 870 C C1  . PEG C 2 .   ? -11.127 -6.154  -9.737  1.00 63.49  ? 202 PEG A C1  1 
HETATM 871 O O1  . PEG C 2 .   ? -10.594 -6.585  -10.976 1.00 50.30  ? 202 PEG A O1  1 
HETATM 872 C C2  . PEG C 2 .   ? -10.214 -5.080  -9.181  1.00 62.82  ? 202 PEG A C2  1 
HETATM 873 O O2  . PEG C 2 .   ? -10.655 -4.513  -7.965  1.00 62.84  ? 202 PEG A O2  1 
HETATM 874 C C3  . PEG C 2 .   ? -9.643  -3.709  -7.376  1.00 58.98  ? 202 PEG A C3  1 
HETATM 875 C C4  . PEG C 2 .   ? -10.159 -3.106  -6.084  1.00 57.14  ? 202 PEG A C4  1 
HETATM 876 O O4  . PEG C 2 .   ? -11.428 -3.645  -5.770  1.00 55.18  ? 202 PEG A O4  1 
HETATM 877 C C1  . GOL D 3 .   ? -8.717  13.930  -2.024  1.00 62.82  ? 203 GOL A C1  1 
HETATM 878 O O1  . GOL D 3 .   ? -9.584  14.349  -3.063  1.00 57.88  ? 203 GOL A O1  1 
HETATM 879 C C2  . GOL D 3 .   ? -9.413  13.098  -0.939  1.00 61.34  ? 203 GOL A C2  1 
HETATM 880 O O2  . GOL D 3 .   ? -8.850  11.806  -0.851  1.00 35.71  ? 203 GOL A O2  1 
HETATM 881 C C3  . GOL D 3 .   ? -9.327  13.794  0.421   1.00 68.19  ? 203 GOL A C3  1 
HETATM 882 O O3  . GOL D 3 .   ? -8.081  14.450  0.566   1.00 62.52  ? 203 GOL A O3  1 
HETATM 883 O O   . HOH E 4 .   ? 0.567   16.461  -6.488  1.00 30.00  ? 301 HOH A O   1 
HETATM 884 O O   . HOH E 4 .   ? 4.660   14.819  -6.782  1.00 43.41  ? 302 HOH A O   1 
HETATM 885 O O   . HOH E 4 .   ? 14.213  0.512   13.426  1.00 36.85  ? 303 HOH A O   1 
HETATM 886 O O   . HOH E 4 .   ? 4.611   -11.058 3.014   1.00 31.48  ? 304 HOH A O   1 
HETATM 887 O O   . HOH E 4 .   ? -9.551  -7.335  7.563   1.00 42.47  ? 305 HOH A O   1 
HETATM 888 O O   . HOH E 4 .   ? 10.464  1.290   -6.662  1.00 39.57  ? 306 HOH A O   1 
HETATM 889 O O   . HOH E 4 .   ? -0.198  6.574   9.206   1.00 26.42  ? 307 HOH A O   1 
HETATM 890 O O   . HOH E 4 .   ? 11.285  15.531  -2.880  1.00 43.00  ? 308 HOH A O   1 
HETATM 891 O O   . HOH E 4 .   ? 15.303  -7.477  5.064   1.00 24.81  ? 309 HOH A O   1 
HETATM 892 O O   . HOH E 4 .   ? 0.561   5.119   11.266  1.00 25.36  ? 310 HOH A O   1 
HETATM 893 O O   . HOH E 4 .   ? 0.234   -14.039 -0.977  1.00 35.68  ? 311 HOH A O   1 
HETATM 894 O O   . HOH E 4 .   ? -3.992  -7.864  10.566  1.00 19.32  ? 312 HOH A O   1 
HETATM 895 O O   . HOH E 4 .   ? -3.864  -4.460  10.242  1.00 33.90  ? 313 HOH A O   1 
HETATM 896 O O   . HOH E 4 .   ? -6.546  -1.865  4.534   1.00 30.00  ? 314 HOH A O   1 
HETATM 897 O O   . HOH E 4 .   ? 8.218   5.974   13.025  1.00 40.44  ? 315 HOH A O   1 
HETATM 898 O O   . HOH E 4 .   ? 10.834  12.539  -5.169  1.00 41.42  ? 316 HOH A O   1 
HETATM 899 O O   . HOH E 4 .   ? 11.699  -0.259  2.479   1.00 34.79  ? 317 HOH A O   1 
HETATM 900 O O   . HOH E 4 .   ? -0.589  -7.840  17.288  1.00 37.23  ? 318 HOH A O   1 
HETATM 901 O O   . HOH E 4 .   ? 4.685   7.912   3.299   1.00 35.54  ? 319 HOH A O   1 
HETATM 902 O O   . HOH E 4 .   ? 8.537   11.368  -5.764  1.00 30.00  ? 320 HOH A O   1 
HETATM 903 O O   . HOH E 4 .   ? 3.080   -2.372  17.754  1.00 37.49  ? 321 HOH A O   1 
HETATM 904 O O   . HOH E 4 .   ? -9.341  19.588  -7.851  1.00 33.44  ? 322 HOH A O   1 
HETATM 905 O O   . HOH E 4 .   ? 3.146   -9.082  -1.769  1.00 30.00  ? 323 HOH A O   1 
HETATM 906 O O   . HOH E 4 .   ? -6.885  -10.496 9.480   1.00 32.75  ? 324 HOH A O   1 
HETATM 907 O O   . HOH E 4 .   ? -8.054  -14.302 6.281   1.00 33.20  ? 325 HOH A O   1 
HETATM 908 O O   . HOH E 4 .   ? 3.780   -18.522 -11.079 1.00 50.68  ? 326 HOH A O   1 
HETATM 909 O O   . HOH E 4 .   ? 1.343   -5.165  -8.517  1.00 36.72  ? 327 HOH A O   1 
HETATM 910 O O   . HOH E 4 .   ? -5.498  -15.227 11.397  1.00 49.76  ? 328 HOH A O   1 
HETATM 911 O O   . HOH E 4 .   ? 8.855   11.089  3.832   1.00 35.74  ? 329 HOH A O   1 
HETATM 912 O O   . HOH E 4 .   ? -1.823  -16.128 1.503   1.00 46.11  ? 330 HOH A O   1 
HETATM 913 O O   . HOH E 4 .   ? 2.976   6.270   4.975   1.00 25.10  ? 331 HOH A O   1 
HETATM 914 O O   . HOH E 4 .   ? 4.116   -12.800 0.285   1.00 44.73  ? 332 HOH A O   1 
HETATM 915 O O   . HOH E 4 .   ? 4.350   -14.432 6.831   1.00 31.94  ? 333 HOH A O   1 
HETATM 916 O O   . HOH E 4 .   ? 8.558   10.604  8.447   1.00 35.95  ? 334 HOH A O   1 
HETATM 917 O O   . HOH E 4 .   ? -7.602  5.036   8.921   1.00 28.76  ? 335 HOH A O   1 
HETATM 918 O O   . HOH E 4 .   ? -2.162  9.826   1.988   1.00 25.35  ? 336 HOH A O   1 
HETATM 919 O O   . HOH E 4 .   ? 11.801  6.114   -5.400  1.00 30.00  ? 337 HOH A O   1 
HETATM 920 O O   . HOH E 4 .   ? -5.025  -11.412 14.332  1.00 43.61  ? 338 HOH A O   1 
HETATM 921 O O   . HOH E 4 .   ? 4.090   2.867   14.536  1.00 44.45  ? 339 HOH A O   1 
HETATM 922 O O   . HOH E 4 .   ? 11.829  -3.990  14.278  1.00 23.44  ? 340 HOH A O   1 
HETATM 923 O O   . HOH E 4 .   ? -3.451  -17.021 10.639  1.00 45.50  ? 341 HOH A O   1 
HETATM 924 O O   . HOH E 4 .   ? -8.460  7.833   6.533   1.00 47.32  ? 342 HOH A O   1 
HETATM 925 O O   . HOH E 4 .   ? 7.714   -0.312  -9.719  1.00 41.63  ? 343 HOH A O   1 
HETATM 926 O O   . HOH E 4 .   ? 11.540  8.035   -1.195  1.00 30.00  ? 344 HOH A O   1 
HETATM 927 O O   . HOH E 4 .   ? 4.254   -1.905  -9.921  1.00 46.20  ? 345 HOH A O   1 
HETATM 928 O O   . HOH E 4 .   ? 0.889   -15.965 7.382   1.00 32.02  ? 346 HOH A O   1 
HETATM 929 O O   . HOH E 4 .   ? 8.007   -1.098  20.020  1.00 49.17  ? 347 HOH A O   1 
HETATM 930 O O   . HOH E 4 .   ? 1.837   -0.982  -10.056 1.00 42.56  ? 348 HOH A O   1 
HETATM 931 O O   . HOH E 4 .   ? 9.290   -4.707  -5.856  1.00 38.67  ? 349 HOH A O   1 
HETATM 932 O O   . HOH E 4 .   ? -6.022  18.303  -10.821 1.00 48.55  ? 350 HOH A O   1 
HETATM 933 O O   . HOH E 4 .   ? 1.802   7.515   7.147   1.00 33.46  ? 351 HOH A O   1 
HETATM 934 O O   . HOH E 4 .   ? -8.750  -8.654  10.141  1.00 48.46  ? 352 HOH A O   1 
HETATM 935 O O   . HOH E 4 .   ? -10.050 -5.774  13.397  1.00 54.64  ? 353 HOH A O   1 
# 
